data_4NXC
# 
_entry.id   4NXC 
# 
_audit_conform.dict_name       mmcif_pdbx.dic 
_audit_conform.dict_version    5.381 
_audit_conform.dict_location   http://mmcif.pdb.org/dictionaries/ascii/mmcif_pdbx.dic 
# 
loop_
_database_2.database_id 
_database_2.database_code 
_database_2.pdbx_database_accession 
_database_2.pdbx_DOI 
PDB   4NXC         pdb_00004nxc 10.2210/pdb4nxc/pdb 
RCSB  RCSB083773   ?            ?                   
WWPDB D_1000083773 ?            ?                   
# 
loop_
_pdbx_database_related.db_name 
_pdbx_database_related.db_id 
_pdbx_database_related.details 
_pdbx_database_related.content_type 
PDB 4NXA 'Sperm whale myoglobin under 30 bar xenon pressure' unspecified 
PDB 4O4Z .                                                   unspecified 
PDB 4O4T .                                                   unspecified 
PDB 4NWH .                                                   unspecified 
PDB 4NWE .                                                   unspecified 
# 
_pdbx_database_status.status_code                     REL 
_pdbx_database_status.entry_id                        4NXC 
_pdbx_database_status.recvd_initial_deposition_date   2013-12-09 
_pdbx_database_status.deposit_site                    RCSB 
_pdbx_database_status.process_site                    PDBJ 
_pdbx_database_status.methods_development_category    ? 
_pdbx_database_status.status_code_sf                  REL 
_pdbx_database_status.status_code_mr                  ? 
_pdbx_database_status.SG_entry                        ? 
_pdbx_database_status.status_code_cs                  ? 
_pdbx_database_status.pdb_format_compatible           Y 
_pdbx_database_status.status_code_nmr_data            ? 
# 
loop_
_audit_author.name 
_audit_author.pdbx_ordinal 
;Colloc'h, N.
;
1 
'Prange, T.'   2 
'Vallone, B.'  3 
# 
_citation.id                        primary 
_citation.title                     
;Crystallographic Studies with Xenon and Nitrous Oxide Provide Evidence for Protein-dependent Processes in the Mechanisms of General Anesthesia
;
_citation.journal_abbrev            Anesthesiology 
_citation.journal_volume            121 
_citation.page_first                1018 
_citation.page_last                 1027 
_citation.year                      2014 
_citation.journal_id_ASTM           ? 
_citation.country                   US 
_citation.journal_id_ISSN           0003-3022 
_citation.journal_id_CSD            ? 
_citation.book_publisher            ? 
_citation.pdbx_database_id_PubMed   25211169 
_citation.pdbx_database_id_DOI      10.1097/ALN.0000000000000435 
# 
loop_
_citation_author.citation_id 
_citation_author.name 
_citation_author.ordinal 
_citation_author.identifier_ORCID 
primary 'Abraini, J.H.' 1 ? 
primary 'Marassio, G.'  2 ? 
primary 'David, H.N.'   3 ? 
primary 'Vallone, B.'   4 ? 
primary 'Prange, T.'    5 ? 
primary 
;Colloc'h, N.
;
6 ? 
# 
_cell.entry_id           4NXC 
_cell.length_a           35.449 
_cell.length_b           30.545 
_cell.length_c           63.634 
_cell.angle_alpha        90.00 
_cell.angle_beta         104.57 
_cell.angle_gamma        90.00 
_cell.Z_PDB              2 
_cell.pdbx_unique_axis   ? 
_cell.length_a_esd       ? 
_cell.length_b_esd       ? 
_cell.length_c_esd       ? 
_cell.angle_alpha_esd    ? 
_cell.angle_beta_esd     ? 
_cell.angle_gamma_esd    ? 
# 
_symmetry.entry_id                         4NXC 
_symmetry.space_group_name_H-M             'P 1 21 1' 
_symmetry.pdbx_full_space_group_name_H-M   ? 
_symmetry.cell_setting                     ? 
_symmetry.Int_Tables_number                4 
_symmetry.space_group_name_Hall            ? 
# 
loop_
_entity.id 
_entity.type 
_entity.src_method 
_entity.pdbx_description 
_entity.formula_weight 
_entity.pdbx_number_of_molecules 
_entity.pdbx_ec 
_entity.pdbx_mutation 
_entity.pdbx_fragment 
_entity.details 
1 polymer     nat Myoglobin                         17366.148 1  ? ? ? ? 
2 non-polymer syn 'PROTOPORPHYRIN IX CONTAINING FE' 616.487   1  ? ? ? ? 
3 non-polymer syn 'ZINC ION'                        65.409    2  ? ? ? ? 
4 non-polymer syn 'SULFATE ION'                     96.063    3  ? ? ? ? 
5 non-polymer syn 'NITROUS OXIDE'                   44.013    4  ? ? ? ? 
6 water       nat water                             18.015    53 ? ? ? ? 
# 
_entity_poly.entity_id                      1 
_entity_poly.type                           'polypeptide(L)' 
_entity_poly.nstd_linkage                   no 
_entity_poly.nstd_monomer                   no 
_entity_poly.pdbx_seq_one_letter_code       
;MVLSEGEWQLVLHVWAKVEADVAGHGQDILIRLFKSHPETLEKFDRFKHLKTEAEMKASEDLKKHGVTVLTALGAILKKK
GHHEAELKPLAQSHATKHKIPIKYLEFISEAIIHVLHSRHPGDFGADAQGAMNKALELFRKDIAAKYKELGYQG
;
_entity_poly.pdbx_seq_one_letter_code_can   
;MVLSEGEWQLVLHVWAKVEADVAGHGQDILIRLFKSHPETLEKFDRFKHLKTEAEMKASEDLKKHGVTVLTALGAILKKK
GHHEAELKPLAQSHATKHKIPIKYLEFISEAIIHVLHSRHPGDFGADAQGAMNKALELFRKDIAAKYKELGYQG
;
_entity_poly.pdbx_strand_id                 A 
_entity_poly.pdbx_target_identifier         ? 
# 
loop_
_entity_poly_seq.entity_id 
_entity_poly_seq.num 
_entity_poly_seq.mon_id 
_entity_poly_seq.hetero 
1 1   MET n 
1 2   VAL n 
1 3   LEU n 
1 4   SER n 
1 5   GLU n 
1 6   GLY n 
1 7   GLU n 
1 8   TRP n 
1 9   GLN n 
1 10  LEU n 
1 11  VAL n 
1 12  LEU n 
1 13  HIS n 
1 14  VAL n 
1 15  TRP n 
1 16  ALA n 
1 17  LYS n 
1 18  VAL n 
1 19  GLU n 
1 20  ALA n 
1 21  ASP n 
1 22  VAL n 
1 23  ALA n 
1 24  GLY n 
1 25  HIS n 
1 26  GLY n 
1 27  GLN n 
1 28  ASP n 
1 29  ILE n 
1 30  LEU n 
1 31  ILE n 
1 32  ARG n 
1 33  LEU n 
1 34  PHE n 
1 35  LYS n 
1 36  SER n 
1 37  HIS n 
1 38  PRO n 
1 39  GLU n 
1 40  THR n 
1 41  LEU n 
1 42  GLU n 
1 43  LYS n 
1 44  PHE n 
1 45  ASP n 
1 46  ARG n 
1 47  PHE n 
1 48  LYS n 
1 49  HIS n 
1 50  LEU n 
1 51  LYS n 
1 52  THR n 
1 53  GLU n 
1 54  ALA n 
1 55  GLU n 
1 56  MET n 
1 57  LYS n 
1 58  ALA n 
1 59  SER n 
1 60  GLU n 
1 61  ASP n 
1 62  LEU n 
1 63  LYS n 
1 64  LYS n 
1 65  HIS n 
1 66  GLY n 
1 67  VAL n 
1 68  THR n 
1 69  VAL n 
1 70  LEU n 
1 71  THR n 
1 72  ALA n 
1 73  LEU n 
1 74  GLY n 
1 75  ALA n 
1 76  ILE n 
1 77  LEU n 
1 78  LYS n 
1 79  LYS n 
1 80  LYS n 
1 81  GLY n 
1 82  HIS n 
1 83  HIS n 
1 84  GLU n 
1 85  ALA n 
1 86  GLU n 
1 87  LEU n 
1 88  LYS n 
1 89  PRO n 
1 90  LEU n 
1 91  ALA n 
1 92  GLN n 
1 93  SER n 
1 94  HIS n 
1 95  ALA n 
1 96  THR n 
1 97  LYS n 
1 98  HIS n 
1 99  LYS n 
1 100 ILE n 
1 101 PRO n 
1 102 ILE n 
1 103 LYS n 
1 104 TYR n 
1 105 LEU n 
1 106 GLU n 
1 107 PHE n 
1 108 ILE n 
1 109 SER n 
1 110 GLU n 
1 111 ALA n 
1 112 ILE n 
1 113 ILE n 
1 114 HIS n 
1 115 VAL n 
1 116 LEU n 
1 117 HIS n 
1 118 SER n 
1 119 ARG n 
1 120 HIS n 
1 121 PRO n 
1 122 GLY n 
1 123 ASP n 
1 124 PHE n 
1 125 GLY n 
1 126 ALA n 
1 127 ASP n 
1 128 ALA n 
1 129 GLN n 
1 130 GLY n 
1 131 ALA n 
1 132 MET n 
1 133 ASN n 
1 134 LYS n 
1 135 ALA n 
1 136 LEU n 
1 137 GLU n 
1 138 LEU n 
1 139 PHE n 
1 140 ARG n 
1 141 LYS n 
1 142 ASP n 
1 143 ILE n 
1 144 ALA n 
1 145 ALA n 
1 146 LYS n 
1 147 TYR n 
1 148 LYS n 
1 149 GLU n 
1 150 LEU n 
1 151 GLY n 
1 152 TYR n 
1 153 GLN n 
1 154 GLY n 
# 
_entity_src_nat.entity_id                  1 
_entity_src_nat.pdbx_src_id                1 
_entity_src_nat.pdbx_alt_source_flag       sample 
_entity_src_nat.pdbx_beg_seq_num           ? 
_entity_src_nat.pdbx_end_seq_num           ? 
_entity_src_nat.common_name                'Sperm whale' 
_entity_src_nat.pdbx_organism_scientific   'Physeter catodon' 
_entity_src_nat.pdbx_ncbi_taxonomy_id      9755 
_entity_src_nat.genus                      ? 
_entity_src_nat.species                    ? 
_entity_src_nat.strain                     ? 
_entity_src_nat.tissue                     ? 
_entity_src_nat.tissue_fraction            ? 
_entity_src_nat.pdbx_secretion             ? 
_entity_src_nat.pdbx_fragment              ? 
_entity_src_nat.pdbx_variant               ? 
_entity_src_nat.pdbx_cell_line             ? 
_entity_src_nat.pdbx_atcc                  ? 
_entity_src_nat.pdbx_cellular_location     ? 
_entity_src_nat.pdbx_organ                 ? 
_entity_src_nat.pdbx_organelle             ? 
_entity_src_nat.pdbx_cell                  ? 
_entity_src_nat.pdbx_plasmid_name          ? 
_entity_src_nat.pdbx_plasmid_details       ? 
_entity_src_nat.details                    ? 
# 
_struct_ref.id                         1 
_struct_ref.db_name                    UNP 
_struct_ref.db_code                    MYG_PHYCD 
_struct_ref.pdbx_db_accession          P02185 
_struct_ref.entity_id                  1 
_struct_ref.pdbx_seq_one_letter_code   
;MVLSEGEWQLVLHVWAKVEADVAGHGQDILIRLFKSHPETLEKFDRFKHLKTEAEMKASEDLKKHGVTVLTALGAILKKK
GHHEAELKPLAQSHATKHKIPIKYLEFISEAIIHVLHSRHPGDFGADAQGAMNKALELFRKDIAAKYKELGYQG
;
_struct_ref.pdbx_align_begin           1 
_struct_ref.pdbx_db_isoform            ? 
# 
_struct_ref_seq.align_id                      1 
_struct_ref_seq.ref_id                        1 
_struct_ref_seq.pdbx_PDB_id_code              4NXC 
_struct_ref_seq.pdbx_strand_id                A 
_struct_ref_seq.seq_align_beg                 1 
_struct_ref_seq.pdbx_seq_align_beg_ins_code   ? 
_struct_ref_seq.seq_align_end                 154 
_struct_ref_seq.pdbx_seq_align_end_ins_code   ? 
_struct_ref_seq.pdbx_db_accession             P02185 
_struct_ref_seq.db_align_beg                  1 
_struct_ref_seq.pdbx_db_align_beg_ins_code    ? 
_struct_ref_seq.db_align_end                  154 
_struct_ref_seq.pdbx_db_align_end_ins_code    ? 
_struct_ref_seq.pdbx_auth_seq_align_beg       0 
_struct_ref_seq.pdbx_auth_seq_align_end       153 
# 
loop_
_chem_comp.id 
_chem_comp.type 
_chem_comp.mon_nstd_flag 
_chem_comp.name 
_chem_comp.pdbx_synonyms 
_chem_comp.formula 
_chem_comp.formula_weight 
ALA 'L-peptide linking' y ALANINE                           ?                'C3 H7 N O2'       89.093  
ARG 'L-peptide linking' y ARGININE                          ?                'C6 H15 N4 O2 1'   175.209 
ASN 'L-peptide linking' y ASPARAGINE                        ?                'C4 H8 N2 O3'      132.118 
ASP 'L-peptide linking' y 'ASPARTIC ACID'                   ?                'C4 H7 N O4'       133.103 
GLN 'L-peptide linking' y GLUTAMINE                         ?                'C5 H10 N2 O3'     146.144 
GLU 'L-peptide linking' y 'GLUTAMIC ACID'                   ?                'C5 H9 N O4'       147.129 
GLY 'peptide linking'   y GLYCINE                           ?                'C2 H5 N O2'       75.067  
HEM non-polymer         . 'PROTOPORPHYRIN IX CONTAINING FE' HEME             'C34 H32 Fe N4 O4' 616.487 
HIS 'L-peptide linking' y HISTIDINE                         ?                'C6 H10 N3 O2 1'   156.162 
HOH non-polymer         . WATER                             ?                'H2 O'             18.015  
ILE 'L-peptide linking' y ISOLEUCINE                        ?                'C6 H13 N O2'      131.173 
LEU 'L-peptide linking' y LEUCINE                           ?                'C6 H13 N O2'      131.173 
LYS 'L-peptide linking' y LYSINE                            ?                'C6 H15 N2 O2 1'   147.195 
MET 'L-peptide linking' y METHIONINE                        ?                'C5 H11 N O2 S'    149.211 
N2O non-polymer         . 'NITROUS OXIDE'                   'NITROGEN OXIDE' 'N2 O'             44.013  
PHE 'L-peptide linking' y PHENYLALANINE                     ?                'C9 H11 N O2'      165.189 
PRO 'L-peptide linking' y PROLINE                           ?                'C5 H9 N O2'       115.130 
SER 'L-peptide linking' y SERINE                            ?                'C3 H7 N O3'       105.093 
SO4 non-polymer         . 'SULFATE ION'                     ?                'O4 S -2'          96.063  
THR 'L-peptide linking' y THREONINE                         ?                'C4 H9 N O3'       119.119 
TRP 'L-peptide linking' y TRYPTOPHAN                        ?                'C11 H12 N2 O2'    204.225 
TYR 'L-peptide linking' y TYROSINE                          ?                'C9 H11 N O3'      181.189 
VAL 'L-peptide linking' y VALINE                            ?                'C5 H11 N O2'      117.146 
ZN  non-polymer         . 'ZINC ION'                        ?                'Zn 2'             65.409  
# 
_exptl.entry_id          4NXC 
_exptl.method            'X-RAY DIFFRACTION' 
_exptl.crystals_number   1 
# 
_exptl_crystal.id                    1 
_exptl_crystal.density_meas          ? 
_exptl_crystal.density_Matthews      1.92 
_exptl_crystal.density_percent_sol   35.94 
_exptl_crystal.description           ? 
_exptl_crystal.F_000                 ? 
_exptl_crystal.preparation           ? 
# 
_exptl_crystal_grow.crystal_id      1 
_exptl_crystal_grow.method          BATCH 
_exptl_crystal_grow.temp            300 
_exptl_crystal_grow.temp_details    ? 
_exptl_crystal_grow.pH              7 
_exptl_crystal_grow.pdbx_details    '50mM potassium phosphate, saturated ammonium sulphate., pH 7, BATCH, temperature 300K' 
_exptl_crystal_grow.pdbx_pH_range   . 
# 
_diffrn.id                     1 
_diffrn.ambient_temp           298 
_diffrn.ambient_temp_details   ? 
_diffrn.crystal_id             1 
# 
_diffrn_detector.diffrn_id              1 
_diffrn_detector.detector               CCD 
_diffrn_detector.type                   'ADSC QUANTUM 210r' 
_diffrn_detector.pdbx_collection_date   2009-10-22 
_diffrn_detector.details                mirrors 
# 
_diffrn_radiation.diffrn_id                        1 
_diffrn_radiation.wavelength_id                    1 
_diffrn_radiation.pdbx_monochromatic_or_laue_m_l   M 
_diffrn_radiation.monochromator                    'Si 111 Channel' 
_diffrn_radiation.pdbx_diffrn_protocol             'SINGLE WAVELENGTH' 
_diffrn_radiation.pdbx_scattering_type             x-ray 
# 
_diffrn_radiation_wavelength.id           1 
_diffrn_radiation_wavelength.wavelength   0.979 
_diffrn_radiation_wavelength.wt           1.0 
# 
_diffrn_source.diffrn_id                   1 
_diffrn_source.source                      SYNCHROTRON 
_diffrn_source.type                        'ESRF BEAMLINE BM16' 
_diffrn_source.pdbx_synchrotron_site       ESRF 
_diffrn_source.pdbx_synchrotron_beamline   BM16 
_diffrn_source.pdbx_wavelength             ? 
_diffrn_source.pdbx_wavelength_list        0.979 
# 
_reflns.entry_id                     4NXC 
_reflns.observed_criterion_sigma_I   ? 
_reflns.observed_criterion_sigma_F   ? 
_reflns.d_resolution_low             ? 
_reflns.d_resolution_high            1.55 
_reflns.number_obs                   18602 
_reflns.number_all                   ? 
_reflns.percent_possible_obs         95.3 
_reflns.pdbx_Rmerge_I_obs            ? 
_reflns.pdbx_Rsym_value              0.043 
_reflns.pdbx_netI_over_sigmaI        16.8 
_reflns.B_iso_Wilson_estimate        21.4 
_reflns.pdbx_redundancy              4.1 
_reflns.R_free_details               ? 
_reflns.limit_h_max                  ? 
_reflns.limit_h_min                  ? 
_reflns.limit_k_max                  ? 
_reflns.limit_k_min                  ? 
_reflns.limit_l_max                  ? 
_reflns.limit_l_min                  ? 
_reflns.observed_criterion_F_max     ? 
_reflns.observed_criterion_F_min     ? 
_reflns.pdbx_chi_squared             ? 
_reflns.pdbx_scaling_rejects         ? 
_reflns.pdbx_ordinal                 1 
_reflns.pdbx_diffrn_id               1 
# 
_reflns_shell.d_res_high                  1.55 
_reflns_shell.d_res_low                   1.63 
_reflns_shell.percent_possible_all        93.9 
_reflns_shell.Rmerge_I_obs                ? 
_reflns_shell.pdbx_Rsym_value             0.258 
_reflns_shell.meanI_over_sigI_obs         4.5 
_reflns_shell.pdbx_redundancy             4.2 
_reflns_shell.percent_possible_obs        ? 
_reflns_shell.number_unique_all           2643 
_reflns_shell.number_measured_all         ? 
_reflns_shell.number_measured_obs         ? 
_reflns_shell.number_unique_obs           ? 
_reflns_shell.pdbx_chi_squared            ? 
_reflns_shell.pdbx_rejects                ? 
_reflns_shell.pdbx_netI_over_sigmaI_obs   ? 
_reflns_shell.number_possible             ? 
_reflns_shell.Rmerge_F_all                ? 
_reflns_shell.Rmerge_F_obs                ? 
_reflns_shell.Rmerge_I_all                ? 
_reflns_shell.meanI_over_sigI_all         ? 
_reflns_shell.pdbx_Rrim_I_all             ? 
_reflns_shell.pdbx_Rpim_I_all             ? 
_reflns_shell.pdbx_ordinal                1 
_reflns_shell.pdbx_diffrn_id              1 
# 
_refine.entry_id                                 4NXC 
_refine.ls_number_reflns_obs                     17640 
_refine.ls_number_reflns_all                     ? 
_refine.pdbx_ls_sigma_I                          ? 
_refine.pdbx_ls_sigma_F                          ? 
_refine.pdbx_data_cutoff_high_absF               ? 
_refine.pdbx_data_cutoff_low_absF                ? 
_refine.pdbx_data_cutoff_high_rms_absF           ? 
_refine.ls_d_res_low                             20.00 
_refine.ls_d_res_high                            1.55 
_refine.ls_percent_reflns_obs                    95.37 
_refine.ls_R_factor_obs                          0.19141 
_refine.ls_R_factor_all                          ? 
_refine.ls_R_factor_R_work                       0.18954 
_refine.ls_R_factor_R_free                       0.22455 
_refine.ls_R_factor_R_free_error                 ? 
_refine.ls_R_factor_R_free_error_details         ? 
_refine.ls_percent_reflns_R_free                 5.2 
_refine.ls_number_reflns_R_free                  960 
_refine.ls_number_parameters                     ? 
_refine.ls_number_restraints                     ? 
_refine.occupancy_min                            ? 
_refine.occupancy_max                            ? 
_refine.correlation_coeff_Fo_to_Fc               0.961 
_refine.correlation_coeff_Fo_to_Fc_free          0.939 
_refine.B_iso_mean                               26.289 
_refine.aniso_B[1][1]                            0.10 
_refine.aniso_B[2][2]                            1.35 
_refine.aniso_B[3][3]                            -1.51 
_refine.aniso_B[1][2]                            0.00 
_refine.aniso_B[1][3]                            -0.12 
_refine.aniso_B[2][3]                            0.00 
_refine.solvent_model_details                    MASK 
_refine.solvent_model_param_ksol                 ? 
_refine.solvent_model_param_bsol                 ? 
_refine.pdbx_solvent_vdw_probe_radii             1.20 
_refine.pdbx_solvent_ion_probe_radii             0.80 
_refine.pdbx_solvent_shrinkage_radii             0.80 
_refine.pdbx_ls_cross_valid_method               THROUGHOUT 
_refine.details                                  'HYDROGENS HAVE BEEN USED IF PRESENT IN THE INPUT' 
_refine.pdbx_starting_model                      2JHO 
_refine.pdbx_method_to_determine_struct          'MOLECULAR REPLACEMENT' 
_refine.pdbx_isotropic_thermal_model             ? 
_refine.pdbx_stereochemistry_target_values       'MAXIMUM LIKELIHOOD' 
_refine.pdbx_stereochem_target_val_spec_case     ? 
_refine.pdbx_R_Free_selection_details            RANDOM 
_refine.pdbx_overall_ESU_R                       0.101 
_refine.pdbx_overall_ESU_R_Free                  0.100 
_refine.overall_SU_ML                            0.060 
_refine.pdbx_overall_phase_error                 ? 
_refine.overall_SU_B                             1.629 
_refine.overall_SU_R_Cruickshank_DPI             ? 
_refine.ls_redundancy_reflns_obs                 ? 
_refine.B_iso_min                                ? 
_refine.B_iso_max                                ? 
_refine.overall_SU_R_free                        ? 
_refine.ls_wR_factor_R_free                      ? 
_refine.ls_wR_factor_R_work                      ? 
_refine.overall_FOM_free_R_set                   ? 
_refine.overall_FOM_work_R_set                   ? 
_refine.pdbx_diffrn_id                           1 
_refine.pdbx_refine_id                           'X-RAY DIFFRACTION' 
_refine.pdbx_TLS_residual_ADP_flag               ? 
_refine.pdbx_overall_SU_R_free_Cruickshank_DPI   ? 
_refine.pdbx_overall_SU_R_Blow_DPI               ? 
_refine.pdbx_overall_SU_R_free_Blow_DPI          ? 
# 
_refine_hist.pdbx_refine_id                   'X-RAY DIFFRACTION' 
_refine_hist.cycle_id                         LAST 
_refine_hist.pdbx_number_atoms_protein        1217 
_refine_hist.pdbx_number_atoms_nucleic_acid   0 
_refine_hist.pdbx_number_atoms_ligand         72 
_refine_hist.number_atoms_solvent             53 
_refine_hist.number_atoms_total               1342 
_refine_hist.d_res_high                       1.55 
_refine_hist.d_res_low                        20.00 
# 
loop_
_refine_ls_restr.type 
_refine_ls_restr.dev_ideal 
_refine_ls_restr.dev_ideal_target 
_refine_ls_restr.weight 
_refine_ls_restr.number 
_refine_ls_restr.pdbx_restraint_function 
_refine_ls_restr.pdbx_refine_id 
r_bond_refined_d             0.010  0.020  ? 1329 ? 'X-RAY DIFFRACTION' 
r_bond_other_d               ?      ?      ? ?    ? 'X-RAY DIFFRACTION' 
r_angle_refined_deg          3.040  2.016  ? 1796 ? 'X-RAY DIFFRACTION' 
r_angle_other_deg            ?      ?      ? ?    ? 'X-RAY DIFFRACTION' 
r_dihedral_angle_1_deg       4.318  5.000  ? 152  ? 'X-RAY DIFFRACTION' 
r_dihedral_angle_2_deg       35.836 24.182 ? 55   ? 'X-RAY DIFFRACTION' 
r_dihedral_angle_3_deg       14.008 15.000 ? 241  ? 'X-RAY DIFFRACTION' 
r_dihedral_angle_4_deg       21.012 15.000 ? 4    ? 'X-RAY DIFFRACTION' 
r_chiral_restr               0.179  0.200  ? 187  ? 'X-RAY DIFFRACTION' 
r_gen_planes_refined         0.008  0.020  ? 968  ? 'X-RAY DIFFRACTION' 
r_gen_planes_other           ?      ?      ? ?    ? 'X-RAY DIFFRACTION' 
r_nbd_refined                ?      ?      ? ?    ? 'X-RAY DIFFRACTION' 
r_nbd_other                  ?      ?      ? ?    ? 'X-RAY DIFFRACTION' 
r_nbtor_refined              ?      ?      ? ?    ? 'X-RAY DIFFRACTION' 
r_nbtor_other                ?      ?      ? ?    ? 'X-RAY DIFFRACTION' 
r_xyhbond_nbd_refined        ?      ?      ? ?    ? 'X-RAY DIFFRACTION' 
r_xyhbond_nbd_other          ?      ?      ? ?    ? 'X-RAY DIFFRACTION' 
r_metal_ion_refined          ?      ?      ? ?    ? 'X-RAY DIFFRACTION' 
r_metal_ion_other            ?      ?      ? ?    ? 'X-RAY DIFFRACTION' 
r_symmetry_vdw_refined       ?      ?      ? ?    ? 'X-RAY DIFFRACTION' 
r_symmetry_vdw_other         ?      ?      ? ?    ? 'X-RAY DIFFRACTION' 
r_symmetry_hbond_refined     ?      ?      ? ?    ? 'X-RAY DIFFRACTION' 
r_symmetry_hbond_other       ?      ?      ? ?    ? 'X-RAY DIFFRACTION' 
r_symmetry_metal_ion_refined ?      ?      ? ?    ? 'X-RAY DIFFRACTION' 
r_symmetry_metal_ion_other   ?      ?      ? ?    ? 'X-RAY DIFFRACTION' 
r_mcbond_it                  ?      ?      ? ?    ? 'X-RAY DIFFRACTION' 
r_mcbond_other               ?      ?      ? ?    ? 'X-RAY DIFFRACTION' 
r_mcangle_it                 ?      ?      ? ?    ? 'X-RAY DIFFRACTION' 
r_mcangle_other              ?      ?      ? ?    ? 'X-RAY DIFFRACTION' 
r_scbond_it                  ?      ?      ? ?    ? 'X-RAY DIFFRACTION' 
r_scbond_other               ?      ?      ? ?    ? 'X-RAY DIFFRACTION' 
r_scangle_it                 ?      ?      ? ?    ? 'X-RAY DIFFRACTION' 
r_scangle_other              ?      ?      ? ?    ? 'X-RAY DIFFRACTION' 
r_long_range_B_refined       ?      ?      ? ?    ? 'X-RAY DIFFRACTION' 
r_long_range_B_other         ?      ?      ? ?    ? 'X-RAY DIFFRACTION' 
r_rigid_bond_restr           ?      ?      ? ?    ? 'X-RAY DIFFRACTION' 
r_sphericity_free            ?      ?      ? ?    ? 'X-RAY DIFFRACTION' 
r_sphericity_bonded          ?      ?      ? ?    ? 'X-RAY DIFFRACTION' 
# 
_refine_ls_shell.pdbx_refine_id                   'X-RAY DIFFRACTION' 
_refine_ls_shell.pdbx_total_number_of_bins_used   20 
_refine_ls_shell.d_res_high                       1.549 
_refine_ls_shell.d_res_low                        1.589 
_refine_ls_shell.number_reflns_R_work             1177 
_refine_ls_shell.R_factor_R_work                  0.244 
_refine_ls_shell.percent_reflns_obs               92.86 
_refine_ls_shell.R_factor_R_free                  0.238 
_refine_ls_shell.R_factor_R_free_error            ? 
_refine_ls_shell.percent_reflns_R_free            ? 
_refine_ls_shell.number_reflns_R_free             72 
_refine_ls_shell.number_reflns_all                ? 
_refine_ls_shell.R_factor_all                     ? 
_refine_ls_shell.number_reflns_obs                ? 
_refine_ls_shell.redundancy_reflns_obs            ? 
# 
_struct.entry_id                  4NXC 
_struct.title                     'SPERM WHALE MYOGLOBIN UNDER 30 BAR NITROUS Oxide' 
_struct.pdbx_model_details        ? 
_struct.pdbx_CASP_flag            ? 
_struct.pdbx_model_type_details   ? 
# 
_struct_keywords.entry_id        4NXC 
_struct_keywords.pdbx_keywords   'OXYGEN TRANSPORT' 
_struct_keywords.text            'GLOBIN, OXYGEN TRANSPORT' 
# 
loop_
_struct_asym.id 
_struct_asym.pdbx_blank_PDB_chainid_flag 
_struct_asym.pdbx_modified 
_struct_asym.entity_id 
_struct_asym.details 
A N N 1 ? 
B N N 2 ? 
C N N 3 ? 
D N N 3 ? 
E N N 4 ? 
F N N 4 ? 
G N N 4 ? 
H N N 5 ? 
I N N 5 ? 
J N N 5 ? 
K N N 5 ? 
L N N 6 ? 
# 
_struct_biol.id        1 
_struct_biol.details   ? 
# 
loop_
_struct_conf.conf_type_id 
_struct_conf.id 
_struct_conf.pdbx_PDB_helix_id 
_struct_conf.beg_label_comp_id 
_struct_conf.beg_label_asym_id 
_struct_conf.beg_label_seq_id 
_struct_conf.pdbx_beg_PDB_ins_code 
_struct_conf.end_label_comp_id 
_struct_conf.end_label_asym_id 
_struct_conf.end_label_seq_id 
_struct_conf.pdbx_end_PDB_ins_code 
_struct_conf.beg_auth_comp_id 
_struct_conf.beg_auth_asym_id 
_struct_conf.beg_auth_seq_id 
_struct_conf.end_auth_comp_id 
_struct_conf.end_auth_asym_id 
_struct_conf.end_auth_seq_id 
_struct_conf.pdbx_PDB_helix_class 
_struct_conf.details 
_struct_conf.pdbx_PDB_helix_length 
HELX_P HELX_P1 1 SER A 4   ? GLU A 19  ? SER A 3   GLU A 18  1 ? 16 
HELX_P HELX_P2 2 ASP A 21  ? HIS A 37  ? ASP A 20  HIS A 36  1 ? 17 
HELX_P HELX_P3 3 HIS A 37  ? GLU A 42  ? HIS A 36  GLU A 41  1 ? 6  
HELX_P HELX_P4 4 THR A 52  ? SER A 59  ? THR A 51  SER A 58  1 ? 8  
HELX_P HELX_P5 5 SER A 59  ? LYS A 78  ? SER A 58  LYS A 77  1 ? 20 
HELX_P HELX_P6 6 HIS A 83  ? LYS A 97  ? HIS A 82  LYS A 96  1 ? 15 
HELX_P HELX_P7 7 PRO A 101 ? HIS A 120 ? PRO A 100 HIS A 119 1 ? 20 
HELX_P HELX_P8 8 GLY A 125 ? GLY A 151 ? GLY A 124 GLY A 150 1 ? 27 
# 
_struct_conf_type.id          HELX_P 
_struct_conf_type.criteria    ? 
_struct_conf_type.reference   ? 
# 
loop_
_struct_conn.id 
_struct_conn.conn_type_id 
_struct_conn.pdbx_leaving_atom_flag 
_struct_conn.pdbx_PDB_id 
_struct_conn.ptnr1_label_asym_id 
_struct_conn.ptnr1_label_comp_id 
_struct_conn.ptnr1_label_seq_id 
_struct_conn.ptnr1_label_atom_id 
_struct_conn.pdbx_ptnr1_label_alt_id 
_struct_conn.pdbx_ptnr1_PDB_ins_code 
_struct_conn.pdbx_ptnr1_standard_comp_id 
_struct_conn.ptnr1_symmetry 
_struct_conn.ptnr2_label_asym_id 
_struct_conn.ptnr2_label_comp_id 
_struct_conn.ptnr2_label_seq_id 
_struct_conn.ptnr2_label_atom_id 
_struct_conn.pdbx_ptnr2_label_alt_id 
_struct_conn.pdbx_ptnr2_PDB_ins_code 
_struct_conn.ptnr1_auth_asym_id 
_struct_conn.ptnr1_auth_comp_id 
_struct_conn.ptnr1_auth_seq_id 
_struct_conn.ptnr2_auth_asym_id 
_struct_conn.ptnr2_auth_comp_id 
_struct_conn.ptnr2_auth_seq_id 
_struct_conn.ptnr2_symmetry 
_struct_conn.pdbx_ptnr3_label_atom_id 
_struct_conn.pdbx_ptnr3_label_seq_id 
_struct_conn.pdbx_ptnr3_label_comp_id 
_struct_conn.pdbx_ptnr3_label_asym_id 
_struct_conn.pdbx_ptnr3_label_alt_id 
_struct_conn.pdbx_ptnr3_PDB_ins_code 
_struct_conn.details 
_struct_conn.pdbx_dist_value 
_struct_conn.pdbx_value_order 
_struct_conn.pdbx_role 
metalc1 metalc ? ? A HIS 37 ND1 ? ? ? 1_555 C ZN  . ZN ? ? A HIS 36  A ZN  202 1_555 ? ? ? ? ? ? ? 2.020 ? ? 
metalc2 metalc ? ? A GLU 39 OE2 ? ? ? 1_555 C ZN  . ZN ? ? A GLU 38  A ZN  202 1_555 ? ? ? ? ? ? ? 1.814 ? ? 
metalc3 metalc ? ? A GLU 60 OE2 ? ? ? 1_555 D ZN  . ZN ? ? A GLU 59  A ZN  203 1_555 ? ? ? ? ? ? ? 1.855 ? ? 
metalc4 metalc ? ? A LYS 63 NZ  ? ? ? 1_555 D ZN  . ZN ? ? A LYS 62  A ZN  203 1_555 ? ? ? ? ? ? ? 2.112 ? ? 
metalc5 metalc ? ? A HIS 94 NE2 ? ? ? 1_555 B HEM . FE ? ? A HIS 93  A HEM 201 1_555 ? ? ? ? ? ? ? 2.111 ? ? 
metalc6 metalc ? ? B HEM .  FE  ? ? ? 1_555 L HOH . O  ? ? A HEM 201 A HOH 316 1_555 ? ? ? ? ? ? ? 2.298 ? ? 
# 
_struct_conn_type.id          metalc 
_struct_conn_type.criteria    ? 
_struct_conn_type.reference   ? 
# 
loop_
_struct_site.id 
_struct_site.pdbx_evidence_code 
_struct_site.pdbx_auth_asym_id 
_struct_site.pdbx_auth_comp_id 
_struct_site.pdbx_auth_seq_id 
_struct_site.pdbx_auth_ins_code 
_struct_site.pdbx_num_residues 
_struct_site.details 
AC1 Software A HEM 201 ? 16 'BINDING SITE FOR RESIDUE HEM A 201' 
AC2 Software A ZN  202 ? 4  'BINDING SITE FOR RESIDUE ZN A 202'  
AC3 Software A ZN  203 ? 2  'BINDING SITE FOR RESIDUE ZN A 203'  
AC4 Software A SO4 204 ? 5  'BINDING SITE FOR RESIDUE SO4 A 204' 
AC5 Software A SO4 205 ? 5  'BINDING SITE FOR RESIDUE SO4 A 205' 
AC6 Software A SO4 206 ? 4  'BINDING SITE FOR RESIDUE SO4 A 206' 
AC7 Software A N2O 207 ? 4  'BINDING SITE FOR RESIDUE N2O A 207' 
AC8 Software A N2O 208 ? 5  'BINDING SITE FOR RESIDUE N2O A 208' 
AC9 Software A N2O 209 ? 5  'BINDING SITE FOR RESIDUE N2O A 209' 
BC1 Software A N2O 210 ? 6  'BINDING SITE FOR RESIDUE N2O A 210' 
# 
loop_
_struct_site_gen.id 
_struct_site_gen.site_id 
_struct_site_gen.pdbx_num_res 
_struct_site_gen.label_comp_id 
_struct_site_gen.label_asym_id 
_struct_site_gen.label_seq_id 
_struct_site_gen.pdbx_auth_ins_code 
_struct_site_gen.auth_comp_id 
_struct_site_gen.auth_asym_id 
_struct_site_gen.auth_seq_id 
_struct_site_gen.label_atom_id 
_struct_site_gen.label_alt_id 
_struct_site_gen.symmetry 
_struct_site_gen.details 
1  AC1 16 LYS A 43  ? LYS A 42  . ? 1_555 ? 
2  AC1 16 PHE A 44  ? PHE A 43  . ? 1_555 ? 
3  AC1 16 ARG A 46  ? ARG A 45  . ? 1_555 ? 
4  AC1 16 HIS A 65  ? HIS A 64  . ? 1_555 ? 
5  AC1 16 VAL A 69  ? VAL A 68  . ? 1_555 ? 
6  AC1 16 ALA A 72  ? ALA A 71  . ? 1_555 ? 
7  AC1 16 LEU A 90  ? LEU A 89  . ? 1_555 ? 
8  AC1 16 SER A 93  ? SER A 92  . ? 1_555 ? 
9  AC1 16 HIS A 94  ? HIS A 93  . ? 1_555 ? 
10 AC1 16 HIS A 98  ? HIS A 97  . ? 1_555 ? 
11 AC1 16 ILE A 100 ? ILE A 99  . ? 1_555 ? 
12 AC1 16 TYR A 104 ? TYR A 103 . ? 1_555 ? 
13 AC1 16 N2O H .   ? N2O A 207 . ? 1_555 ? 
14 AC1 16 HOH L .   ? HOH A 308 . ? 1_555 ? 
15 AC1 16 HOH L .   ? HOH A 316 . ? 1_555 ? 
16 AC1 16 HOH L .   ? HOH A 321 . ? 1_555 ? 
17 AC2 4  GLN A 9   ? GLN A 8   . ? 1_655 ? 
18 AC2 4  HIS A 13  ? HIS A 12  . ? 1_655 ? 
19 AC2 4  HIS A 37  ? HIS A 36  . ? 1_555 ? 
20 AC2 4  GLU A 39  ? GLU A 38  . ? 1_555 ? 
21 AC3 2  GLU A 60  ? GLU A 59  . ? 1_555 ? 
22 AC3 2  LYS A 63  ? LYS A 62  . ? 1_555 ? 
23 AC4 5  SER A 59  ? SER A 58  . ? 1_555 ? 
24 AC4 5  GLU A 60  ? GLU A 59  . ? 1_555 ? 
25 AC4 5  ASP A 61  ? ASP A 60  . ? 1_555 ? 
26 AC4 5  HOH L .   ? HOH A 320 . ? 1_555 ? 
27 AC4 5  HOH L .   ? HOH A 331 . ? 1_555 ? 
28 AC5 5  ARG A 46  ? ARG A 45  . ? 1_555 ? 
29 AC5 5  HIS A 65  ? HIS A 64  . ? 1_555 ? 
30 AC5 5  THR A 68  ? THR A 67  . ? 1_555 ? 
31 AC5 5  HIS A 117 ? HIS A 116 . ? 1_545 ? 
32 AC5 5  HOH L .   ? HOH A 321 . ? 1_555 ? 
33 AC6 4  HIS A 120 ? HIS A 119 . ? 1_555 ? 
34 AC6 4  PRO A 121 ? PRO A 120 . ? 1_555 ? 
35 AC6 4  GLY A 122 ? GLY A 121 . ? 1_555 ? 
36 AC6 4  ASP A 123 ? ASP A 122 . ? 1_555 ? 
37 AC7 4  LEU A 90  ? LEU A 89  . ? 1_555 ? 
38 AC7 4  HIS A 94  ? HIS A 93  . ? 1_555 ? 
39 AC7 4  ILE A 143 ? ILE A 142 . ? 1_555 ? 
40 AC7 4  HEM B .   ? HEM A 201 . ? 1_555 ? 
41 AC8 5  LEU A 105 ? LEU A 104 . ? 1_555 ? 
42 AC8 5  SER A 109 ? SER A 108 . ? 1_555 ? 
43 AC8 5  LEU A 136 ? LEU A 135 . ? 1_555 ? 
44 AC8 5  PHE A 139 ? PHE A 138 . ? 1_555 ? 
45 AC8 5  ARG A 140 ? ARG A 139 . ? 1_555 ? 
46 AC9 5  LEU A 77  ? LEU A 76  . ? 1_555 ? 
47 AC9 5  HIS A 83  ? HIS A 82  . ? 1_555 ? 
48 AC9 5  ALA A 135 ? ALA A 134 . ? 1_555 ? 
49 AC9 5  LEU A 138 ? LEU A 137 . ? 1_555 ? 
50 AC9 5  PHE A 139 ? PHE A 138 . ? 1_555 ? 
51 BC1 6  GLY A 26  ? GLY A 25  . ? 1_555 ? 
52 BC1 6  ILE A 29  ? ILE A 28  . ? 1_555 ? 
53 BC1 6  LEU A 30  ? LEU A 29  . ? 1_555 ? 
54 BC1 6  GLY A 66  ? GLY A 65  . ? 1_555 ? 
55 BC1 6  VAL A 69  ? VAL A 68  . ? 1_555 ? 
56 BC1 6  LEU A 70  ? LEU A 69  . ? 1_555 ? 
# 
_atom_sites.entry_id                    4NXC 
_atom_sites.fract_transf_matrix[1][1]   0.00584875 
_atom_sites.fract_transf_matrix[1][2]   0.02565271 
_atom_sites.fract_transf_matrix[1][3]   0.01254107 
_atom_sites.fract_transf_matrix[2][1]   0.01231966 
_atom_sites.fract_transf_matrix[2][2]   -0.01554302 
_atom_sites.fract_transf_matrix[2][3]   0.02604770 
_atom_sites.fract_transf_matrix[3][1]   0.01503384 
_atom_sites.fract_transf_matrix[3][2]   0.00362980 
_atom_sites.fract_transf_matrix[3][3]   -0.00494454 
_atom_sites.fract_transf_vector[1]      0.244340 
_atom_sites.fract_transf_vector[2]      0.015671 
_atom_sites.fract_transf_vector[3]      0.252495 
# 
loop_
_atom_type.symbol 
C  
FE 
N  
O  
S  
ZN 
# 
loop_
_atom_site.group_PDB 
_atom_site.id 
_atom_site.type_symbol 
_atom_site.label_atom_id 
_atom_site.label_alt_id 
_atom_site.label_comp_id 
_atom_site.label_asym_id 
_atom_site.label_entity_id 
_atom_site.label_seq_id 
_atom_site.pdbx_PDB_ins_code 
_atom_site.Cartn_x 
_atom_site.Cartn_y 
_atom_site.Cartn_z 
_atom_site.occupancy 
_atom_site.B_iso_or_equiv 
_atom_site.pdbx_formal_charge 
_atom_site.auth_seq_id 
_atom_site.auth_comp_id 
_atom_site.auth_asym_id 
_atom_site.auth_atom_id 
_atom_site.pdbx_PDB_model_num 
ATOM   1    N  N   . VAL A 1 2   ? 17.591  -7.154  -4.936  1.00 53.48 ? 1   VAL A N   1 
ATOM   2    C  CA  . VAL A 1 2   ? 16.181  -7.462  -5.341  1.00 50.71 ? 1   VAL A CA  1 
ATOM   3    C  C   . VAL A 1 2   ? 15.668  -8.735  -4.660  1.00 47.00 ? 1   VAL A C   1 
ATOM   4    O  O   . VAL A 1 2   ? 16.302  -9.248  -3.737  1.00 49.96 ? 1   VAL A O   1 
ATOM   5    C  CB  . VAL A 1 2   ? 16.023  -7.559  -6.881  1.00 52.69 ? 1   VAL A CB  1 
ATOM   6    C  CG1 . VAL A 1 2   ? 16.243  -6.196  -7.531  1.00 55.58 ? 1   VAL A CG1 1 
ATOM   7    C  CG2 . VAL A 1 2   ? 16.963  -8.606  -7.473  1.00 52.93 ? 1   VAL A CG2 1 
ATOM   8    N  N   . LEU A 1 3   ? 14.523  -9.237  -5.119  1.00 42.32 ? 2   LEU A N   1 
ATOM   9    C  CA  . LEU A 1 3   ? 13.922  -10.442 -4.557  1.00 37.31 ? 2   LEU A CA  1 
ATOM   10   C  C   . LEU A 1 3   ? 14.344  -11.721 -5.289  1.00 34.23 ? 2   LEU A C   1 
ATOM   11   O  O   . LEU A 1 3   ? 14.392  -11.761 -6.518  1.00 36.43 ? 2   LEU A O   1 
ATOM   12   C  CB  . LEU A 1 3   ? 12.388  -10.332 -4.542  1.00 35.29 ? 2   LEU A CB  1 
ATOM   13   C  CG  . LEU A 1 3   ? 11.751  -9.424  -3.480  1.00 33.83 ? 2   LEU A CG  1 
ATOM   14   C  CD1 . LEU A 1 3   ? 11.868  -7.966  -3.882  1.00 36.59 ? 2   LEU A CD1 1 
ATOM   15   C  CD2 . LEU A 1 3   ? 10.289  -9.794  -3.264  1.00 32.74 ? 2   LEU A CD2 1 
ATOM   16   N  N   . SER A 1 4   ? 14.634  -12.753 -4.506  1.00 31.49 ? 3   SER A N   1 
ATOM   17   C  CA  . SER A 1 4   ? 14.877  -14.096 -5.031  1.00 32.72 ? 3   SER A CA  1 
ATOM   18   C  C   . SER A 1 4   ? 13.561  -14.727 -5.480  1.00 31.19 ? 3   SER A C   1 
ATOM   19   O  O   . SER A 1 4   ? 12.472  -14.291 -5.081  1.00 28.25 ? 3   SER A O   1 
ATOM   20   C  CB  . SER A 1 4   ? 15.554  -14.972 -3.974  1.00 30.13 ? 3   SER A CB  1 
ATOM   21   O  OG  . SER A 1 4   ? 14.677  -15.306 -2.912  1.00 34.36 ? 3   SER A OG  1 
ATOM   22   N  N   . GLU A 1 5   ? 13.652  -15.748 -6.319  1.00 32.38 ? 4   GLU A N   1 
ATOM   23   C  CA  . GLU A 1 5   ? 12.461  -16.468 -6.712  1.00 32.35 ? 4   GLU A CA  1 
ATOM   24   C  C   . GLU A 1 5   ? 11.661  -16.989 -5.525  1.00 29.50 ? 4   GLU A C   1 
ATOM   25   O  O   . GLU A 1 5   ? 10.447  -16.847 -5.504  1.00 29.52 ? 4   GLU A O   1 
ATOM   26   C  CB  . GLU A 1 5   ? 12.773  -17.589 -7.716  1.00 37.54 ? 4   GLU A CB  1 
ATOM   27   C  CG  . GLU A 1 5   ? 12.579  -17.145 -9.165  1.00 41.36 ? 4   GLU A CG  1 
ATOM   28   C  CD  . GLU A 1 5   ? 11.201  -16.549 -9.427  1.00 45.78 ? 4   GLU A CD  1 
ATOM   29   O  OE1 . GLU A 1 5   ? 10.181  -17.211 -9.111  1.00 49.68 ? 4   GLU A OE1 1 
ATOM   30   O  OE2 . GLU A 1 5   ? 11.134  -15.412 -9.951  1.00 47.55 ? 4   GLU A OE2 1 
ATOM   31   N  N   . GLY A 1 6   ? 12.332  -17.560 -4.533  1.00 27.99 ? 5   GLY A N   1 
ATOM   32   C  CA  . GLY A 1 6   ? 11.673  -18.047 -3.329  1.00 27.00 ? 5   GLY A CA  1 
ATOM   33   C  C   . GLY A 1 6   ? 10.935  -16.921 -2.607  1.00 27.76 ? 5   GLY A C   1 
ATOM   34   O  O   . GLY A 1 6   ? 9.843   -17.118 -2.110  1.00 26.33 ? 5   GLY A O   1 
ATOM   35   N  N   . GLU A 1 7   ? 11.538  -15.741 -2.556  1.00 27.10 ? 6   GLU A N   1 
ATOM   36   C  CA  . GLU A 1 7   ? 10.882  -14.602 -1.918  1.00 26.94 ? 6   GLU A CA  1 
ATOM   37   C  C   . GLU A 1 7   ? 9.658   -14.115 -2.711  1.00 25.06 ? 6   GLU A C   1 
ATOM   38   O  O   . GLU A 1 7   ? 8.633   -13.819 -2.114  1.00 23.91 ? 6   GLU A O   1 
ATOM   39   C  CB  . GLU A 1 7   ? 11.886  -13.477 -1.670  1.00 29.42 ? 6   GLU A CB  1 
ATOM   40   C  CG  . GLU A 1 7   ? 12.870  -13.808 -0.557  1.00 31.86 ? 6   GLU A CG  1 
ATOM   41   C  CD  . GLU A 1 7   ? 14.005  -12.815 -0.452  1.00 33.95 ? 6   GLU A CD  1 
ATOM   42   O  OE1 . GLU A 1 7   ? 14.367  -12.199 -1.473  1.00 32.57 ? 6   GLU A OE1 1 
ATOM   43   O  OE2 . GLU A 1 7   ? 14.518  -12.650 0.675   1.00 36.22 ? 6   GLU A OE2 1 
ATOM   44   N  N   . TRP A 1 8   ? 9.741   -14.049 -4.035  1.00 23.30 ? 7   TRP A N   1 
ATOM   45   C  CA  . TRP A 1 8   ? 8.571   -13.695 -4.843  1.00 24.22 ? 7   TRP A CA  1 
ATOM   46   C  C   . TRP A 1 8   ? 7.463   -14.685 -4.627  1.00 23.26 ? 7   TRP A C   1 
ATOM   47   O  O   . TRP A 1 8   ? 6.301   -14.286 -4.553  1.00 24.15 ? 7   TRP A O   1 
ATOM   48   C  CB  . TRP A 1 8   ? 8.890   -13.601 -6.330  1.00 26.87 ? 7   TRP A CB  1 
ATOM   49   C  CG  . TRP A 1 8   ? 9.470   -12.288 -6.762  1.00 30.05 ? 7   TRP A CG  1 
ATOM   50   C  CD1 . TRP A 1 8   ? 10.741  -12.042 -7.288  1.00 30.76 ? 7   TRP A CD1 1 
ATOM   51   C  CD2 . TRP A 1 8   ? 8.824   -10.972 -6.698  1.00 30.21 ? 7   TRP A CD2 1 
ATOM   52   N  NE1 . TRP A 1 8   ? 10.915  -10.714 -7.561  1.00 32.79 ? 7   TRP A NE1 1 
ATOM   53   C  CE2 . TRP A 1 8   ? 9.804   -10.009 -7.225  1.00 32.72 ? 7   TRP A CE2 1 
ATOM   54   C  CE3 . TRP A 1 8   ? 7.577   -10.509 -6.279  1.00 30.47 ? 7   TRP A CE3 1 
ATOM   55   C  CZ2 . TRP A 1 8   ? 9.528   -8.651  -7.315  1.00 32.84 ? 7   TRP A CZ2 1 
ATOM   56   C  CZ3 . TRP A 1 8   ? 7.312   -9.136  -6.380  1.00 31.78 ? 7   TRP A CZ3 1 
ATOM   57   C  CH2 . TRP A 1 8   ? 8.268   -8.231  -6.885  1.00 32.87 ? 7   TRP A CH2 1 
ATOM   58   N  N   . GLN A 1 9   ? 7.797   -15.989 -4.537  1.00 22.80 ? 8   GLN A N   1 
ATOM   59   C  CA  . GLN A 1 9   ? 6.783   -17.014 -4.219  1.00 23.77 ? 8   GLN A CA  1 
ATOM   60   C  C   . GLN A 1 9   ? 6.022   -16.719 -2.930  1.00 23.88 ? 8   GLN A C   1 
ATOM   61   O  O   . GLN A 1 9   ? 4.790   -16.802 -2.887  1.00 23.56 ? 8   GLN A O   1 
ATOM   62   C  CB  . GLN A 1 9   ? 7.399   -18.425 -4.126  1.00 24.73 ? 8   GLN A CB  1 
ATOM   63   C  CG  . GLN A 1 9   ? 7.850   -18.983 -5.470  1.00 27.19 ? 8   GLN A CG  1 
ATOM   64   C  CD  . GLN A 1 9   ? 6.689   -19.147 -6.421  1.00 27.85 ? 8   GLN A CD  1 
ATOM   65   O  OE1 . GLN A 1 9   ? 5.805   -19.955 -6.174  1.00 27.94 ? 8   GLN A OE1 1 
ATOM   66   N  NE2 . GLN A 1 9   ? 6.665   -18.359 -7.484  1.00 28.49 ? 8   GLN A NE2 1 
ATOM   67   N  N   . LEU A 1 10  ? 6.756   -16.371 -1.876  1.00 22.95 ? 9   LEU A N   1 
ATOM   68   C  CA  . LEU A 1 10  ? 6.139   -16.009 -0.597  1.00 22.88 ? 9   LEU A CA  1 
ATOM   69   C  C   . LEU A 1 10  ? 5.169   -14.839 -0.762  1.00 21.90 ? 9   LEU A C   1 
ATOM   70   O  O   . LEU A 1 10  ? 4.035   -14.913 -0.300  1.00 22.68 ? 9   LEU A O   1 
ATOM   71   C  CB  . LEU A 1 10  ? 7.212   -15.666 0.440   1.00 24.98 ? 9   LEU A CB  1 
ATOM   72   C  CG  . LEU A 1 10  ? 8.022   -16.864 0.951   1.00 27.02 ? 9   LEU A CG  1 
ATOM   73   C  CD1 . LEU A 1 10  ? 9.320   -16.408 1.598   1.00 30.14 ? 9   LEU A CD1 1 
ATOM   74   C  CD2 . LEU A 1 10  ? 7.229   -17.718 1.923   1.00 30.55 ? 9   LEU A CD2 1 
ATOM   75   N  N   . VAL A 1 11  ? 5.601   -13.803 -1.472  1.00 20.18 ? 10  VAL A N   1 
ATOM   76   C  CA  . VAL A 1 11  ? 4.782   -12.605 -1.666  1.00 20.91 ? 10  VAL A CA  1 
ATOM   77   C  C   . VAL A 1 11  ? 3.514   -12.933 -2.433  1.00 21.11 ? 10  VAL A C   1 
ATOM   78   O  O   . VAL A 1 11  ? 2.420   -12.521 -2.048  1.00 20.47 ? 10  VAL A O   1 
ATOM   79   C  CB  . VAL A 1 11  ? 5.580   -11.507 -2.404  1.00 22.77 ? 10  VAL A CB  1 
ATOM   80   C  CG1 . VAL A 1 11  ? 4.680   -10.366 -2.863  1.00 24.91 ? 10  VAL A CG1 1 
ATOM   81   C  CG2 . VAL A 1 11  ? 6.693   -10.997 -1.484  1.00 25.79 ? 10  VAL A CG2 1 
ATOM   82   N  N   . LEU A 1 12  ? 3.662   -13.710 -3.502  1.00 20.21 ? 11  LEU A N   1 
ATOM   83   C  CA  . LEU A 1 12  ? 2.521   -13.942 -4.376  1.00 19.92 ? 11  LEU A CA  1 
ATOM   84   C  C   . LEU A 1 12  ? 1.531   -14.909 -3.738  1.00 18.58 ? 11  LEU A C   1 
ATOM   85   O  O   . LEU A 1 12  ? 0.320   -14.771 -3.946  1.00 18.04 ? 11  LEU A O   1 
ATOM   86   C  CB  . LEU A 1 12  ? 2.984   -14.482 -5.726  1.00 21.67 ? 11  LEU A CB  1 
ATOM   87   C  CG  . LEU A 1 12  ? 3.818   -13.529 -6.591  1.00 23.64 ? 11  LEU A CG  1 
ATOM   88   C  CD1 . LEU A 1 12  ? 4.386   -14.255 -7.796  1.00 25.20 ? 11  LEU A CD1 1 
ATOM   89   C  CD2 . LEU A 1 12  ? 2.995   -12.330 -7.030  1.00 27.60 ? 11  LEU A CD2 1 
ATOM   90   N  N   . HIS A 1 13  ? 2.017   -15.866 -2.958  1.00 19.78 ? 12  HIS A N   1 
ATOM   91   C  CA  . HIS A 1 13  ? 1.102   -16.765 -2.268  1.00 20.18 ? 12  HIS A CA  1 
ATOM   92   C  C   . HIS A 1 13  ? 0.337   -16.070 -1.162  1.00 20.55 ? 12  HIS A C   1 
ATOM   93   O  O   . HIS A 1 13  ? -0.835  -16.347 -0.941  1.00 22.93 ? 12  HIS A O   1 
ATOM   94   C  CB  . HIS A 1 13  ? 1.849   -17.989 -1.757  1.00 21.44 ? 12  HIS A CB  1 
ATOM   95   C  CG  . HIS A 1 13  ? 2.454   -18.828 -2.859  1.00 21.67 ? 12  HIS A CG  1 
ATOM   96   N  ND1 . HIS A 1 13  ? 3.106   -19.968 -2.592  1.00 24.31 ? 12  HIS A ND1 1 
ATOM   97   C  CD2 . HIS A 1 13  ? 2.494   -18.668 -4.237  1.00 22.33 ? 12  HIS A CD2 1 
ATOM   98   C  CE1 . HIS A 1 13  ? 3.559   -20.501 -3.737  1.00 24.04 ? 12  HIS A CE1 1 
ATOM   99   N  NE2 . HIS A 1 13  ? 3.181   -19.713 -4.741  1.00 23.18 ? 12  HIS A NE2 1 
ATOM   100  N  N   . VAL A 1 14  ? 0.970   -15.120 -0.472  1.00 21.00 ? 13  VAL A N   1 
ATOM   101  C  CA  . VAL A 1 14  ? 0.245   -14.333 0.523   1.00 22.47 ? 13  VAL A CA  1 
ATOM   102  C  C   . VAL A 1 14  ? -0.782  -13.411 -0.134  1.00 20.94 ? 13  VAL A C   1 
ATOM   103  O  O   . VAL A 1 14  ? -1.901  -13.241 0.351   1.00 21.16 ? 13  VAL A O   1 
ATOM   104  C  CB  . VAL A 1 14  ? 1.218   -13.515 1.397   1.00 24.13 ? 13  VAL A CB  1 
ATOM   105  C  CG1 . VAL A 1 14  ? 0.465   -12.485 2.251   1.00 25.95 ? 13  VAL A CG1 1 
ATOM   106  C  CG2 . VAL A 1 14  ? 2.024   -14.455 2.279   1.00 25.67 ? 13  VAL A CG2 1 
ATOM   107  N  N   . TRP A 1 15  ? -0.424  -12.817 -1.258  1.00 18.65 ? 14  TRP A N   1 
ATOM   108  C  CA  . TRP A 1 15  ? -1.354  -11.946 -1.946  1.00 19.40 ? 14  TRP A CA  1 
ATOM   109  C  C   . TRP A 1 15  ? -2.639  -12.620 -2.332  1.00 19.08 ? 14  TRP A C   1 
ATOM   110  O  O   . TRP A 1 15  ? -3.712  -12.007 -2.352  1.00 20.35 ? 14  TRP A O   1 
ATOM   111  C  CB  . TRP A 1 15  ? -0.710  -11.331 -3.168  1.00 21.48 ? 14  TRP A CB  1 
ATOM   112  C  CG  . TRP A 1 15  ? -1.492  -10.125 -3.552  1.00 24.07 ? 14  TRP A CG  1 
ATOM   113  C  CD1 . TRP A 1 15  ? -2.371  -9.982  -4.616  1.00 26.54 ? 14  TRP A CD1 1 
ATOM   114  C  CD2 . TRP A 1 15  ? -1.562  -8.863  -2.816  1.00 27.33 ? 14  TRP A CD2 1 
ATOM   115  N  NE1 . TRP A 1 15  ? -2.941  -8.729  -4.603  1.00 28.36 ? 14  TRP A NE1 1 
ATOM   116  C  CE2 . TRP A 1 15  ? -2.499  -8.015  -3.553  1.00 27.56 ? 14  TRP A CE2 1 
ATOM   117  C  CE3 . TRP A 1 15  ? -0.957  -8.368  -1.667  1.00 27.62 ? 14  TRP A CE3 1 
ATOM   118  C  CZ2 . TRP A 1 15  ? -2.799  -6.730  -3.139  1.00 29.01 ? 14  TRP A CZ2 1 
ATOM   119  C  CZ3 . TRP A 1 15  ? -1.264  -7.057  -1.261  1.00 29.99 ? 14  TRP A CZ3 1 
ATOM   120  C  CH2 . TRP A 1 15  ? -2.161  -6.267  -1.988  1.00 30.37 ? 14  TRP A CH2 1 
ATOM   121  N  N   . ALA A 1 16  ? -2.569  -13.911 -2.672  1.00 18.20 ? 15  ALA A N   1 
ATOM   122  C  CA  . ALA A 1 16  ? -3.782  -14.631 -2.992  1.00 18.83 ? 15  ALA A CA  1 
ATOM   123  C  C   . ALA A 1 16  ? -4.759  -14.684 -1.835  1.00 19.98 ? 15  ALA A C   1 
ATOM   124  O  O   . ALA A 1 16  ? -5.970  -14.759 -2.065  1.00 21.28 ? 15  ALA A O   1 
ATOM   125  C  CB  . ALA A 1 16  ? -3.436  -16.046 -3.456  1.00 19.58 ? 15  ALA A CB  1 
ATOM   126  N  N   . LYS A 1 17  ? -4.249  -14.635 -0.602  1.00 19.58 ? 16  LYS A N   1 
ATOM   127  C  CA  . LYS A 1 17  ? -5.097  -14.575 0.592   1.00 21.82 ? 16  LYS A CA  1 
ATOM   128  C  C   . LYS A 1 17  ? -5.791  -13.209 0.717   1.00 22.37 ? 16  LYS A C   1 
ATOM   129  O  O   . LYS A 1 17  ? -6.930  -13.121 1.179   1.00 22.85 ? 16  LYS A O   1 
ATOM   130  C  CB  . LYS A 1 17  ? -4.297  -14.881 1.854   1.00 26.25 ? 16  LYS A CB  1 
ATOM   131  C  CG  . LYS A 1 17  ? -3.714  -16.284 1.848   1.00 28.75 ? 16  LYS A CG  1 
ATOM   132  C  CD  . LYS A 1 17  ? -2.781  -16.503 3.019   1.00 35.12 ? 16  LYS A CD  1 
ATOM   133  C  CE  . LYS A 1 17  ? -2.397  -17.972 3.123   1.00 38.30 ? 16  LYS A CE  1 
ATOM   134  N  NZ  . LYS A 1 17  ? -3.564  -18.895 3.257   1.00 42.56 ? 16  LYS A NZ  1 
ATOM   135  N  N   . VAL A 1 18  ? -5.113  -12.154 0.291   1.00 20.05 ? 17  VAL A N   1 
ATOM   136  C  CA  . VAL A 1 18  ? -5.692  -10.794 0.293   1.00 22.44 ? 17  VAL A CA  1 
ATOM   137  C  C   . VAL A 1 18  ? -6.869  -10.741 -0.666  1.00 22.46 ? 17  VAL A C   1 
ATOM   138  O  O   . VAL A 1 18  ? -7.918  -10.160 -0.357  1.00 22.74 ? 17  VAL A O   1 
ATOM   139  C  CB  . VAL A 1 18  ? -4.615  -9.755  -0.105  1.00 21.52 ? 17  VAL A CB  1 
ATOM   140  C  CG1 . VAL A 1 18  ? -5.184  -8.340  -0.252  1.00 22.68 ? 17  VAL A CG1 1 
ATOM   141  C  CG2 . VAL A 1 18  ? -3.507  -9.759  0.928   1.00 22.43 ? 17  VAL A CG2 1 
ATOM   142  N  N   . GLU A 1 19  ? -6.689  -11.367 -1.833  1.00 23.71 ? 18  GLU A N   1 
ATOM   143  C  CA  . GLU A 1 19  ? -7.694  -11.371 -2.893  1.00 26.12 ? 18  GLU A CA  1 
ATOM   144  C  C   . GLU A 1 19  ? -8.971  -12.099 -2.515  1.00 25.87 ? 18  GLU A C   1 
ATOM   145  O  O   . GLU A 1 19  ? -9.997  -11.890 -3.157  1.00 30.06 ? 18  GLU A O   1 
ATOM   146  C  CB  . GLU A 1 19  ? -7.091  -11.918 -4.178  1.00 28.73 ? 18  GLU A CB  1 
ATOM   147  C  CG  . GLU A 1 19  ? -6.029  -10.964 -4.677  1.00 32.81 ? 18  GLU A CG  1 
ATOM   148  C  CD  . GLU A 1 19  ? -5.642  -11.156 -6.115  1.00 37.82 ? 18  GLU A CD  1 
ATOM   149  O  OE1 . GLU A 1 19  ? -5.674  -12.304 -6.603  1.00 42.81 ? 18  GLU A OE1 1 
ATOM   150  O  OE2 . GLU A 1 19  ? -5.285  -10.133 -6.735  1.00 39.09 ? 18  GLU A OE2 1 
ATOM   151  N  N   . ALA A 1 20  ? -8.938  -12.865 -1.434  1.00 26.42 ? 19  ALA A N   1 
ATOM   152  C  CA  . ALA A 1 20  ? -10.143 -13.530 -0.923  1.00 27.34 ? 19  ALA A CA  1 
ATOM   153  C  C   . ALA A 1 20  ? -11.075 -12.532 -0.251  1.00 26.26 ? 19  ALA A C   1 
ATOM   154  O  O   . ALA A 1 20  ? -12.250 -12.813 -0.064  1.00 28.31 ? 19  ALA A O   1 
ATOM   155  C  CB  . ALA A 1 20  ? -9.783  -14.644 0.053   1.00 29.66 ? 19  ALA A CB  1 
ATOM   156  N  N   . ASP A 1 21  ? -10.548 -11.374 0.140   1.00 24.47 ? 20  ASP A N   1 
ATOM   157  C  CA  . ASP A 1 21  ? -11.351 -10.339 0.773   1.00 23.11 ? 20  ASP A CA  1 
ATOM   158  C  C   . ASP A 1 21  ? -10.703 -8.981  0.518   1.00 20.63 ? 20  ASP A C   1 
ATOM   159  O  O   . ASP A 1 21  ? -10.152 -8.374  1.439   1.00 20.63 ? 20  ASP A O   1 
ATOM   160  C  CB  . ASP A 1 21  ? -11.540 -10.589 2.280   1.00 25.55 ? 20  ASP A CB  1 
ATOM   161  C  CG  . ASP A 1 21  ? -12.515 -9.596  2.937   1.00 29.13 ? 20  ASP A CG  1 
ATOM   162  O  OD1 . ASP A 1 21  ? -13.196 -8.820  2.227   1.00 27.75 ? 20  ASP A OD1 1 
ATOM   163  O  OD2 . ASP A 1 21  ? -12.576 -9.552  4.181   1.00 33.30 ? 20  ASP A OD2 1 
ATOM   164  N  N   . VAL A 1 22  ? -10.764 -8.512  -0.728  1.00 19.75 ? 21  VAL A N   1 
ATOM   165  C  CA  . VAL A 1 22  ? -10.090 -7.234  -1.090  1.00 19.30 ? 21  VAL A CA  1 
ATOM   166  C  C   . VAL A 1 22  ? -10.633 -6.028  -0.322  1.00 19.94 ? 21  VAL A C   1 
ATOM   167  O  O   . VAL A 1 22  ? -9.881  -5.245  0.245   1.00 19.57 ? 21  VAL A O   1 
ATOM   168  C  CB  . VAL A 1 22  ? -10.100 -6.953  -2.613  1.00 21.03 ? 21  VAL A CB  1 
ATOM   169  C  CG1 . VAL A 1 22  ? -9.343  -5.666  -2.920  1.00 23.00 ? 21  VAL A CG1 1 
ATOM   170  C  CG2 . VAL A 1 22  ? -9.468  -8.118  -3.364  1.00 24.41 ? 21  VAL A CG2 1 
ATOM   171  N  N   . ALA A 1 23  ? -11.955 -5.869  -0.285  1.00 19.37 ? 22  ALA A N   1 
ATOM   172  C  CA  . ALA A 1 23  ? -12.538 -4.746  0.471   1.00 19.61 ? 22  ALA A CA  1 
ATOM   173  C  C   . ALA A 1 23  ? -12.227 -4.737  1.964   1.00 18.54 ? 22  ALA A C   1 
ATOM   174  O  O   . ALA A 1 23  ? -11.983 -3.687  2.554   1.00 19.36 ? 22  ALA A O   1 
ATOM   175  C  CB  . ALA A 1 23  ? -14.054 -4.709  0.245   1.00 20.50 ? 22  ALA A CB  1 
ATOM   176  N  N   . GLY A 1 24  ? -12.253 -5.910  2.598   1.00 17.78 ? 23  GLY A N   1 
ATOM   177  C  CA  . GLY A 1 24  ? -11.997 -5.986  4.027   1.00 17.54 ? 23  GLY A CA  1 
ATOM   178  C  C   . GLY A 1 24  ? -10.549 -5.619  4.359   1.00 17.48 ? 23  GLY A C   1 
ATOM   179  O  O   . GLY A 1 24  ? -10.291 -4.811  5.254   1.00 17.35 ? 23  GLY A O   1 
ATOM   180  N  N   . HIS A 1 25  ? -9.600  -6.179  3.611   1.00 17.27 ? 24  HIS A N   1 
ATOM   181  C  CA  . HIS A 1 25  ? -8.187  -5.796  3.787   1.00 17.37 ? 24  HIS A CA  1 
ATOM   182  C  C   . HIS A 1 25  ? -7.984  -4.336  3.475   1.00 16.70 ? 24  HIS A C   1 
ATOM   183  O  O   . HIS A 1 25  ? -7.257  -3.664  4.199   1.00 16.21 ? 24  HIS A O   1 
ATOM   184  C  CB  . HIS A 1 25  ? -7.267  -6.597  2.888   1.00 16.82 ? 24  HIS A CB  1 
ATOM   185  C  CG  . HIS A 1 25  ? -7.086  -8.046  3.304   1.00 16.81 ? 24  HIS A CG  1 
ATOM   186  N  ND1 . HIS A 1 25  ? -8.012  -9.001  3.025   1.00 17.99 ? 24  HIS A ND1 1 
ATOM   187  C  CD2 . HIS A 1 25  ? -6.065  -8.678  3.987   1.00 18.29 ? 24  HIS A CD2 1 
ATOM   188  C  CE1 . HIS A 1 25  ? -7.575  -10.188 3.482   1.00 17.47 ? 24  HIS A CE1 1 
ATOM   189  N  NE2 . HIS A 1 25  ? -6.408  -9.985  4.108   1.00 18.51 ? 24  HIS A NE2 1 
ATOM   190  N  N   . GLY A 1 26  ? -8.609  -3.825  2.409   1.00 16.87 ? 25  GLY A N   1 
ATOM   191  C  CA  . GLY A 1 26  ? -8.428  -2.398  2.022   1.00 16.26 ? 25  GLY A CA  1 
ATOM   192  C  C   . GLY A 1 26  ? -8.902  -1.432  3.091   1.00 17.87 ? 25  GLY A C   1 
ATOM   193  O  O   . GLY A 1 26  ? -8.229  -0.462  3.424   1.00 17.05 ? 25  GLY A O   1 
ATOM   194  N  N   . GLN A 1 27  ? -10.077 -1.719  3.649   1.00 17.27 ? 26  GLN A N   1 
ATOM   195  C  CA  . GLN A 1 27  ? -10.652 -0.893  4.674   1.00 19.91 ? 26  GLN A CA  1 
ATOM   196  C  C   . GLN A 1 27  ? -9.740  -0.900  5.923   1.00 18.95 ? 26  GLN A C   1 
ATOM   197  O  O   . GLN A 1 27  ? -9.421  0.147   6.462   1.00 18.63 ? 26  GLN A O   1 
ATOM   198  C  CB  . GLN A 1 27  ? -12.059 -1.443  4.960   1.00 21.39 ? 26  GLN A CB  1 
ATOM   199  C  CG  . GLN A 1 27  ? -12.848 -0.762  6.059   1.00 25.49 ? 26  GLN A CG  1 
ATOM   200  C  CD  . GLN A 1 27  ? -14.198 -1.438  6.198   1.00 27.25 ? 26  GLN A CD  1 
ATOM   201  O  OE1 . GLN A 1 27  ? -14.300 -2.666  6.148   1.00 28.53 ? 26  GLN A OE1 1 
ATOM   202  N  NE2 . GLN A 1 27  ? -15.238 -0.647  6.313   1.00 26.79 ? 26  GLN A NE2 1 
ATOM   203  N  N   . ASP A 1 28  ? -9.251  -2.081  6.321   1.00 17.83 ? 27  ASP A N   1 
ATOM   204  C  CA  . ASP A 1 28  ? -8.425  -2.214  7.510   1.00 19.10 ? 27  ASP A CA  1 
ATOM   205  C  C   . ASP A 1 28  ? -7.091  -1.477  7.332   1.00 17.67 ? 27  ASP A C   1 
ATOM   206  O  O   . ASP A 1 28  ? -6.598  -0.847  8.246   1.00 18.14 ? 27  ASP A O   1 
ATOM   207  C  CB  . ASP A 1 28  ? -8.155  -3.680  7.836   1.00 20.59 ? 27  ASP A CB  1 
ATOM   208  C  CG  . ASP A 1 28  ? -9.376  -4.410  8.382   1.00 22.93 ? 27  ASP A CG  1 
ATOM   209  O  OD1 . ASP A 1 28  ? -10.435 -3.785  8.563   1.00 25.04 ? 27  ASP A OD1 1 
ATOM   210  O  OD2 . ASP A 1 28  ? -9.242  -5.639  8.596   1.00 25.13 ? 27  ASP A OD2 1 
ATOM   211  N  N   . ILE A 1 29  ? -6.536  -1.515  6.135   1.00 16.42 ? 28  ILE A N   1 
ATOM   212  C  CA  . ILE A 1 29  ? -5.230  -0.915  5.894   1.00 15.99 ? 28  ILE A CA  1 
ATOM   213  C  C   . ILE A 1 29  ? -5.360  0.603   5.940   1.00 15.65 ? 28  ILE A C   1 
ATOM   214  O  O   . ILE A 1 29  ? -4.570  1.265   6.574   1.00 16.49 ? 28  ILE A O   1 
ATOM   215  C  CB  . ILE A 1 29  ? -4.635  -1.378  4.558   1.00 16.18 ? 28  ILE A CB  1 
ATOM   216  C  CG1 . ILE A 1 29  ? -4.179  -2.831  4.694   1.00 16.46 ? 28  ILE A CG1 1 
ATOM   217  C  CG2 . ILE A 1 29  ? -3.474  -0.473  4.148   1.00 17.85 ? 28  ILE A CG2 1 
ATOM   218  C  CD1 . ILE A 1 29  ? -3.949  -3.487  3.348   1.00 16.98 ? 28  ILE A CD1 1 
ATOM   219  N  N   . LEU A 1 30  ? -6.383  1.167   5.299   1.00 15.08 ? 29  LEU A N   1 
ATOM   220  C  CA  . LEU A 1 30  ? -6.539  2.619   5.329   1.00 15.05 ? 29  LEU A CA  1 
ATOM   221  C  C   . LEU A 1 30  ? -6.862  3.138   6.718   1.00 15.60 ? 29  LEU A C   1 
ATOM   222  O  O   . LEU A 1 30  ? -6.319  4.174   7.102   1.00 16.07 ? 29  LEU A O   1 
ATOM   223  C  CB  . LEU A 1 30  ? -7.626  3.060   4.359   1.00 16.37 ? 29  LEU A CB  1 
ATOM   224  C  CG  . LEU A 1 30  ? -7.225  2.884   2.896   1.00 18.99 ? 29  LEU A CG  1 
ATOM   225  C  CD1 . LEU A 1 30  ? -8.377  3.377   2.038   1.00 20.47 ? 29  LEU A CD1 1 
ATOM   226  C  CD2 . LEU A 1 30  ? -5.980  3.650   2.524   1.00 20.55 ? 29  LEU A CD2 1 
ATOM   227  N  N   . ILE A 1 31  ? -7.701  2.421   7.459   1.00 15.39 ? 30  ILE A N   1 
ATOM   228  C  CA  . ILE A 1 31  ? -7.983  2.833   8.841   1.00 17.37 ? 30  ILE A CA  1 
ATOM   229  C  C   . ILE A 1 31  ? -6.730  2.753   9.713   1.00 17.51 ? 30  ILE A C   1 
ATOM   230  O  O   . ILE A 1 31  ? -6.461  3.681   10.467  1.00 18.96 ? 30  ILE A O   1 
ATOM   231  C  CB  . ILE A 1 31  ? -9.157  2.057   9.417   1.00 18.15 ? 30  ILE A CB  1 
ATOM   232  C  CG1 . ILE A 1 31  ? -10.403 2.490   8.645   1.00 19.32 ? 30  ILE A CG1 1 
ATOM   233  C  CG2 . ILE A 1 31  ? -9.311  2.319   10.921  1.00 19.79 ? 30  ILE A CG2 1 
ATOM   234  C  CD1 . ILE A 1 31  ? -11.649 1.711   8.989   1.00 21.71 ? 30  ILE A CD1 1 
ATOM   235  N  N   . ARG A 1 32  ? -5.952  1.685   9.573   1.00 17.74 ? 31  ARG A N   1 
ATOM   236  C  CA  . ARG A 1 32  ? -4.713  1.575   10.350  1.00 18.96 ? 31  ARG A CA  1 
ATOM   237  C  C   . ARG A 1 32  ? -3.766  2.759   10.030  1.00 19.00 ? 31  ARG A C   1 
ATOM   238  O  O   . ARG A 1 32  ? -3.172  3.389   10.929  1.00 19.32 ? 31  ARG A O   1 
ATOM   239  C  CB  . ARG A 1 32  ? -4.039  0.220   10.121  1.00 22.03 ? 31  ARG A CB  1 
ATOM   240  C  CG  . ARG A 1 32  ? -2.650  0.101   10.736  1.00 25.63 ? 31  ARG A CG  1 
ATOM   241  C  CD  . ARG A 1 32  ? -2.724  -0.004  12.244  1.00 30.02 ? 31  ARG A CD  1 
ATOM   242  N  NE  . ARG A 1 32  ? -1.378  0.147   12.791  1.00 36.48 ? 31  ARG A NE  1 
ATOM   243  C  CZ  . ARG A 1 32  ? -0.996  -0.233  14.009  1.00 38.99 ? 31  ARG A CZ  1 
ATOM   244  N  NH1 . ARG A 1 32  ? -1.853  -0.823  14.836  1.00 38.57 ? 31  ARG A NH1 1 
ATOM   245  N  NH2 . ARG A 1 32  ? 0.260   -0.034  14.385  1.00 37.44 ? 31  ARG A NH2 1 
ATOM   246  N  N   . LEU A 1 33  ? -3.613  3.072   8.757   1.00 16.97 ? 32  LEU A N   1 
ATOM   247  C  CA  . LEU A 1 33  ? -2.796  4.214   8.331   1.00 16.08 ? 32  LEU A CA  1 
ATOM   248  C  C   . LEU A 1 33  ? -3.258  5.515   8.966   1.00 17.49 ? 32  LEU A C   1 
ATOM   249  O  O   . LEU A 1 33  ? -2.445  6.264   9.492   1.00 17.87 ? 32  LEU A O   1 
ATOM   250  C  CB  . LEU A 1 33  ? -2.805  4.353   6.797   1.00 16.55 ? 32  LEU A CB  1 
ATOM   251  C  CG  . LEU A 1 33  ? -2.045  5.559   6.234   1.00 17.55 ? 32  LEU A CG  1 
ATOM   252  C  CD1 . LEU A 1 33  ? -0.534  5.419   6.450   1.00 20.49 ? 32  LEU A CD1 1 
ATOM   253  C  CD2 . LEU A 1 33  ? -2.335  5.789   4.751   1.00 18.89 ? 32  LEU A CD2 1 
ATOM   254  N  N   . PHE A 1 34  ? -4.550  5.799   8.842   1.00 16.73 ? 33  PHE A N   1 
ATOM   255  C  CA  . PHE A 1 34  ? -5.072  7.077   9.323   1.00 17.67 ? 33  PHE A CA  1 
ATOM   256  C  C   . PHE A 1 34  ? -5.044  7.212   10.842  1.00 19.47 ? 33  PHE A C   1 
ATOM   257  O  O   . PHE A 1 34  ? -4.911  8.330   11.337  1.00 20.24 ? 33  PHE A O   1 
ATOM   258  C  CB  . PHE A 1 34  ? -6.508  7.291   8.822   1.00 16.99 ? 33  PHE A CB  1 
ATOM   259  C  CG  . PHE A 1 34  ? -6.615  7.399   7.329   1.00 18.09 ? 33  PHE A CG  1 
ATOM   260  C  CD1 . PHE A 1 34  ? -5.577  7.907   6.550   1.00 20.15 ? 33  PHE A CD1 1 
ATOM   261  C  CD2 . PHE A 1 34  ? -7.791  7.038   6.715   1.00 20.89 ? 33  PHE A CD2 1 
ATOM   262  C  CE1 . PHE A 1 34  ? -5.706  8.004   5.171   1.00 20.11 ? 33  PHE A CE1 1 
ATOM   263  C  CE2 . PHE A 1 34  ? -7.941  7.146   5.349   1.00 20.12 ? 33  PHE A CE2 1 
ATOM   264  C  CZ  . PHE A 1 34  ? -6.895  7.633   4.566   1.00 21.07 ? 33  PHE A CZ  1 
ATOM   265  N  N   . LYS A 1 35  ? -5.143  6.101   11.565  1.00 20.42 ? 34  LYS A N   1 
ATOM   266  C  CA  . LYS A 1 35  ? -5.126  6.135   13.037  1.00 22.81 ? 34  LYS A CA  1 
ATOM   267  C  C   . LYS A 1 35  ? -3.706  6.289   13.532  1.00 23.84 ? 34  LYS A C   1 
ATOM   268  O  O   . LYS A 1 35  ? -3.425  7.095   14.437  1.00 23.62 ? 34  LYS A O   1 
ATOM   269  C  CB  . LYS A 1 35  ? -5.786  4.892   13.614  1.00 25.05 ? 34  LYS A CB  1 
ATOM   270  C  CG  . LYS A 1 35  ? -7.306  4.959   13.609  1.00 28.31 ? 34  LYS A CG  1 
ATOM   271  C  CD  . LYS A 1 35  ? -7.885  5.918   14.664  1.00 35.49 ? 34  LYS A CD  1 
ATOM   272  C  CE  . LYS A 1 35  ? -8.038  7.337   14.126  1.00 36.33 ? 34  LYS A CE  1 
ATOM   273  N  NZ  . LYS A 1 35  ? -9.046  8.192   14.822  1.00 39.47 ? 34  LYS A NZ  1 
ATOM   274  N  N   . SER A 1 36  ? -2.800  5.551   12.912  1.00 20.85 ? 35  SER A N   1 
ATOM   275  C  CA  . SER A 1 36  ? -1.398  5.594   13.280  1.00 21.98 ? 35  SER A CA  1 
ATOM   276  C  C   . SER A 1 36  ? -0.767  6.907   12.869  1.00 20.14 ? 35  SER A C   1 
ATOM   277  O  O   . SER A 1 36  ? 0.075   7.454   13.599  1.00 22.65 ? 35  SER A O   1 
ATOM   278  C  CB  . SER A 1 36  ? -0.628  4.439   12.654  1.00 23.54 ? 35  SER A CB  1 
ATOM   279  O  OG  . SER A 1 36  ? -0.953  3.214   13.290  1.00 28.05 ? 35  SER A OG  1 
ATOM   280  N  N   . HIS A 1 37  ? -1.185  7.453   11.730  1.00 18.69 ? 36  HIS A N   1 
ATOM   281  C  CA  . HIS A 1 37  ? -0.542  8.645   11.178  1.00 19.26 ? 36  HIS A CA  1 
ATOM   282  C  C   . HIS A 1 37  ? -1.614  9.584   10.679  1.00 19.46 ? 36  HIS A C   1 
ATOM   283  O  O   . HIS A 1 37  ? -1.839  9.722   9.452   1.00 20.79 ? 36  HIS A O   1 
ATOM   284  C  CB  . HIS A 1 37  ? 0.431   8.236   10.075  1.00 19.07 ? 36  HIS A CB  1 
ATOM   285  C  CG  . HIS A 1 37  ? 1.628   7.538   10.615  1.00 21.09 ? 36  HIS A CG  1 
ATOM   286  N  ND1 . HIS A 1 37  ? 2.632   8.205   11.232  1.00 19.80 ? 36  HIS A ND1 1 
ATOM   287  C  CD2 . HIS A 1 37  ? 1.951   6.202   10.655  1.00 21.18 ? 36  HIS A CD2 1 
ATOM   288  C  CE1 . HIS A 1 37  ? 3.553   7.305   11.668  1.00 23.60 ? 36  HIS A CE1 1 
ATOM   289  N  NE2 . HIS A 1 37  ? 3.137   6.081   11.294  1.00 23.73 ? 36  HIS A NE2 1 
ATOM   290  N  N   . PRO A 1 38  ? -2.279  10.291  11.615  1.00 18.74 ? 37  PRO A N   1 
ATOM   291  C  CA  . PRO A 1 38  ? -3.397  11.132  11.214  1.00 19.13 ? 37  PRO A CA  1 
ATOM   292  C  C   . PRO A 1 38  ? -3.010  12.250  10.246  1.00 18.30 ? 37  PRO A C   1 
ATOM   293  O  O   . PRO A 1 38  ? -3.875  12.752  9.532   1.00 20.06 ? 37  PRO A O   1 
ATOM   294  C  CB  . PRO A 1 38  ? -3.902  11.734  12.536  1.00 18.96 ? 37  PRO A CB  1 
ATOM   295  C  CG  . PRO A 1 38  ? -2.863  11.434  13.551  1.00 21.92 ? 37  PRO A CG  1 
ATOM   296  C  CD  . PRO A 1 38  ? -2.095  10.245  13.081  1.00 19.77 ? 37  PRO A CD  1 
ATOM   297  N  N   . GLU A 1 39  ? -1.731  12.636  10.209  1.00 18.44 ? 38  GLU A N   1 
ATOM   298  C  CA  . GLU A 1 39  ? -1.246  13.580  9.210   1.00 20.40 ? 38  GLU A CA  1 
ATOM   299  C  C   . GLU A 1 39  ? -1.486  13.098  7.766   1.00 21.86 ? 38  GLU A C   1 
ATOM   300  O  O   . GLU A 1 39  ? -1.594  13.925  6.866   1.00 24.97 ? 38  GLU A O   1 
ATOM   301  C  CB  . GLU A 1 39  ? 0.247   13.934  9.444   1.00 22.55 ? 38  GLU A CB  1 
ATOM   302  C  CG  . GLU A 1 39  ? 1.270   12.821  9.210   1.00 23.63 ? 38  GLU A CG  1 
ATOM   303  C  CD  . GLU A 1 39  ? 1.510   11.891  10.401  1.00 22.65 ? 38  GLU A CD  1 
ATOM   304  O  OE1 . GLU A 1 39  ? 0.596   11.682  11.211  1.00 23.56 ? 38  GLU A OE1 1 
ATOM   305  O  OE2 . GLU A 1 39  ? 2.616   11.281  10.570  1.00 24.77 ? 38  GLU A OE2 1 
ATOM   306  N  N   . THR A 1 40  ? -1.574  11.780  7.551   1.00 21.31 ? 39  THR A N   1 
ATOM   307  C  CA  . THR A 1 40  ? -1.783  11.276  6.157   1.00 22.38 ? 39  THR A CA  1 
ATOM   308  C  C   . THR A 1 40  ? -3.203  11.545  5.648   1.00 23.45 ? 39  THR A C   1 
ATOM   309  O  O   . THR A 1 40  ? -3.431  11.746  4.452   1.00 24.78 ? 39  THR A O   1 
ATOM   310  C  CB  . THR A 1 40  ? -1.471  9.774   6.017   1.00 21.34 ? 39  THR A CB  1 
ATOM   311  O  OG1 . THR A 1 40  ? -2.306  9.009   6.883   1.00 21.44 ? 39  THR A OG1 1 
ATOM   312  C  CG2 . THR A 1 40  ? -0.003  9.469   6.367   1.00 21.40 ? 39  THR A CG2 1 
ATOM   313  N  N   . LEU A 1 41  ? -4.148  11.531  6.577   1.00 25.57 ? 40  LEU A N   1 
ATOM   314  C  CA  . LEU A 1 41  ? -5.525  11.853  6.301   1.00 27.42 ? 40  LEU A CA  1 
ATOM   315  C  C   . LEU A 1 41  ? -5.660  13.226  5.644   1.00 26.65 ? 40  LEU A C   1 
ATOM   316  O  O   . LEU A 1 41  ? -6.517  13.413  4.785   1.00 26.75 ? 40  LEU A O   1 
ATOM   317  C  CB  . LEU A 1 41  ? -6.338  11.757  7.598   1.00 28.86 ? 40  LEU A CB  1 
ATOM   318  C  CG  . LEU A 1 41  ? -7.860  11.722  7.523   1.00 31.51 ? 40  LEU A CG  1 
ATOM   319  C  CD1 . LEU A 1 41  ? -8.359  10.526  6.737   1.00 29.60 ? 40  LEU A CD1 1 
ATOM   320  C  CD2 . LEU A 1 41  ? -8.410  11.706  8.940   1.00 32.32 ? 40  LEU A CD2 1 
ATOM   321  N  N   . GLU A 1 42  ? -4.788  14.171  6.027   1.00 28.82 ? 41  GLU A N   1 
ATOM   322  C  CA  . GLU A 1 42  ? -4.806  15.554  5.540   1.00 31.68 ? 41  GLU A CA  1 
ATOM   323  C  C   . GLU A 1 42  ? -4.523  15.689  4.049   1.00 31.31 ? 41  GLU A C   1 
ATOM   324  O  O   . GLU A 1 42  ? -4.883  16.695  3.417   1.00 33.21 ? 41  GLU A O   1 
ATOM   325  C  CB  . GLU A 1 42  ? -3.791  16.407  6.326   1.00 35.59 ? 41  GLU A CB  1 
ATOM   326  C  CG  . GLU A 1 42  ? -3.773  17.885  5.941   1.00 40.94 ? 41  GLU A CG  1 
ATOM   327  C  CD  . GLU A 1 42  ? -5.052  18.624  6.316   1.00 43.38 ? 41  GLU A CD  1 
ATOM   328  O  OE1 . GLU A 1 42  ? -5.689  18.262  7.337   1.00 43.30 ? 41  GLU A OE1 1 
ATOM   329  O  OE2 . GLU A 1 42  ? -5.410  19.576  5.588   1.00 44.99 ? 41  GLU A OE2 1 
ATOM   330  N  N   . LYS A 1 43  ? -3.878  14.668  3.482   1.00 27.53 ? 42  LYS A N   1 
ATOM   331  C  CA  . LYS A 1 43  ? -3.604  14.659  2.059   1.00 27.44 ? 42  LYS A CA  1 
ATOM   332  C  C   . LYS A 1 43  ? -4.842  14.317  1.231   1.00 25.03 ? 42  LYS A C   1 
ATOM   333  O  O   . LYS A 1 43  ? -4.853  14.507  0.021   1.00 25.68 ? 42  LYS A O   1 
ATOM   334  C  CB  . LYS A 1 43  ? -2.454  13.683  1.742   1.00 26.88 ? 42  LYS A CB  1 
ATOM   335  C  CG  . LYS A 1 43  ? -1.078  14.199  2.169   1.00 28.14 ? 42  LYS A CG  1 
ATOM   336  C  CD  . LYS A 1 43  ? -0.660  15.395  1.327   1.00 29.54 ? 42  LYS A CD  1 
ATOM   337  C  CE  . LYS A 1 43  ? 0.732   15.903  1.673   1.00 32.38 ? 42  LYS A CE  1 
ATOM   338  N  NZ  . LYS A 1 43  ? 1.094   16.970  0.703   1.00 34.63 ? 42  LYS A NZ  1 
ATOM   339  N  N   . PHE A 1 44  ? -5.886  13.813  1.882   1.00 23.35 ? 43  PHE A N   1 
ATOM   340  C  CA  . PHE A 1 44  ? -7.092  13.424  1.175   1.00 22.18 ? 43  PHE A CA  1 
ATOM   341  C  C   . PHE A 1 44  ? -8.242  14.412  1.400   1.00 23.83 ? 43  PHE A C   1 
ATOM   342  O  O   . PHE A 1 44  ? -8.936  14.329  2.414   1.00 22.16 ? 43  PHE A O   1 
ATOM   343  C  CB  . PHE A 1 44  ? -7.587  12.069  1.688   1.00 20.49 ? 43  PHE A CB  1 
ATOM   344  C  CG  . PHE A 1 44  ? -6.758  10.876  1.282   1.00 18.82 ? 43  PHE A CG  1 
ATOM   345  C  CD1 . PHE A 1 44  ? -5.715  10.418  2.094   1.00 20.90 ? 43  PHE A CD1 1 
ATOM   346  C  CD2 . PHE A 1 44  ? -7.098  10.142  0.150   1.00 20.65 ? 43  PHE A CD2 1 
ATOM   347  C  CE1 . PHE A 1 44  ? -4.988  9.279   1.751   1.00 20.83 ? 43  PHE A CE1 1 
ATOM   348  C  CE2 . PHE A 1 44  ? -6.370  9.004   -0.210  1.00 19.87 ? 43  PHE A CE2 1 
ATOM   349  C  CZ  . PHE A 1 44  ? -5.333  8.563   0.604   1.00 20.32 ? 43  PHE A CZ  1 
ATOM   350  N  N   . ASP A 1 45  ? -8.477  15.310  0.454   1.00 25.52 ? 44  ASP A N   1 
ATOM   351  C  CA  . ASP A 1 45  ? -9.662  16.187  0.522   1.00 29.26 ? 44  ASP A CA  1 
ATOM   352  C  C   . ASP A 1 45  ? -10.944 15.355  0.660   1.00 26.51 ? 44  ASP A C   1 
ATOM   353  O  O   . ASP A 1 45  ? -11.903 15.743  1.334   1.00 27.13 ? 44  ASP A O   1 
ATOM   354  C  CB  . ASP A 1 45  ? -9.784  17.061  -0.725  1.00 34.85 ? 44  ASP A CB  1 
ATOM   355  C  CG  . ASP A 1 45  ? -8.730  18.149  -0.797  1.00 39.41 ? 44  ASP A CG  1 
ATOM   356  O  OD1 . ASP A 1 45  ? -8.298  18.672  0.256   1.00 46.04 ? 44  ASP A OD1 1 
ATOM   357  O  OD2 . ASP A 1 45  ? -8.352  18.492  -1.934  1.00 45.43 ? 44  ASP A OD2 1 
ATOM   358  N  N   . ARG A 1 46  ? -10.934 14.189  0.027   1.00 23.86 ? 45  ARG A N   1 
ATOM   359  C  CA  . ARG A 1 46  ? -12.025 13.273  0.053   1.00 20.31 ? 45  ARG A CA  1 
ATOM   360  C  C   . ARG A 1 46  ? -12.344 12.698  1.436   1.00 19.49 ? 45  ARG A C   1 
ATOM   361  O  O   . ARG A 1 46  ? -13.475 12.284  1.690   1.00 18.47 ? 45  ARG A O   1 
ATOM   362  C  CB  . ARG A 1 46  ? -11.667 12.158  -0.912  1.00 22.75 ? 45  ARG A CB  1 
ATOM   363  C  CG  . ARG A 1 46  ? -12.765 11.185  -1.218  1.00 22.81 ? 45  ARG A CG  1 
ATOM   364  C  CD  . ARG A 1 46  ? -12.354 10.408  -2.463  1.00 25.79 ? 45  ARG A CD  1 
ATOM   365  N  NE  . ARG A 1 46  ? -13.088 9.168   -2.599  1.00 24.65 ? 45  ARG A NE  1 
ATOM   366  C  CZ  . ARG A 1 46  ? -12.712 8.162   -3.394  1.00 25.91 ? 45  ARG A CZ  1 
ATOM   367  N  NH1 . ARG A 1 46  ? -11.592 8.261   -4.121  1.00 26.52 ? 45  ARG A NH1 1 
ATOM   368  N  NH2 . ARG A 1 46  ? -13.435 7.049   -3.442  1.00 27.19 ? 45  ARG A NH2 1 
ATOM   369  N  N   . PHE A 1 47  ? -11.349 12.632  2.332   1.00 17.98 ? 46  PHE A N   1 
ATOM   370  C  CA  . PHE A 1 47  ? -11.573 11.951  3.628   1.00 18.44 ? 46  PHE A CA  1 
ATOM   371  C  C   . PHE A 1 47  ? -11.257 12.783  4.866   1.00 20.36 ? 46  PHE A C   1 
ATOM   372  O  O   . PHE A 1 47  ? -11.486 12.314  5.992   1.00 20.88 ? 46  PHE A O   1 
ATOM   373  C  CB  . PHE A 1 47  ? -10.748 10.636  3.696   1.00 16.57 ? 46  PHE A CB  1 
ATOM   374  C  CG  . PHE A 1 47  ? -11.088 9.636   2.618   1.00 16.55 ? 46  PHE A CG  1 
ATOM   375  C  CD1 . PHE A 1 47  ? -12.409 9.205   2.411   1.00 17.83 ? 46  PHE A CD1 1 
ATOM   376  C  CD2 . PHE A 1 47  ? -10.084 9.123   1.809   1.00 18.29 ? 46  PHE A CD2 1 
ATOM   377  C  CE1 . PHE A 1 47  ? -12.715 8.298   1.397   1.00 19.11 ? 46  PHE A CE1 1 
ATOM   378  C  CE2 . PHE A 1 47  ? -10.389 8.216   0.787   1.00 18.01 ? 46  PHE A CE2 1 
ATOM   379  C  CZ  . PHE A 1 47  ? -11.700 7.801   0.588   1.00 19.95 ? 46  PHE A CZ  1 
ATOM   380  N  N   . LYS A 1 48  ? -10.763 14.002  4.675   1.00 23.19 ? 47  LYS A N   1 
ATOM   381  C  CA  . LYS A 1 48  ? -10.217 14.770  5.800   1.00 25.62 ? 47  LYS A CA  1 
ATOM   382  C  C   . LYS A 1 48  ? -11.263 15.177  6.844   1.00 27.22 ? 47  LYS A C   1 
ATOM   383  O  O   . LYS A 1 48  ? -10.895 15.571  7.949   1.00 29.32 ? 47  LYS A O   1 
ATOM   384  C  CB  . LYS A 1 48  ? -9.343  15.952  5.327   1.00 29.51 ? 47  LYS A CB  1 
ATOM   385  C  CG  . LYS A 1 48  ? -10.050 17.091  4.618   1.00 32.40 ? 47  LYS A CG  1 
ATOM   386  C  CD  . LYS A 1 48  ? -9.039  18.178  4.254   1.00 36.57 ? 47  LYS A CD  1 
ATOM   387  C  CE  . LYS A 1 48  ? -9.611  19.193  3.272   1.00 40.04 ? 47  LYS A CE  1 
ATOM   388  N  NZ  . LYS A 1 48  ? -10.524 20.198  3.895   1.00 42.23 ? 47  LYS A NZ  1 
ATOM   389  N  N   . HIS A 1 49  ? -12.547 15.026  6.514   1.00 24.98 ? 48  HIS A N   1 
ATOM   390  C  CA  . HIS A 1 49  ? -13.653 15.292  7.443   1.00 25.70 ? 48  HIS A CA  1 
ATOM   391  C  C   . HIS A 1 49  ? -13.867 14.178  8.434   1.00 25.88 ? 48  HIS A C   1 
ATOM   392  O  O   . HIS A 1 49  ? -14.614 14.331  9.398   1.00 29.40 ? 48  HIS A O   1 
ATOM   393  C  CB  . HIS A 1 49  ? -14.954 15.500  6.665   1.00 24.29 ? 48  HIS A CB  1 
ATOM   394  C  CG  . HIS A 1 49  ? -15.405 14.267  5.916   1.00 22.77 ? 48  HIS A CG  1 
ATOM   395  N  ND1 . HIS A 1 49  ? -14.880 13.908  4.715   1.00 23.98 ? 48  HIS A ND1 1 
ATOM   396  C  CD2 . HIS A 1 49  ? -16.337 13.286  6.249   1.00 23.04 ? 48  HIS A CD2 1 
ATOM   397  C  CE1 . HIS A 1 49  ? -15.447 12.755  4.318   1.00 22.20 ? 48  HIS A CE1 1 
ATOM   398  N  NE2 . HIS A 1 49  ? -16.346 12.384  5.250   1.00 23.01 ? 48  HIS A NE2 1 
ATOM   399  N  N   . LEU A 1 50  ? -13.269 13.018  8.187   1.00 25.25 ? 49  LEU A N   1 
ATOM   400  C  CA  . LEU A 1 50  ? -13.404 11.898  9.099   1.00 26.64 ? 49  LEU A CA  1 
ATOM   401  C  C   . LEU A 1 50  ? -12.500 12.196  10.303  1.00 28.72 ? 49  LEU A C   1 
ATOM   402  O  O   . LEU A 1 50  ? -11.294 12.405  10.149  1.00 31.11 ? 49  LEU A O   1 
ATOM   403  C  CB  . LEU A 1 50  ? -13.008 10.610  8.392   1.00 26.02 ? 49  LEU A CB  1 
ATOM   404  C  CG  . LEU A 1 50  ? -13.873 10.248  7.182   1.00 24.88 ? 49  LEU A CG  1 
ATOM   405  C  CD1 . LEU A 1 50  ? -13.151 9.197   6.351   1.00 25.88 ? 49  LEU A CD1 1 
ATOM   406  C  CD2 . LEU A 1 50  ? -15.275 9.779   7.568   1.00 25.92 ? 49  LEU A CD2 1 
ATOM   407  N  N   . LYS A 1 51  ? -13.098 12.308  11.489  1.00 29.01 ? 50  LYS A N   1 
ATOM   408  C  CA  . LYS A 1 51  ? -12.339 12.737  12.671  1.00 32.30 ? 50  LYS A CA  1 
ATOM   409  C  C   . LYS A 1 51  ? -12.109 11.569  13.600  1.00 30.98 ? 50  LYS A C   1 
ATOM   410  O  O   . LYS A 1 51  ? -11.191 11.591  14.426  1.00 36.43 ? 50  LYS A O   1 
ATOM   411  C  CB  . LYS A 1 51  ? -13.071 13.833  13.465  1.00 35.21 ? 50  LYS A CB  1 
ATOM   412  C  CG  . LYS A 1 51  ? -13.534 15.058  12.685  1.00 39.69 ? 50  LYS A CG  1 
ATOM   413  C  CD  . LYS A 1 51  ? -14.095 16.143  13.606  1.00 43.71 ? 50  LYS A CD  1 
ATOM   414  C  CE  . LYS A 1 51  ? -15.033 15.609  14.692  1.00 46.19 ? 50  LYS A CE  1 
ATOM   415  N  NZ  . LYS A 1 51  ? -16.266 14.942  14.184  1.00 47.63 ? 50  LYS A NZ  1 
ATOM   416  N  N   . THR A 1 52  ? -12.956 10.563  13.488  1.00 26.53 ? 51  THR A N   1 
ATOM   417  C  CA  . THR A 1 52  ? -12.923 9.445   14.423  1.00 23.73 ? 51  THR A CA  1 
ATOM   418  C  C   . THR A 1 52  ? -12.859 8.099   13.726  1.00 23.80 ? 51  THR A C   1 
ATOM   419  O  O   . THR A 1 52  ? -13.306 7.885   12.584  1.00 21.18 ? 51  THR A O   1 
ATOM   420  C  CB  . THR A 1 52  ? -14.139 9.406   15.387  1.00 24.01 ? 51  THR A CB  1 
ATOM   421  O  OG1 . THR A 1 52  ? -15.273 8.871   14.683  1.00 24.61 ? 51  THR A OG1 1 
ATOM   422  C  CG2 . THR A 1 52  ? -14.470 10.790  16.000  1.00 24.36 ? 51  THR A CG2 1 
ATOM   423  N  N   . GLU A 1 53  ? -12.342 7.125   14.442  1.00 22.16 ? 52  GLU A N   1 
ATOM   424  C  CA  . GLU A 1 53  ? -12.288 5.803   13.945  1.00 20.81 ? 52  GLU A CA  1 
ATOM   425  C  C   . GLU A 1 53  ? -13.663 5.201   13.563  1.00 21.63 ? 52  GLU A C   1 
ATOM   426  O  O   . GLU A 1 53  ? -13.819 4.596   12.512  1.00 21.59 ? 52  GLU A O   1 
ATOM   427  C  CB  . GLU A 1 53  ? -11.518 4.921   14.935  1.00 24.01 ? 52  GLU A CB  1 
ATOM   428  C  CG  . GLU A 1 53  ? -11.384 3.520   14.402  1.00 24.74 ? 52  GLU A CG  1 
ATOM   429  C  CD  . GLU A 1 53  ? -10.486 2.622   15.214  1.00 29.68 ? 52  GLU A CD  1 
ATOM   430  O  OE1 . GLU A 1 53  ? -9.874  3.086   16.213  1.00 31.14 ? 52  GLU A OE1 1 
ATOM   431  O  OE2 . GLU A 1 53  ? -10.402 1.450   14.807  1.00 29.24 ? 52  GLU A OE2 1 
ATOM   432  N  N   . ALA A 1 54  ? -14.679 5.423   14.393  1.00 20.78 ? 53  ALA A N   1 
ATOM   433  C  CA  . ALA A 1 54  ? -16.012 4.960   14.057  1.00 19.63 ? 53  ALA A CA  1 
ATOM   434  C  C   . ALA A 1 54  ? -16.548 5.568   12.742  1.00 18.10 ? 53  ALA A C   1 
ATOM   435  O  O   . ALA A 1 54  ? -17.204 4.860   11.973  1.00 19.65 ? 53  ALA A O   1 
ATOM   436  C  CB  . ALA A 1 54  ? -16.975 5.257   15.213  1.00 21.51 ? 53  ALA A CB  1 
ATOM   437  N  N   . GLU A 1 55  ? -16.223 6.833   12.490  1.00 18.88 ? 54  GLU A N   1 
ATOM   438  C  CA  . GLU A 1 55  ? -16.642 7.504   11.223  1.00 18.64 ? 54  GLU A CA  1 
ATOM   439  C  C   . GLU A 1 55  ? -15.919 6.853   10.049  1.00 19.37 ? 54  GLU A C   1 
ATOM   440  O  O   . GLU A 1 55  ? -16.486 6.655   9.001   1.00 19.67 ? 54  GLU A O   1 
ATOM   441  C  CB  . GLU A 1 55  ? -16.354 9.008   11.245  1.00 19.84 ? 54  GLU A CB  1 
ATOM   442  C  CG  . GLU A 1 55  ? -17.262 9.834   12.193  1.00 23.35 ? 54  GLU A CG  1 
ATOM   443  C  CD  . GLU A 1 55  ? -16.726 11.232  12.536  1.00 26.82 ? 54  GLU A CD  1 
ATOM   444  O  OE1 . GLU A 1 55  ? -15.697 11.678  11.996  1.00 30.46 ? 54  GLU A OE1 1 
ATOM   445  O  OE2 . GLU A 1 55  ? -17.365 11.944  13.360  1.00 30.46 ? 54  GLU A OE2 1 
ATOM   446  N  N   . MET A 1 56  ? -14.673 6.445   10.250  1.00 18.99 ? 55  MET A N   1 
ATOM   447  C  CA  . MET A 1 56  ? -13.938 5.835   9.139   1.00 17.96 ? 55  MET A CA  1 
ATOM   448  C  C   . MET A 1 56  ? -14.521 4.478   8.781   1.00 19.09 ? 55  MET A C   1 
ATOM   449  O  O   . MET A 1 56  ? -14.670 4.126   7.617   1.00 19.59 ? 55  MET A O   1 
ATOM   450  C  CB  . MET A 1 56  ? -12.445 5.697   9.501   1.00 18.14 ? 55  MET A CB  1 
ATOM   451  C  CG  . MET A 1 56  ? -11.724 7.013   9.623   1.00 18.90 ? 55  MET A CG  1 
ATOM   452  S  SD  . MET A 1 56  ? -10.109 6.577   10.304  1.00 24.99 ? 55  MET A SD  1 
ATOM   453  C  CE  . MET A 1 56  ? -9.581  8.129   10.980  1.00 24.84 ? 55  MET A CE  1 
ATOM   454  N  N   . LYS A 1 57  ? -14.883 3.715   9.813   1.00 18.61 ? 56  LYS A N   1 
ATOM   455  C  CA  . LYS A 1 57  ? -15.468 2.396   9.614   1.00 21.32 ? 56  LYS A CA  1 
ATOM   456  C  C   . LYS A 1 57  ? -16.830 2.468   8.919   1.00 20.57 ? 56  LYS A C   1 
ATOM   457  O  O   . LYS A 1 57  ? -17.199 1.556   8.187   1.00 23.52 ? 56  LYS A O   1 
ATOM   458  C  CB  . LYS A 1 57  ? -15.608 1.672   10.961  1.00 25.09 ? 56  LYS A CB  1 
ATOM   459  C  CG  . LYS A 1 57  ? -14.271 1.396   11.630  1.00 30.01 ? 56  LYS A CG  1 
ATOM   460  C  CD  . LYS A 1 57  ? -14.334 0.221   12.608  1.00 33.17 ? 56  LYS A CD  1 
ATOM   461  C  CE  . LYS A 1 57  ? -12.936 -0.217  13.044  1.00 36.49 ? 56  LYS A CE  1 
ATOM   462  N  NZ  . LYS A 1 57  ? -12.391 -1.335  12.214  1.00 36.72 ? 56  LYS A NZ  1 
ATOM   463  N  N   . ALA A 1 58  ? -17.529 3.584   9.098   1.00 20.33 ? 57  ALA A N   1 
ATOM   464  C  CA  . ALA A 1 58  ? -18.863 3.744   8.543   1.00 22.07 ? 57  ALA A CA  1 
ATOM   465  C  C   . ALA A 1 58  ? -18.875 4.258   7.110   1.00 22.50 ? 57  ALA A C   1 
ATOM   466  O  O   . ALA A 1 58  ? -19.925 4.270   6.458   1.00 23.68 ? 57  ALA A O   1 
ATOM   467  C  CB  . ALA A 1 58  ? -19.675 4.679   9.425   1.00 22.45 ? 57  ALA A CB  1 
ATOM   468  N  N   . SER A 1 59  ? -17.722 4.670   6.612   1.00 19.62 ? 58  SER A N   1 
ATOM   469  C  CA  . SER A 1 59  ? -17.649 5.289   5.274   1.00 18.11 ? 58  SER A CA  1 
ATOM   470  C  C   . SER A 1 59  ? -17.594 4.282   4.129   1.00 18.34 ? 58  SER A C   1 
ATOM   471  O  O   . SER A 1 59  ? -16.627 3.523   3.975   1.00 17.34 ? 58  SER A O   1 
ATOM   472  C  CB  . SER A 1 59  ? -16.432 6.196   5.209   1.00 17.09 ? 58  SER A CB  1 
ATOM   473  O  OG  . SER A 1 59  ? -16.297 6.734   3.903   1.00 16.81 ? 58  SER A OG  1 
ATOM   474  N  N   . GLU A 1 60  ? -18.626 4.256   3.291   1.00 17.48 ? 59  GLU A N   1 
ATOM   475  C  CA  . GLU A 1 60  ? -18.579 3.385   2.124   1.00 17.07 ? 59  GLU A CA  1 
ATOM   476  C  C   . GLU A 1 60  ? -17.530 3.888   1.132   1.00 15.64 ? 59  GLU A C   1 
ATOM   477  O  O   . GLU A 1 60  ? -16.918 3.103   0.420   1.00 16.78 ? 59  GLU A O   1 
ATOM   478  C  CB  . GLU A 1 60  ? -19.941 3.357   1.424   1.00 19.25 ? 59  GLU A CB  1 
ATOM   479  C  CG  . GLU A 1 60  ? -20.995 2.582   2.184   1.00 21.34 ? 59  GLU A CG  1 
ATOM   480  C  CD  . GLU A 1 60  ? -20.715 1.080   2.208   1.00 19.84 ? 59  GLU A CD  1 
ATOM   481  O  OE1 . GLU A 1 60  ? -20.277 0.515   1.177   1.00 22.68 ? 59  GLU A OE1 1 
ATOM   482  O  OE2 . GLU A 1 60  ? -20.984 0.449   3.263   1.00 24.46 ? 59  GLU A OE2 1 
ATOM   483  N  N   . ASP A 1 61  ? -17.339 5.201   1.091   1.00 15.26 ? 60  ASP A N   1 
ATOM   484  C  CA  . ASP A 1 61  ? -16.403 5.770   0.131   1.00 16.59 ? 60  ASP A CA  1 
ATOM   485  C  C   . ASP A 1 61  ? -14.970 5.379   0.461   1.00 16.29 ? 60  ASP A C   1 
ATOM   486  O  O   . ASP A 1 61  ? -14.155 5.150   -0.438  1.00 16.41 ? 60  ASP A O   1 
ATOM   487  C  CB  . ASP A 1 61  ? -16.575 7.283   0.060   1.00 18.26 ? 60  ASP A CB  1 
ATOM   488  C  CG  . ASP A 1 61  ? -15.922 7.870   -1.157  1.00 18.59 ? 60  ASP A CG  1 
ATOM   489  O  OD1 . ASP A 1 61  ? -16.073 7.306   -2.258  1.00 20.86 ? 60  ASP A OD1 1 
ATOM   490  O  OD2 . ASP A 1 61  ? -15.261 8.899   -0.990  1.00 23.61 ? 60  ASP A OD2 1 
ATOM   491  N  N   . LEU A 1 62  ? -14.676 5.336   1.749   1.00 15.76 ? 61  LEU A N   1 
ATOM   492  C  CA  . LEU A 1 62  ? -13.336 4.914   2.153   1.00 15.22 ? 61  LEU A CA  1 
ATOM   493  C  C   . LEU A 1 62  ? -13.099 3.451   1.755   1.00 16.20 ? 61  LEU A C   1 
ATOM   494  O  O   . LEU A 1 62  ? -12.006 3.098   1.250   1.00 15.60 ? 61  LEU A O   1 
ATOM   495  C  CB  . LEU A 1 62  ? -13.191 5.094   3.672   1.00 15.52 ? 61  LEU A CB  1 
ATOM   496  C  CG  . LEU A 1 62  ? -11.790 4.782   4.231   1.00 15.32 ? 61  LEU A CG  1 
ATOM   497  C  CD1 A LEU A 1 62  ? -10.781 5.672   3.526   0.50 15.20 ? 61  LEU A CD1 1 
ATOM   498  C  CD1 B LEU A 1 62  ? -11.545 5.733   5.403   0.50 15.52 ? 61  LEU A CD1 1 
ATOM   499  C  CD2 A LEU A 1 62  ? -11.776 4.928   5.742   0.50 15.54 ? 61  LEU A CD2 1 
ATOM   500  C  CD2 B LEU A 1 62  ? -11.654 3.339   4.655   0.50 15.87 ? 61  LEU A CD2 1 
ATOM   501  N  N   . LYS A 1 63  ? -14.091 2.589   1.997   1.00 16.12 ? 62  LYS A N   1 
ATOM   502  C  CA  . LYS A 1 63  ? -14.007 1.197   1.588   1.00 16.90 ? 62  LYS A CA  1 
ATOM   503  C  C   . LYS A 1 63  ? -13.759 1.052   0.076   1.00 17.51 ? 62  LYS A C   1 
ATOM   504  O  O   . LYS A 1 63  ? -12.904 0.272   -0.342  1.00 18.67 ? 62  LYS A O   1 
ATOM   505  C  CB  . LYS A 1 63  ? -15.249 0.431   2.055   1.00 17.81 ? 62  LYS A CB  1 
ATOM   506  C  CG  . LYS A 1 63  ? -15.299 -1.015  1.609   1.00 18.80 ? 62  LYS A CG  1 
ATOM   507  C  CD  . LYS A 1 63  ? -16.337 -1.788  2.427   1.00 20.25 ? 62  LYS A CD  1 
ATOM   508  C  CE  . LYS A 1 63  ? -17.745 -1.258  2.222   1.00 20.72 ? 62  LYS A CE  1 
ATOM   509  N  NZ  . LYS A 1 63  ? -18.706 -2.064  3.026   1.00 20.99 ? 62  LYS A NZ  1 
ATOM   510  N  N   . LYS A 1 64  ? -14.479 1.838   -0.732  1.00 17.13 ? 63  LYS A N   1 
ATOM   511  C  CA  . LYS A 1 64  ? -14.275 1.838   -2.181  1.00 17.49 ? 63  LYS A CA  1 
ATOM   512  C  C   . LYS A 1 64  ? -12.848 2.207   -2.587  1.00 17.79 ? 63  LYS A C   1 
ATOM   513  O  O   . LYS A 1 64  ? -12.245 1.526   -3.425  1.00 17.00 ? 63  LYS A O   1 
ATOM   514  C  CB  . LYS A 1 64  ? -15.289 2.803   -2.830  1.00 20.34 ? 63  LYS A CB  1 
ATOM   515  C  CG  . LYS A 1 64  ? -15.174 2.867   -4.338  1.00 27.00 ? 63  LYS A CG  1 
ATOM   516  C  CD  . LYS A 1 64  ? -16.155 3.877   -4.929  1.00 31.68 ? 63  LYS A CD  1 
ATOM   517  C  CE  . LYS A 1 64  ? -16.023 3.908   -6.450  1.00 34.86 ? 63  LYS A CE  1 
ATOM   518  N  NZ  . LYS A 1 64  ? -17.205 4.559   -7.082  1.00 39.37 ? 63  LYS A NZ  1 
ATOM   519  N  N   . HIS A 1 65  ? -12.281 3.218   -1.944  1.00 15.96 ? 64  HIS A N   1 
ATOM   520  C  CA  . HIS A 1 65  ? -10.914 3.598   -2.254  1.00 15.98 ? 64  HIS A CA  1 
ATOM   521  C  C   . HIS A 1 65  ? -9.928  2.541   -1.815  1.00 15.48 ? 64  HIS A C   1 
ATOM   522  O  O   . HIS A 1 65  ? -8.905  2.334   -2.483  1.00 14.99 ? 64  HIS A O   1 
ATOM   523  C  CB  . HIS A 1 65  ? -10.546 4.971   -1.664  1.00 15.35 ? 64  HIS A CB  1 
ATOM   524  C  CG  . HIS A 1 65  ? -9.245  5.521   -2.228  1.00 17.50 ? 64  HIS A CG  1 
ATOM   525  N  ND1 . HIS A 1 65  ? -9.077  5.762   -3.552  1.00 18.81 ? 64  HIS A ND1 1 
ATOM   526  C  CD2 . HIS A 1 65  ? -8.024  5.777   -1.629  1.00 17.50 ? 64  HIS A CD2 1 
ATOM   527  C  CE1 . HIS A 1 65  ? -7.815  6.196   -3.773  1.00 19.57 ? 64  HIS A CE1 1 
ATOM   528  N  NE2 . HIS A 1 65  ? -7.179  6.228   -2.605  1.00 18.92 ? 64  HIS A NE2 1 
ATOM   529  N  N   . GLY A 1 66  ? -10.208 1.835   -0.720  1.00 14.65 ? 65  GLY A N   1 
ATOM   530  C  CA  . GLY A 1 66  ? -9.308  0.745   -0.318  1.00 15.65 ? 65  GLY A CA  1 
ATOM   531  C  C   . GLY A 1 66  ? -9.244  -0.347  -1.378  1.00 16.12 ? 65  GLY A C   1 
ATOM   532  O  O   . GLY A 1 66  ? -8.199  -0.918  -1.625  1.00 16.33 ? 65  GLY A O   1 
ATOM   533  N  N   . VAL A 1 67  ? -10.370 -0.620  -2.044  1.00 16.23 ? 66  VAL A N   1 
ATOM   534  C  CA  . VAL A 1 67  ? -10.345 -1.564  -3.167  1.00 17.12 ? 66  VAL A CA  1 
ATOM   535  C  C   . VAL A 1 67  ? -9.487  -1.042  -4.325  1.00 16.73 ? 66  VAL A C   1 
ATOM   536  O  O   . VAL A 1 67  ? -8.675  -1.780  -4.875  1.00 18.30 ? 66  VAL A O   1 
ATOM   537  C  CB  . VAL A 1 67  ? -11.771 -1.903  -3.640  1.00 17.82 ? 66  VAL A CB  1 
ATOM   538  C  CG1 . VAL A 1 67  ? -11.725 -2.822  -4.838  1.00 19.18 ? 66  VAL A CG1 1 
ATOM   539  C  CG2 . VAL A 1 67  ? -12.562 -2.536  -2.492  1.00 19.56 ? 66  VAL A CG2 1 
ATOM   540  N  N   . THR A 1 68  ? -9.631  0.241   -4.642  1.00 17.35 ? 67  THR A N   1 
ATOM   541  C  CA  . THR A 1 68  ? -8.814  0.887   -5.678  1.00 16.72 ? 67  THR A CA  1 
ATOM   542  C  C   . THR A 1 68  ? -7.321  0.763   -5.389  1.00 17.04 ? 67  THR A C   1 
ATOM   543  O  O   . THR A 1 68  ? -6.555  0.354   -6.251  1.00 18.45 ? 67  THR A O   1 
ATOM   544  C  CB  . THR A 1 68  ? -9.231  2.337   -5.850  1.00 18.38 ? 67  THR A CB  1 
ATOM   545  O  OG1 . THR A 1 68  ? -10.564 2.312   -6.356  1.00 20.93 ? 67  THR A OG1 1 
ATOM   546  C  CG2 . THR A 1 68  ? -8.312  3.069   -6.842  1.00 20.66 ? 67  THR A CG2 1 
ATOM   547  N  N   . VAL A 1 69  ? -6.941  1.016   -4.137  1.00 15.91 ? 68  VAL A N   1 
ATOM   548  C  CA  . VAL A 1 69  ? -5.543  0.956   -3.777  1.00 15.50 ? 68  VAL A CA  1 
ATOM   549  C  C   . VAL A 1 69  ? -4.993  -0.457  -3.856  1.00 16.02 ? 68  VAL A C   1 
ATOM   550  O  O   . VAL A 1 69  ? -3.936  -0.669  -4.471  1.00 16.85 ? 68  VAL A O   1 
ATOM   551  C  CB  . VAL A 1 69  ? -5.338  1.565   -2.374  1.00 16.63 ? 68  VAL A CB  1 
ATOM   552  C  CG1 . VAL A 1 69  ? -3.931  1.340   -1.835  1.00 17.99 ? 68  VAL A CG1 1 
ATOM   553  C  CG2 . VAL A 1 69  ? -5.607  3.063   -2.437  1.00 17.60 ? 68  VAL A CG2 1 
ATOM   554  N  N   . LEU A 1 70  ? -5.710  -1.428  -3.295  1.00 16.89 ? 69  LEU A N   1 
ATOM   555  C  CA  . LEU A 1 70  ? -5.183  -2.805  -3.313  1.00 17.04 ? 69  LEU A CA  1 
ATOM   556  C  C   . LEU A 1 70  ? -5.173  -3.419  -4.692  1.00 18.20 ? 69  LEU A C   1 
ATOM   557  O  O   . LEU A 1 70  ? -4.282  -4.203  -4.997  1.00 19.02 ? 69  LEU A O   1 
ATOM   558  C  CB  . LEU A 1 70  ? -5.911  -3.702  -2.341  1.00 19.12 ? 69  LEU A CB  1 
ATOM   559  C  CG  . LEU A 1 70  ? -5.641  -3.390  -0.879  1.00 19.99 ? 69  LEU A CG  1 
ATOM   560  C  CD1 . LEU A 1 70  ? -6.210  -4.517  -0.024  1.00 21.92 ? 69  LEU A CD1 1 
ATOM   561  C  CD2 . LEU A 1 70  ? -4.142  -3.251  -0.631  1.00 23.21 ? 69  LEU A CD2 1 
ATOM   562  N  N   . THR A 1 71  ? -6.160  -3.072  -5.513  1.00 18.99 ? 70  THR A N   1 
ATOM   563  C  CA  . THR A 1 71  ? -6.197  -3.531  -6.918  1.00 19.85 ? 70  THR A CA  1 
ATOM   564  C  C   . THR A 1 71  ? -4.978  -3.043  -7.690  1.00 19.33 ? 70  THR A C   1 
ATOM   565  O  O   . THR A 1 71  ? -4.354  -3.821  -8.414  1.00 21.95 ? 70  THR A O   1 
ATOM   566  C  CB  . THR A 1 71  ? -7.494  -3.069  -7.585  1.00 20.41 ? 70  THR A CB  1 
ATOM   567  O  OG1 . THR A 1 71  ? -8.589  -3.632  -6.870  1.00 24.41 ? 70  THR A OG1 1 
ATOM   568  C  CG2 . THR A 1 71  ? -7.567  -3.532  -9.072  1.00 24.58 ? 70  THR A CG2 1 
ATOM   569  N  N   . ALA A 1 72  ? -4.596  -1.792  -7.479  1.00 18.27 ? 71  ALA A N   1 
ATOM   570  C  CA  . ALA A 1 72  ? -3.442  -1.223  -8.178  1.00 18.36 ? 71  ALA A CA  1 
ATOM   571  C  C   . ALA A 1 72  ? -2.154  -1.853  -7.625  1.00 19.65 ? 71  ALA A C   1 
ATOM   572  O  O   . ALA A 1 72  ? -1.243  -2.200  -8.398  1.00 20.81 ? 71  ALA A O   1 
ATOM   573  C  CB  . ALA A 1 72  ? -3.436  0.299   -8.020  1.00 19.96 ? 71  ALA A CB  1 
ATOM   574  N  N   . LEU A 1 73  ? -2.074  -2.039  -6.302  1.00 18.28 ? 72  LEU A N   1 
ATOM   575  C  CA  . LEU A 1 73  ? -0.871  -2.640  -5.714  1.00 18.46 ? 72  LEU A CA  1 
ATOM   576  C  C   . LEU A 1 73  ? -0.712  -4.097  -6.162  1.00 19.35 ? 72  LEU A C   1 
ATOM   577  O  O   . LEU A 1 73  ? 0.393   -4.541  -6.481  1.00 20.06 ? 72  LEU A O   1 
ATOM   578  C  CB  . LEU A 1 73  ? -0.907  -2.539  -4.169  1.00 19.67 ? 72  LEU A CB  1 
ATOM   579  C  CG  . LEU A 1 73  ? 0.279   -3.207  -3.458  1.00 20.53 ? 72  LEU A CG  1 
ATOM   580  C  CD1 . LEU A 1 73  ? 1.578   -2.543  -3.862  1.00 22.76 ? 72  LEU A CD1 1 
ATOM   581  C  CD2 . LEU A 1 73  ? 0.052   -3.083  -1.958  1.00 22.88 ? 72  LEU A CD2 1 
ATOM   582  N  N   . GLY A 1 74  ? -1.822  -4.831  -6.233  1.00 19.33 ? 73  GLY A N   1 
ATOM   583  C  CA  . GLY A 1 74  ? -1.783  -6.231  -6.650  1.00 19.89 ? 73  GLY A CA  1 
ATOM   584  C  C   . GLY A 1 74  ? -1.283  -6.413  -8.070  1.00 22.23 ? 73  GLY A C   1 
ATOM   585  O  O   . GLY A 1 74  ? -0.475  -7.317  -8.336  1.00 21.98 ? 73  GLY A O   1 
ATOM   586  N  N   . ALA A 1 75  ? -1.755  -5.545  -8.959  1.00 21.36 ? 74  ALA A N   1 
ATOM   587  C  CA  . ALA A 1 75  ? -1.346  -5.553  -10.379 1.00 24.40 ? 74  ALA A CA  1 
ATOM   588  C  C   . ALA A 1 75  ? 0.160   -5.343  -10.502 1.00 25.54 ? 74  ALA A C   1 
ATOM   589  O  O   . ALA A 1 75  ? 0.827   -5.983  -11.325 1.00 28.46 ? 74  ALA A O   1 
ATOM   590  C  CB  . ALA A 1 75  ? -2.110  -4.494  -11.149 1.00 26.39 ? 74  ALA A CB  1 
ATOM   591  N  N   . ILE A 1 76  ? 0.707   -4.475  -9.658  1.00 22.88 ? 75  ILE A N   1 
ATOM   592  C  CA  . ILE A 1 76  ? 2.147   -4.246  -9.618  1.00 22.95 ? 75  ILE A CA  1 
ATOM   593  C  C   . ILE A 1 76  ? 2.907   -5.464  -9.075  1.00 22.89 ? 75  ILE A C   1 
ATOM   594  O  O   . ILE A 1 76  ? 3.868   -5.939  -9.698  1.00 23.12 ? 75  ILE A O   1 
ATOM   595  C  CB  . ILE A 1 76  ? 2.471   -2.959  -8.819  1.00 22.53 ? 75  ILE A CB  1 
ATOM   596  C  CG1 . ILE A 1 76  ? 2.026   -1.724  -9.615  1.00 24.96 ? 75  ILE A CG1 1 
ATOM   597  C  CG2 . ILE A 1 76  ? 3.956   -2.864  -8.497  1.00 23.22 ? 75  ILE A CG2 1 
ATOM   598  C  CD1 . ILE A 1 76  ? 1.753   -0.508  -8.763  1.00 28.80 ? 75  ILE A CD1 1 
ATOM   599  N  N   . LEU A 1 77  ? 2.483   -6.006  -7.933  1.00 22.39 ? 76  LEU A N   1 
ATOM   600  C  CA  . LEU A 1 77  ? 3.186   -7.161  -7.333  1.00 24.17 ? 76  LEU A CA  1 
ATOM   601  C  C   . LEU A 1 77  ? 3.248   -8.345  -8.292  1.00 24.64 ? 76  LEU A C   1 
ATOM   602  O  O   . LEU A 1 77  ? 4.243   -9.047  -8.326  1.00 26.68 ? 76  LEU A O   1 
ATOM   603  C  CB  . LEU A 1 77  ? 2.524   -7.609  -6.029  1.00 24.55 ? 76  LEU A CB  1 
ATOM   604  C  CG  . LEU A 1 77  ? 2.611   -6.669  -4.822  1.00 25.82 ? 76  LEU A CG  1 
ATOM   605  C  CD1 . LEU A 1 77  ? 1.831   -7.301  -3.694  1.00 27.47 ? 76  LEU A CD1 1 
ATOM   606  C  CD2 . LEU A 1 77  ? 4.050   -6.497  -4.382  1.00 28.48 ? 76  LEU A CD2 1 
ATOM   607  N  N   . LYS A 1 78  ? 2.179   -8.547  -9.054  1.00 26.04 ? 77  LYS A N   1 
ATOM   608  C  CA  . LYS A 1 78  ? 2.079   -9.673  -10.000 1.00 29.25 ? 77  LYS A CA  1 
ATOM   609  C  C   . LYS A 1 78  ? 3.028   -9.550  -11.193 1.00 31.41 ? 77  LYS A C   1 
ATOM   610  O  O   . LYS A 1 78  ? 3.208   -10.517 -11.948 1.00 31.66 ? 77  LYS A O   1 
ATOM   611  C  CB  . LYS A 1 78  ? 0.627   -9.835  -10.480 1.00 30.11 ? 77  LYS A CB  1 
ATOM   612  C  CG  . LYS A 1 78  ? -0.354  -10.317 -9.425  1.00 31.78 ? 77  LYS A CG  1 
ATOM   613  C  CD  . LYS A 1 78  ? -1.783  -10.034 -9.866  1.00 33.94 ? 77  LYS A CD  1 
ATOM   614  C  CE  . LYS A 1 78  ? -2.808  -10.320 -8.779  1.00 35.74 ? 77  LYS A CE  1 
ATOM   615  N  NZ  . LYS A 1 78  ? -4.186  -9.993  -9.259  1.00 36.55 ? 77  LYS A NZ  1 
ATOM   616  N  N   . LYS A 1 79  ? 3.645   -8.381  -11.361 1.00 29.81 ? 78  LYS A N   1 
ATOM   617  C  CA  . LYS A 1 79  ? 4.616   -8.170  -12.439 1.00 31.77 ? 78  LYS A CA  1 
ATOM   618  C  C   . LYS A 1 79  ? 6.032   -8.575  -12.024 1.00 33.51 ? 78  LYS A C   1 
ATOM   619  O  O   . LYS A 1 79  ? 6.963   -8.492  -12.836 1.00 35.54 ? 78  LYS A O   1 
ATOM   620  C  CB  . LYS A 1 79  ? 4.607   -6.712  -12.941 1.00 33.38 ? 78  LYS A CB  1 
ATOM   621  C  CG  . LYS A 1 79  ? 3.294   -6.235  -13.556 1.00 38.19 ? 78  LYS A CG  1 
ATOM   622  C  CD  . LYS A 1 79  ? 2.815   -7.109  -14.703 1.00 41.42 ? 78  LYS A CD  1 
ATOM   623  C  CE  . LYS A 1 79  ? 3.533   -6.776  -16.004 1.00 44.97 ? 78  LYS A CE  1 
ATOM   624  N  NZ  . LYS A 1 79  ? 2.834   -7.406  -17.157 1.00 49.00 ? 78  LYS A NZ  1 
ATOM   625  N  N   . LYS A 1 80  ? 6.185   -8.994  -10.765 1.00 31.71 ? 79  LYS A N   1 
ATOM   626  C  CA  . LYS A 1 80  ? 7.440   -9.517  -10.207 1.00 33.73 ? 79  LYS A CA  1 
ATOM   627  C  C   . LYS A 1 80  ? 8.664   -8.647  -10.495 1.00 34.04 ? 79  LYS A C   1 
ATOM   628  O  O   . LYS A 1 80  ? 9.727   -9.142  -10.894 1.00 33.20 ? 79  LYS A O   1 
ATOM   629  C  CB  . LYS A 1 80  ? 7.669   -10.968 -10.655 1.00 36.45 ? 79  LYS A CB  1 
ATOM   630  C  CG  . LYS A 1 80  ? 6.608   -11.944 -10.157 1.00 38.15 ? 79  LYS A CG  1 
ATOM   631  C  CD  . LYS A 1 80  ? 6.580   -13.252 -10.944 1.00 41.53 ? 79  LYS A CD  1 
ATOM   632  C  CE  . LYS A 1 80  ? 7.658   -14.231 -10.498 1.00 43.77 ? 79  LYS A CE  1 
ATOM   633  N  NZ  . LYS A 1 80  ? 7.630   -15.450 -11.355 1.00 44.09 ? 79  LYS A NZ  1 
ATOM   634  N  N   . GLY A 1 81  ? 8.515   -7.348  -10.278 1.00 31.06 ? 80  GLY A N   1 
ATOM   635  C  CA  . GLY A 1 81  ? 9.610   -6.398  -10.522 1.00 31.85 ? 80  GLY A CA  1 
ATOM   636  C  C   . GLY A 1 81  ? 9.557   -5.703  -11.873 1.00 30.67 ? 80  GLY A C   1 
ATOM   637  O  O   . GLY A 1 81  ? 10.127  -4.621  -12.029 1.00 33.58 ? 80  GLY A O   1 
ATOM   638  N  N   . HIS A 1 82  ? 8.878   -6.308  -12.848 1.00 31.71 ? 81  HIS A N   1 
ATOM   639  C  CA  . HIS A 1 82  ? 8.781   -5.729  -14.205 1.00 32.73 ? 81  HIS A CA  1 
ATOM   640  C  C   . HIS A 1 82  ? 7.539   -4.904  -14.370 1.00 30.66 ? 81  HIS A C   1 
ATOM   641  O  O   . HIS A 1 82  ? 6.637   -5.218  -15.155 1.00 30.77 ? 81  HIS A O   1 
ATOM   642  C  CB  . HIS A 1 82  ? 8.879   -6.819  -15.274 1.00 35.93 ? 81  HIS A CB  1 
ATOM   643  C  CG  . HIS A 1 82  ? 10.128  -7.649  -15.163 1.00 40.32 ? 81  HIS A CG  1 
ATOM   644  N  ND1 . HIS A 1 82  ? 10.104  -8.996  -15.106 1.00 43.58 ? 81  HIS A ND1 1 
ATOM   645  C  CD2 . HIS A 1 82  ? 11.473  -7.270  -15.058 1.00 40.41 ? 81  HIS A CD2 1 
ATOM   646  C  CE1 . HIS A 1 82  ? 11.370  -9.459  -14.988 1.00 43.48 ? 81  HIS A CE1 1 
ATOM   647  N  NE2 . HIS A 1 82  ? 12.202  -8.399  -14.954 1.00 43.01 ? 81  HIS A NE2 1 
ATOM   648  N  N   . HIS A 1 83  ? 7.491   -3.816  -13.611 1.00 29.89 ? 82  HIS A N   1 
ATOM   649  C  CA  . HIS A 1 83  ? 6.260   -3.071  -13.427 1.00 30.25 ? 82  HIS A CA  1 
ATOM   650  C  C   . HIS A 1 83  ? 6.297   -1.662  -13.935 1.00 31.80 ? 82  HIS A C   1 
ATOM   651  O  O   . HIS A 1 83  ? 5.514   -0.827  -13.474 1.00 32.65 ? 82  HIS A O   1 
ATOM   652  C  CB  . HIS A 1 83  ? 5.884   -3.064  -11.938 1.00 28.12 ? 82  HIS A CB  1 
ATOM   653  C  CG  . HIS A 1 83  ? 7.047   -2.792  -11.003 1.00 28.42 ? 82  HIS A CG  1 
ATOM   654  N  ND1 . HIS A 1 83  ? 7.854   -1.716  -11.118 1.00 30.88 ? 82  HIS A ND1 1 
ATOM   655  C  CD2 . HIS A 1 83  ? 7.485   -3.488  -9.893  1.00 28.60 ? 82  HIS A CD2 1 
ATOM   656  C  CE1 . HIS A 1 83  ? 8.772   -1.741  -10.140 1.00 26.71 ? 82  HIS A CE1 1 
ATOM   657  N  NE2 . HIS A 1 83  ? 8.544   -2.828  -9.390  1.00 30.46 ? 82  HIS A NE2 1 
ATOM   658  N  N   . GLU A 1 84  ? 7.162   -1.383  -14.911 1.00 34.82 ? 83  GLU A N   1 
ATOM   659  C  CA  . GLU A 1 84  ? 7.373   -0.004  -15.363 1.00 37.49 ? 83  GLU A CA  1 
ATOM   660  C  C   . GLU A 1 84  ? 6.105   0.648   -15.929 1.00 37.62 ? 83  GLU A C   1 
ATOM   661  O  O   . GLU A 1 84  ? 5.815   1.810   -15.620 1.00 37.86 ? 83  GLU A O   1 
ATOM   662  C  CB  . GLU A 1 84  ? 8.539   0.086   -16.360 1.00 42.65 ? 83  GLU A CB  1 
ATOM   663  C  CG  . GLU A 1 84  ? 9.902   -0.297  -15.780 1.00 46.79 ? 83  GLU A CG  1 
ATOM   664  C  CD  . GLU A 1 84  ? 10.165  -1.800  -15.792 1.00 52.24 ? 83  GLU A CD  1 
ATOM   665  O  OE1 . GLU A 1 84  ? 9.601   -2.509  -16.658 1.00 55.33 ? 83  GLU A OE1 1 
ATOM   666  O  OE2 . GLU A 1 84  ? 10.941  -2.281  -14.931 1.00 54.91 ? 83  GLU A OE2 1 
ATOM   667  N  N   . ALA A 1 85  ? 5.340   -0.106  -16.718 1.00 38.09 ? 84  ALA A N   1 
ATOM   668  C  CA  . ALA A 1 85  ? 4.130   0.421   -17.359 1.00 38.96 ? 84  ALA A CA  1 
ATOM   669  C  C   . ALA A 1 85  ? 3.012   0.671   -16.355 1.00 38.40 ? 84  ALA A C   1 
ATOM   670  O  O   . ALA A 1 85  ? 2.205   1.582   -16.537 1.00 40.21 ? 84  ALA A O   1 
ATOM   671  C  CB  . ALA A 1 85  ? 3.651   -0.510  -18.471 1.00 40.96 ? 84  ALA A CB  1 
ATOM   672  N  N   . GLU A 1 86  ? 2.967   -0.142  -15.305 1.00 37.66 ? 85  GLU A N   1 
ATOM   673  C  CA  . GLU A 1 86  ? 1.939   -0.020  -14.277 1.00 37.02 ? 85  GLU A CA  1 
ATOM   674  C  C   . GLU A 1 86  ? 2.308   1.101   -13.303 1.00 35.56 ? 85  GLU A C   1 
ATOM   675  O  O   . GLU A 1 86  ? 1.451   1.894   -12.893 1.00 37.21 ? 85  GLU A O   1 
ATOM   676  C  CB  . GLU A 1 86  ? 1.749   -1.352  -13.533 1.00 38.79 ? 85  GLU A CB  1 
ATOM   677  C  CG  . GLU A 1 86  ? 1.055   -2.461  -14.340 1.00 41.27 ? 85  GLU A CG  1 
ATOM   678  C  CD  . GLU A 1 86  ? 1.987   -3.208  -15.297 1.00 41.81 ? 85  GLU A CD  1 
ATOM   679  O  OE1 . GLU A 1 86  ? 3.223   -3.027  -15.232 1.00 37.96 ? 85  GLU A OE1 1 
ATOM   680  O  OE2 . GLU A 1 86  ? 1.474   -4.000  -16.122 1.00 41.77 ? 85  GLU A OE2 1 
ATOM   681  N  N   . LEU A 1 87  ? 3.589   1.185   -12.967 1.00 31.96 ? 86  LEU A N   1 
ATOM   682  C  CA  . LEU A 1 87  ? 4.061   2.109   -11.931 1.00 31.90 ? 86  LEU A CA  1 
ATOM   683  C  C   . LEU A 1 87  ? 4.137   3.560   -12.381 1.00 31.95 ? 86  LEU A C   1 
ATOM   684  O  O   . LEU A 1 87  ? 3.839   4.475   -11.593 1.00 30.51 ? 86  LEU A O   1 
ATOM   685  C  CB  . LEU A 1 87  ? 5.407   1.632   -11.389 1.00 31.92 ? 86  LEU A CB  1 
ATOM   686  C  CG  . LEU A 1 87  ? 6.010   2.319   -10.166 1.00 33.09 ? 86  LEU A CG  1 
ATOM   687  C  CD1 . LEU A 1 87  ? 6.728   1.304   -9.300  1.00 32.80 ? 86  LEU A CD1 1 
ATOM   688  C  CD2 . LEU A 1 87  ? 6.957   3.441   -10.569 1.00 36.87 ? 86  LEU A CD2 1 
ATOM   689  N  N   . LYS A 1 88  ? 4.513   3.795   -13.636 1.00 31.94 ? 87  LYS A N   1 
ATOM   690  C  CA  . LYS A 1 88  ? 4.674   5.175   -14.106 1.00 34.38 ? 87  LYS A CA  1 
ATOM   691  C  C   . LYS A 1 88  ? 3.457   6.098   -13.932 1.00 31.69 ? 87  LYS A C   1 
ATOM   692  O  O   . LYS A 1 88  ? 3.626   7.208   -13.443 1.00 31.49 ? 87  LYS A O   1 
ATOM   693  C  CB  . LYS A 1 88  ? 5.243   5.261   -15.535 1.00 38.46 ? 87  LYS A CB  1 
ATOM   694  C  CG  . LYS A 1 88  ? 6.164   6.464   -15.720 1.00 43.42 ? 87  LYS A CG  1 
ATOM   695  C  CD  . LYS A 1 88  ? 6.594   6.693   -17.168 1.00 48.50 ? 87  LYS A CD  1 
ATOM   696  C  CE  . LYS A 1 88  ? 5.691   7.694   -17.880 1.00 51.86 ? 87  LYS A CE  1 
ATOM   697  N  NZ  . LYS A 1 88  ? 6.323   8.256   -19.109 1.00 51.93 ? 87  LYS A NZ  1 
ATOM   698  N  N   . PRO A 1 89  ? 2.231   5.657   -14.313 1.00 30.71 ? 88  PRO A N   1 
ATOM   699  C  CA  . PRO A 1 89  ? 1.118   6.594   -14.092 1.00 29.13 ? 88  PRO A CA  1 
ATOM   700  C  C   . PRO A 1 89  ? 0.875   6.891   -12.606 1.00 26.25 ? 88  PRO A C   1 
ATOM   701  O  O   . PRO A 1 89  ? 0.441   7.995   -12.249 1.00 28.04 ? 88  PRO A O   1 
ATOM   702  C  CB  . PRO A 1 89  ? -0.108  5.898   -14.717 1.00 31.09 ? 88  PRO A CB  1 
ATOM   703  C  CG  . PRO A 1 89  ? 0.377   4.621   -15.324 1.00 31.25 ? 88  PRO A CG  1 
ATOM   704  C  CD  . PRO A 1 89  ? 1.841   4.443   -15.062 1.00 31.85 ? 88  PRO A CD  1 
ATOM   705  N  N   . LEU A 1 90  ? 1.150   5.903   -11.767 1.00 25.48 ? 89  LEU A N   1 
ATOM   706  C  CA  . LEU A 1 90  ? 0.972   6.040   -10.314 1.00 23.67 ? 89  LEU A CA  1 
ATOM   707  C  C   . LEU A 1 90  ? 1.981   7.011   -9.704  1.00 22.02 ? 89  LEU A C   1 
ATOM   708  O  O   . LEU A 1 90  ? 1.631   7.887   -8.881  1.00 21.78 ? 89  LEU A O   1 
ATOM   709  C  CB  . LEU A 1 90  ? 1.049   4.652   -9.659  1.00 24.40 ? 89  LEU A CB  1 
ATOM   710  C  CG  A LEU A 1 90  ? 0.592   4.453   -8.213  0.50 24.33 ? 89  LEU A CG  1 
ATOM   711  C  CG  B LEU A 1 90  ? -0.229  3.818   -9.759  0.50 25.57 ? 89  LEU A CG  1 
ATOM   712  C  CD1 A LEU A 1 90  ? -0.910  4.626   -8.112  0.50 23.11 ? 89  LEU A CD1 1 
ATOM   713  C  CD1 B LEU A 1 90  ? -0.161  2.753   -8.681  0.50 26.45 ? 89  LEU A CD1 1 
ATOM   714  C  CD2 A LEU A 1 90  ? 0.999   3.082   -7.698  0.50 24.14 ? 89  LEU A CD2 1 
ATOM   715  C  CD2 B LEU A 1 90  ? -1.487  4.655   -9.581  0.50 25.40 ? 89  LEU A CD2 1 
ATOM   716  N  N   . ALA A 1 91  ? 3.229   6.893   -10.129 1.00 23.08 ? 90  ALA A N   1 
ATOM   717  C  CA  . ALA A 1 91  ? 4.279   7.814   -9.696  1.00 23.60 ? 90  ALA A CA  1 
ATOM   718  C  C   . ALA A 1 91  ? 3.944   9.231   -10.140 1.00 24.24 ? 90  ALA A C   1 
ATOM   719  O  O   . ALA A 1 91  ? 4.061   10.170  -9.352  1.00 24.60 ? 90  ALA A O   1 
ATOM   720  C  CB  . ALA A 1 91  ? 5.620   7.377   -10.271 1.00 24.24 ? 90  ALA A CB  1 
ATOM   721  N  N   . GLN A 1 92  ? 3.497   9.378   -11.392 1.00 24.86 ? 91  GLN A N   1 
ATOM   722  C  CA  . GLN A 1 92  ? 3.099   10.670  -11.948 1.00 27.75 ? 91  GLN A CA  1 
ATOM   723  C  C   . GLN A 1 92  ? 2.022   11.357  -11.136 1.00 25.45 ? 91  GLN A C   1 
ATOM   724  O  O   . GLN A 1 92  ? 2.146   12.524  -10.785 1.00 25.25 ? 91  GLN A O   1 
ATOM   725  C  CB  . GLN A 1 92  ? 2.548   10.503  -13.366 1.00 30.78 ? 91  GLN A CB  1 
ATOM   726  C  CG  . GLN A 1 92  ? 3.490   10.819  -14.500 1.00 38.94 ? 91  GLN A CG  1 
ATOM   727  C  CD  . GLN A 1 92  ? 2.759   10.741  -15.829 1.00 44.27 ? 91  GLN A CD  1 
ATOM   728  O  OE1 . GLN A 1 92  ? 2.532   9.649   -16.366 1.00 47.49 ? 91  GLN A OE1 1 
ATOM   729  N  NE2 . GLN A 1 92  ? 2.354   11.898  -16.352 1.00 44.84 ? 91  GLN A NE2 1 
ATOM   730  N  N   . SER A 1 93  ? 0.937   10.644  -10.840 1.00 25.55 ? 92  SER A N   1 
ATOM   731  C  CA  . SER A 1 93  ? -0.177  11.301  -10.195 1.00 24.77 ? 92  SER A CA  1 
ATOM   732  C  C   . SER A 1 93  ? 0.158   11.621  -8.741  1.00 23.20 ? 92  SER A C   1 
ATOM   733  O  O   . SER A 1 93  ? -0.223  12.663  -8.228  1.00 23.64 ? 92  SER A O   1 
ATOM   734  C  CB  . SER A 1 93  ? -1.439  10.455  -10.298 1.00 24.14 ? 92  SER A CB  1 
ATOM   735  O  OG  . SER A 1 93  ? -1.278  9.250   -9.558  1.00 25.45 ? 92  SER A OG  1 
ATOM   736  N  N   . HIS A 1 94  ? 0.913   10.747  -8.091  1.00 22.28 ? 93  HIS A N   1 
ATOM   737  C  CA  . HIS A 1 94  ? 1.222   10.951  -6.681  1.00 20.79 ? 93  HIS A CA  1 
ATOM   738  C  C   . HIS A 1 94  ? 2.249   12.006  -6.440  1.00 22.91 ? 93  HIS A C   1 
ATOM   739  O  O   . HIS A 1 94  ? 2.213   12.654  -5.414  1.00 21.94 ? 93  HIS A O   1 
ATOM   740  C  CB  . HIS A 1 94  ? 1.538   9.632   -5.979  1.00 20.41 ? 93  HIS A CB  1 
ATOM   741  C  CG  . HIS A 1 94  ? 0.306   8.779   -5.739  1.00 18.84 ? 93  HIS A CG  1 
ATOM   742  N  ND1 . HIS A 1 94  ? -0.403  8.230   -6.755  1.00 20.17 ? 93  HIS A ND1 1 
ATOM   743  C  CD2 . HIS A 1 94  ? -0.338  8.413   -4.564  1.00 17.99 ? 93  HIS A CD2 1 
ATOM   744  C  CE1 . HIS A 1 94  ? -1.459  7.544   -6.255  1.00 18.55 ? 93  HIS A CE1 1 
ATOM   745  N  NE2 . HIS A 1 94  ? -1.436  7.661   -4.917  1.00 17.70 ? 93  HIS A NE2 1 
ATOM   746  N  N   . ALA A 1 95  ? 3.118   12.239  -7.422  1.00 23.11 ? 94  ALA A N   1 
ATOM   747  C  CA  . ALA A 1 95  ? 4.115   13.296  -7.324  1.00 24.61 ? 94  ALA A CA  1 
ATOM   748  C  C   . ALA A 1 95  ? 3.524   14.640  -7.706  1.00 25.72 ? 94  ALA A C   1 
ATOM   749  O  O   . ALA A 1 95  ? 3.706   15.623  -6.982  1.00 26.59 ? 94  ALA A O   1 
ATOM   750  C  CB  . ALA A 1 95  ? 5.353   12.967  -8.173  1.00 23.56 ? 94  ALA A CB  1 
ATOM   751  N  N   . THR A 1 96  ? 2.780   14.678  -8.812  1.00 25.67 ? 95  THR A N   1 
ATOM   752  C  CA  . THR A 1 96  ? 2.417   15.962  -9.427  1.00 27.84 ? 95  THR A CA  1 
ATOM   753  C  C   . THR A 1 96  ? 1.041   16.481  -9.047  1.00 29.78 ? 95  THR A C   1 
ATOM   754  O  O   . THR A 1 96  ? 0.804   17.686  -9.093  1.00 30.04 ? 95  THR A O   1 
ATOM   755  C  CB  . THR A 1 96  ? 2.529   15.940  -10.971 1.00 26.87 ? 95  THR A CB  1 
ATOM   756  O  OG1 . THR A 1 96  ? 1.510   15.095  -11.523 1.00 30.98 ? 95  THR A OG1 1 
ATOM   757  C  CG2 . THR A 1 96  ? 3.883   15.449  -11.411 1.00 28.79 ? 95  THR A CG2 1 
ATOM   758  N  N   . LYS A 1 97  ? 0.131   15.574  -8.691  1.00 29.82 ? 96  LYS A N   1 
ATOM   759  C  CA  . LYS A 1 97  ? -1.242  15.945  -8.370  1.00 29.74 ? 96  LYS A CA  1 
ATOM   760  C  C   . LYS A 1 97  ? -1.545  15.801  -6.872  1.00 28.63 ? 96  LYS A C   1 
ATOM   761  O  O   . LYS A 1 97  ? -1.964  16.752  -6.232  1.00 28.43 ? 96  LYS A O   1 
ATOM   762  C  CB  . LYS A 1 97  ? -2.224  15.144  -9.231  1.00 31.90 ? 96  LYS A CB  1 
ATOM   763  C  CG  . LYS A 1 97  ? -3.687  15.545  -9.101  1.00 36.48 ? 96  LYS A CG  1 
ATOM   764  C  CD  . LYS A 1 97  ? -4.399  15.298  -10.429 1.00 40.39 ? 96  LYS A CD  1 
ATOM   765  C  CE  . LYS A 1 97  ? -5.832  14.811  -10.248 1.00 41.83 ? 96  LYS A CE  1 
ATOM   766  N  NZ  . LYS A 1 97  ? -6.289  14.096  -11.479 1.00 45.62 ? 96  LYS A NZ  1 
ATOM   767  N  N   . HIS A 1 98  ? -1.308  14.621  -6.305  1.00 26.27 ? 97  HIS A N   1 
ATOM   768  C  CA  . HIS A 1 98  ? -1.645  14.396  -4.902  1.00 24.29 ? 97  HIS A CA  1 
ATOM   769  C  C   . HIS A 1 98  ? -0.607  14.897  -3.957  1.00 24.59 ? 97  HIS A C   1 
ATOM   770  O  O   . HIS A 1 98  ? -0.878  15.151  -2.780  1.00 25.70 ? 97  HIS A O   1 
ATOM   771  C  CB  . HIS A 1 98  ? -1.928  12.915  -4.656  1.00 24.24 ? 97  HIS A CB  1 
ATOM   772  C  CG  . HIS A 1 98  ? -2.867  12.326  -5.652  1.00 22.45 ? 97  HIS A CG  1 
ATOM   773  N  ND1 . HIS A 1 98  ? -4.039  12.917  -5.976  1.00 22.60 ? 97  HIS A ND1 1 
ATOM   774  C  CD2 . HIS A 1 98  ? -2.794  11.157  -6.406  1.00 21.64 ? 97  HIS A CD2 1 
ATOM   775  C  CE1 . HIS A 1 98  ? -4.658  12.181  -6.907  1.00 21.73 ? 97  HIS A CE1 1 
ATOM   776  N  NE2 . HIS A 1 98  ? -3.913  11.101  -7.159  1.00 22.06 ? 97  HIS A NE2 1 
ATOM   777  N  N   . LYS A 1 99  ? 0.608   15.048  -4.479  1.00 24.76 ? 98  LYS A N   1 
ATOM   778  C  CA  . LYS A 1 99  ? 1.734   15.525  -3.699  1.00 25.03 ? 98  LYS A CA  1 
ATOM   779  C  C   . LYS A 1 99  ? 1.963   14.737  -2.400  1.00 22.93 ? 98  LYS A C   1 
ATOM   780  O  O   . LYS A 1 99  ? 1.941   15.281  -1.291  1.00 23.67 ? 98  LYS A O   1 
ATOM   781  C  CB  . LYS A 1 99  ? 1.589   17.030  -3.455  1.00 28.41 ? 98  LYS A CB  1 
ATOM   782  C  CG  . LYS A 1 99  ? 1.563   17.849  -4.740  1.00 32.20 ? 98  LYS A CG  1 
ATOM   783  C  CD  . LYS A 1 99  ? 1.896   19.305  -4.456  1.00 35.20 ? 98  LYS A CD  1 
ATOM   784  C  CE  . LYS A 1 99  ? 1.378   20.222  -5.548  1.00 37.80 ? 98  LYS A CE  1 
ATOM   785  N  NZ  . LYS A 1 99  ? 1.558   21.645  -5.143  1.00 40.95 ? 98  LYS A NZ  1 
ATOM   786  N  N   . ILE A 1 100 ? 2.215   13.443  -2.558  1.00 21.86 ? 99  ILE A N   1 
ATOM   787  C  CA  . ILE A 1 100 ? 2.389   12.521  -1.431  1.00 21.60 ? 99  ILE A CA  1 
ATOM   788  C  C   . ILE A 1 100 ? 3.870   12.275  -1.185  1.00 22.78 ? 99  ILE A C   1 
ATOM   789  O  O   . ILE A 1 100 ? 4.554   11.752  -2.068  1.00 25.68 ? 99  ILE A O   1 
ATOM   790  C  CB  . ILE A 1 100 ? 1.750   11.146  -1.755  1.00 20.71 ? 99  ILE A CB  1 
ATOM   791  C  CG1 . ILE A 1 100 ? 0.269   11.301  -2.144  1.00 21.34 ? 99  ILE A CG1 1 
ATOM   792  C  CG2 . ILE A 1 100 ? 1.923   10.160  -0.606  1.00 20.66 ? 99  ILE A CG2 1 
ATOM   793  C  CD1 . ILE A 1 100 ? -0.559  12.080  -1.140  1.00 23.51 ? 99  ILE A CD1 1 
ATOM   794  N  N   . PRO A 1 101 ? 4.380   12.642  0.005   1.00 23.51 ? 100 PRO A N   1 
ATOM   795  C  CA  . PRO A 1 101 ? 5.803   12.368  0.226   1.00 22.75 ? 100 PRO A CA  1 
ATOM   796  C  C   . PRO A 1 101 ? 6.116   10.870  0.341   1.00 23.29 ? 100 PRO A C   1 
ATOM   797  O  O   . PRO A 1 101 ? 5.268   10.054  0.746   1.00 21.97 ? 100 PRO A O   1 
ATOM   798  C  CB  . PRO A 1 101 ? 6.118   13.108  1.541   1.00 24.24 ? 100 PRO A CB  1 
ATOM   799  C  CG  . PRO A 1 101 ? 4.801   13.312  2.202   1.00 26.09 ? 100 PRO A CG  1 
ATOM   800  C  CD  . PRO A 1 101 ? 3.759   13.377  1.119   1.00 24.81 ? 100 PRO A CD  1 
ATOM   801  N  N   . ILE A 1 102 ? 7.346   10.506  -0.009  1.00 22.90 ? 101 ILE A N   1 
ATOM   802  C  CA  . ILE A 1 102 ? 7.796   9.105   0.053   1.00 22.06 ? 101 ILE A CA  1 
ATOM   803  C  C   . ILE A 1 102 ? 7.649   8.530   1.465   1.00 21.21 ? 101 ILE A C   1 
ATOM   804  O  O   . ILE A 1 102 ? 7.338   7.354   1.631   1.00 22.02 ? 101 ILE A O   1 
ATOM   805  C  CB  . ILE A 1 102 ? 9.249   8.948   -0.486  1.00 23.32 ? 101 ILE A CB  1 
ATOM   806  C  CG1 . ILE A 1 102 ? 9.356   9.407   -1.947  1.00 26.87 ? 101 ILE A CG1 1 
ATOM   807  C  CG2 . ILE A 1 102 ? 9.742   7.528   -0.326  1.00 24.49 ? 101 ILE A CG2 1 
ATOM   808  C  CD1 . ILE A 1 102 ? 8.568   8.583   -2.953  1.00 26.95 ? 101 ILE A CD1 1 
ATOM   809  N  N   . LYS A 1 103 ? 7.814   9.358   2.500   1.00 21.32 ? 102 LYS A N   1 
ATOM   810  C  CA  . LYS A 1 103 ? 7.658   8.896   3.861   1.00 20.40 ? 102 LYS A CA  1 
ATOM   811  C  C   . LYS A 1 103 ? 6.249   8.302   4.097   1.00 18.14 ? 102 LYS A C   1 
ATOM   812  O  O   . LYS A 1 103 ? 6.092   7.386   4.869   1.00 19.18 ? 102 LYS A O   1 
ATOM   813  C  CB  . LYS A 1 103 ? 7.887   10.073  4.838   1.00 21.57 ? 102 LYS A CB  1 
ATOM   814  C  CG  . LYS A 1 103 ? 7.988   9.694   6.306   1.00 24.34 ? 102 LYS A CG  1 
ATOM   815  C  CD  . LYS A 1 103 ? 9.271   8.933   6.598   1.00 29.01 ? 102 LYS A CD  1 
ATOM   816  C  CE  . LYS A 1 103 ? 9.275   8.431   8.029   1.00 30.58 ? 102 LYS A CE  1 
ATOM   817  N  NZ  . LYS A 1 103 ? 10.556  7.714   8.312   1.00 32.99 ? 102 LYS A NZ  1 
ATOM   818  N  N   . TYR A 1 104 ? 5.239   8.862   3.451   1.00 19.05 ? 103 TYR A N   1 
ATOM   819  C  CA  . TYR A 1 104 ? 3.886   8.340   3.643   1.00 18.26 ? 103 TYR A CA  1 
ATOM   820  C  C   . TYR A 1 104 ? 3.726   6.969   2.986   1.00 17.47 ? 103 TYR A C   1 
ATOM   821  O  O   . TYR A 1 104 ? 2.921   6.130   3.452   1.00 17.29 ? 103 TYR A O   1 
ATOM   822  C  CB  . TYR A 1 104 ? 2.849   9.322   3.130   1.00 19.84 ? 103 TYR A CB  1 
ATOM   823  C  CG  . TYR A 1 104 ? 2.729   10.580  3.972   1.00 21.25 ? 103 TYR A CG  1 
ATOM   824  C  CD1 . TYR A 1 104 ? 3.565   10.797  5.079   1.00 22.72 ? 103 TYR A CD1 1 
ATOM   825  C  CD2 . TYR A 1 104 ? 1.772   11.538  3.660   1.00 23.97 ? 103 TYR A CD2 1 
ATOM   826  C  CE1 . TYR A 1 104 ? 3.458   11.961  5.838   1.00 25.16 ? 103 TYR A CE1 1 
ATOM   827  C  CE2 . TYR A 1 104 ? 1.661   12.698  4.414   1.00 23.63 ? 103 TYR A CE2 1 
ATOM   828  C  CZ  . TYR A 1 104 ? 2.503   12.895  5.487   1.00 24.79 ? 103 TYR A CZ  1 
ATOM   829  O  OH  . TYR A 1 104 ? 2.360   14.064  6.224   1.00 29.93 ? 103 TYR A OH  1 
ATOM   830  N  N   . LEU A 1 105 ? 4.489   6.728   1.928   1.00 19.31 ? 104 LEU A N   1 
ATOM   831  C  CA  . LEU A 1 105 ? 4.552   5.385   1.341   1.00 18.39 ? 104 LEU A CA  1 
ATOM   832  C  C   . LEU A 1 105 ? 5.200   4.387   2.273   1.00 17.63 ? 104 LEU A C   1 
ATOM   833  O  O   . LEU A 1 105 ? 4.795   3.221   2.344   1.00 18.65 ? 104 LEU A O   1 
ATOM   834  C  CB  . LEU A 1 105 ? 5.246   5.397   -0.025  1.00 19.61 ? 104 LEU A CB  1 
ATOM   835  C  CG  . LEU A 1 105 ? 4.656   6.230   -1.150  1.00 23.53 ? 104 LEU A CG  1 
ATOM   836  C  CD1 . LEU A 1 105 ? 5.448   5.953   -2.422  1.00 25.91 ? 104 LEU A CD1 1 
ATOM   837  C  CD2 . LEU A 1 105 ? 3.183   5.925   -1.378  1.00 25.41 ? 104 LEU A CD2 1 
ATOM   838  N  N   . GLU A 1 106 ? 6.204   4.829   3.028   1.00 17.10 ? 105 GLU A N   1 
ATOM   839  C  CA  . GLU A 1 106 ? 6.743   4.017   4.088   1.00 17.36 ? 105 GLU A CA  1 
ATOM   840  C  C   . GLU A 1 106 ? 5.660   3.696   5.136   1.00 16.78 ? 105 GLU A C   1 
ATOM   841  O  O   . GLU A 1 106 ? 5.516   2.575   5.563   1.00 16.95 ? 105 GLU A O   1 
ATOM   842  C  CB  . GLU A 1 106 ? 7.966   4.716   4.711   1.00 19.82 ? 105 GLU A CB  1 
ATOM   843  C  CG  . GLU A 1 106 ? 8.604   3.893   5.803   1.00 21.10 ? 105 GLU A CG  1 
ATOM   844  C  CD  . GLU A 1 106 ? 9.805   4.576   6.447   1.00 25.17 ? 105 GLU A CD  1 
ATOM   845  O  OE1 . GLU A 1 106 ? 10.043  5.764   6.162   1.00 26.68 ? 105 GLU A OE1 1 
ATOM   846  O  OE2 . GLU A 1 106 ? 10.502  3.902   7.225   1.00 31.47 ? 105 GLU A OE2 1 
ATOM   847  N  N   . PHE A 1 107 ? 4.876   4.700   5.535   1.00 16.52 ? 106 PHE A N   1 
ATOM   848  C  CA  . PHE A 1 107 ? 3.849   4.463   6.542   1.00 16.78 ? 106 PHE A CA  1 
ATOM   849  C  C   . PHE A 1 107 ? 2.778   3.467   6.081   1.00 15.70 ? 106 PHE A C   1 
ATOM   850  O  O   . PHE A 1 107 ? 2.385   2.622   6.865   1.00 16.56 ? 106 PHE A O   1 
ATOM   851  C  CB  . PHE A 1 107 ? 3.163   5.758   6.933   1.00 17.01 ? 106 PHE A CB  1 
ATOM   852  C  CG  . PHE A 1 107 ? 4.055   6.756   7.658   1.00 19.81 ? 106 PHE A CG  1 
ATOM   853  C  CD1 . PHE A 1 107 ? 5.159   6.344   8.407   1.00 20.74 ? 106 PHE A CD1 1 
ATOM   854  C  CD2 . PHE A 1 107 ? 3.705   8.100   7.635   1.00 20.02 ? 106 PHE A CD2 1 
ATOM   855  C  CE1 . PHE A 1 107 ? 5.940   7.285   9.104   1.00 21.56 ? 106 PHE A CE1 1 
ATOM   856  C  CE2 . PHE A 1 107 ? 4.471   9.044   8.324   1.00 22.22 ? 106 PHE A CE2 1 
ATOM   857  C  CZ  . PHE A 1 107 ? 5.584   8.617   9.065   1.00 21.61 ? 106 PHE A CZ  1 
ATOM   858  N  N   . ILE A 1 108 ? 2.354   3.570   4.824   1.00 16.10 ? 107 ILE A N   1 
ATOM   859  C  CA  . ILE A 1 108 ? 1.307   2.639   4.369   1.00 15.35 ? 107 ILE A CA  1 
ATOM   860  C  C   . ILE A 1 108 ? 1.891   1.213   4.228   1.00 15.25 ? 107 ILE A C   1 
ATOM   861  O  O   . ILE A 1 108 ? 1.180   0.225   4.432   1.00 15.75 ? 107 ILE A O   1 
ATOM   862  C  CB  . ILE A 1 108 ? 0.583   3.105   3.085   1.00 15.24 ? 107 ILE A CB  1 
ATOM   863  C  CG1 . ILE A 1 108 ? -0.720  2.295   2.908   1.00 16.20 ? 107 ILE A CG1 1 
ATOM   864  C  CG2 . ILE A 1 108 ? 1.454   2.940   1.844   1.00 17.61 ? 107 ILE A CG2 1 
ATOM   865  C  CD1 . ILE A 1 108 ? -1.662  2.850   1.852   1.00 17.34 ? 107 ILE A CD1 1 
ATOM   866  N  N   . SER A 1 109 ? 3.191   1.108   3.941   1.00 15.71 ? 108 SER A N   1 
ATOM   867  C  CA  . SER A 1 109 ? 3.831   -0.224  3.910   1.00 16.43 ? 108 SER A CA  1 
ATOM   868  C  C   . SER A 1 109 ? 3.779   -0.890  5.257   1.00 16.54 ? 108 SER A C   1 
ATOM   869  O  O   . SER A 1 109 ? 3.479   -2.066  5.357   1.00 17.18 ? 108 SER A O   1 
ATOM   870  C  CB  . SER A 1 109 ? 5.285   -0.127  3.439   1.00 16.26 ? 108 SER A CB  1 
ATOM   871  O  OG  . SER A 1 109 ? 5.322   0.447   2.170   1.00 18.34 ? 108 SER A OG  1 
ATOM   872  N  N   . GLU A 1 110 ? 4.036   -0.129  6.335   1.00 16.09 ? 109 GLU A N   1 
ATOM   873  C  CA  . GLU A 1 110 ? 3.921   -0.693  7.691   1.00 17.32 ? 109 GLU A CA  1 
ATOM   874  C  C   . GLU A 1 110 ? 2.482   -1.084  8.001   1.00 16.64 ? 109 GLU A C   1 
ATOM   875  O  O   . GLU A 1 110 ? 2.235   -2.121  8.586   1.00 18.00 ? 109 GLU A O   1 
ATOM   876  C  CB  . GLU A 1 110 ? 4.399   0.322   8.736   1.00 20.52 ? 109 GLU A CB  1 
ATOM   877  C  CG  . GLU A 1 110 ? 5.865   0.693   8.549   1.00 25.69 ? 109 GLU A CG  1 
ATOM   878  C  CD  . GLU A 1 110 ? 6.357   1.808   9.458   1.00 32.54 ? 109 GLU A CD  1 
ATOM   879  O  OE1 . GLU A 1 110 ? 5.577   2.364   10.258  1.00 32.70 ? 109 GLU A OE1 1 
ATOM   880  O  OE2 . GLU A 1 110 ? 7.565   2.127   9.349   1.00 35.63 ? 109 GLU A OE2 1 
ATOM   881  N  N   . ALA A 1 111 ? 1.522   -0.279  7.542   1.00 15.14 ? 110 ALA A N   1 
ATOM   882  C  CA  . ALA A 1 111 ? 0.125   -0.634  7.775   1.00 15.72 ? 110 ALA A CA  1 
ATOM   883  C  C   . ALA A 1 111 ? -0.273  -1.941  7.066   1.00 15.27 ? 110 ALA A C   1 
ATOM   884  O  O   . ALA A 1 111 ? -1.024  -2.756  7.601   1.00 16.34 ? 110 ALA A O   1 
ATOM   885  C  CB  . ALA A 1 111 ? -0.787  0.505   7.352   1.00 16.03 ? 110 ALA A CB  1 
ATOM   886  N  N   . ILE A 1 112 ? 0.213   -2.109  5.843   1.00 15.40 ? 111 ILE A N   1 
ATOM   887  C  CA  . ILE A 1 112 ? -0.073  -3.344  5.093   1.00 15.36 ? 111 ILE A CA  1 
ATOM   888  C  C   . ILE A 1 112 ? 0.468   -4.569  5.838   1.00 16.15 ? 111 ILE A C   1 
ATOM   889  O  O   . ILE A 1 112 ? -0.247  -5.569  6.029   1.00 17.11 ? 111 ILE A O   1 
ATOM   890  C  CB  . ILE A 1 112 ? 0.486   -3.241  3.637   1.00 15.41 ? 111 ILE A CB  1 
ATOM   891  C  CG1 . ILE A 1 112 ? -0.295  -2.200  2.828   1.00 17.67 ? 111 ILE A CG1 1 
ATOM   892  C  CG2 . ILE A 1 112 ? 0.525   -4.613  2.943   1.00 18.09 ? 111 ILE A CG2 1 
ATOM   893  C  CD1 . ILE A 1 112 ? 0.429   -1.761  1.579   1.00 18.05 ? 111 ILE A CD1 1 
ATOM   894  N  N   . ILE A 1 113 ? 1.719   -4.481  6.290   1.00 15.60 ? 112 ILE A N   1 
ATOM   895  C  CA  . ILE A 1 113 ? 2.317   -5.574  7.009   1.00 17.25 ? 112 ILE A CA  1 
ATOM   896  C  C   . ILE A 1 113 ? 1.533   -5.863  8.282   1.00 17.22 ? 112 ILE A C   1 
ATOM   897  O  O   . ILE A 1 113 ? 1.234   -7.007  8.566   1.00 18.62 ? 112 ILE A O   1 
ATOM   898  C  CB  . ILE A 1 113 ? 3.804   -5.298  7.252   1.00 19.79 ? 112 ILE A CB  1 
ATOM   899  C  CG1 . ILE A 1 113 ? 4.497   -5.331  5.881   1.00 22.39 ? 112 ILE A CG1 1 
ATOM   900  C  CG2 . ILE A 1 113 ? 4.366   -6.269  8.283   1.00 21.43 ? 112 ILE A CG2 1 
ATOM   901  C  CD1 . ILE A 1 113 ? 5.803   -4.565  5.809   1.00 27.36 ? 112 ILE A CD1 1 
ATOM   902  N  N   . HIS A 1 114 ? 1.115   -4.812  8.993   1.00 18.03 ? 113 HIS A N   1 
ATOM   903  C  CA  . HIS A 1 114 ? 0.387   -5.028  10.230  1.00 21.11 ? 113 HIS A CA  1 
ATOM   904  C  C   . HIS A 1 114 ? -0.936  -5.716  10.000  1.00 19.43 ? 113 HIS A C   1 
ATOM   905  O  O   . HIS A 1 114 ? -1.276  -6.665  10.701  1.00 20.82 ? 113 HIS A O   1 
ATOM   906  C  CB  . HIS A 1 114 ? 0.165   -3.695  10.921  1.00 24.39 ? 113 HIS A CB  1 
ATOM   907  C  CG  . HIS A 1 114 ? -0.518  -3.819  12.257  1.00 33.19 ? 113 HIS A CG  1 
ATOM   908  N  ND1 . HIS A 1 114 ? -1.857  -3.950  12.380  1.00 36.02 ? 113 HIS A ND1 1 
ATOM   909  C  CD2 . HIS A 1 114 ? 0.003   -3.838  13.554  1.00 36.44 ? 113 HIS A CD2 1 
ATOM   910  C  CE1 . HIS A 1 114 ? -2.173  -4.053  13.691  1.00 37.66 ? 113 HIS A CE1 1 
ATOM   911  N  NE2 . HIS A 1 114 ? -1.035  -3.977  14.404  1.00 39.82 ? 113 HIS A NE2 1 
ATOM   912  N  N   . VAL A 1 115 ? -1.679  -5.277  8.984   1.00 18.03 ? 114 VAL A N   1 
ATOM   913  C  CA  . VAL A 1 115 ? -2.984  -5.890  8.708   1.00 19.01 ? 114 VAL A CA  1 
ATOM   914  C  C   . VAL A 1 115 ? -2.845  -7.345  8.216   1.00 18.35 ? 114 VAL A C   1 
ATOM   915  O  O   . VAL A 1 115 ? -3.637  -8.220  8.609   1.00 18.19 ? 114 VAL A O   1 
ATOM   916  C  CB  . VAL A 1 115 ? -3.759  -5.054  7.698   1.00 18.27 ? 114 VAL A CB  1 
ATOM   917  C  CG1 . VAL A 1 115 ? -5.012  -5.802  7.217   1.00 18.52 ? 114 VAL A CG1 1 
ATOM   918  C  CG2 . VAL A 1 115 ? -4.128  -3.722  8.353   1.00 18.73 ? 114 VAL A CG2 1 
ATOM   919  N  N   . LEU A 1 116 ? -1.828  -7.627  7.403   1.00 17.95 ? 115 LEU A N   1 
ATOM   920  C  CA  . LEU A 1 116 ? -1.606  -9.001  6.944   1.00 19.31 ? 115 LEU A CA  1 
ATOM   921  C  C   . LEU A 1 116 ? -1.325  -9.919  8.131   1.00 20.43 ? 115 LEU A C   1 
ATOM   922  O  O   . LEU A 1 116 ? -1.813  -11.053 8.169   1.00 20.88 ? 115 LEU A O   1 
ATOM   923  C  CB  . LEU A 1 116 ? -0.440  -9.077  5.965   1.00 19.73 ? 115 LEU A CB  1 
ATOM   924  C  CG  . LEU A 1 116 ? -0.710  -8.578  4.572   1.00 21.49 ? 115 LEU A CG  1 
ATOM   925  C  CD1 . LEU A 1 116 ? 0.591   -8.582  3.771   1.00 22.22 ? 115 LEU A CD1 1 
ATOM   926  C  CD2 . LEU A 1 116 ? -1.787  -9.432  3.943   1.00 23.18 ? 115 LEU A CD2 1 
ATOM   927  N  N   . HIS A 1 117 ? -0.570  -9.411  9.104   1.00 20.98 ? 116 HIS A N   1 
ATOM   928  C  CA  . HIS A 1 117 ? -0.285  -10.191 10.294  1.00 25.49 ? 116 HIS A CA  1 
ATOM   929  C  C   . HIS A 1 117 ? -1.529  -10.424 11.120  1.00 24.27 ? 116 HIS A C   1 
ATOM   930  O  O   . HIS A 1 117 ? -1.738  -11.536 11.627  1.00 25.32 ? 116 HIS A O   1 
ATOM   931  C  CB  . HIS A 1 117 ? 0.805   -9.556  11.149  1.00 27.51 ? 116 HIS A CB  1 
ATOM   932  C  CG  . HIS A 1 117 ? 0.937   -10.217 12.487  1.00 33.66 ? 116 HIS A CG  1 
ATOM   933  N  ND1 . HIS A 1 117 ? 0.489   -9.649  13.619  1.00 37.06 ? 116 HIS A ND1 1 
ATOM   934  C  CD2 . HIS A 1 117 ? 1.383   -11.486 12.831  1.00 35.99 ? 116 HIS A CD2 1 
ATOM   935  C  CE1 . HIS A 1 117 ? 0.687   -10.492 14.649  1.00 38.48 ? 116 HIS A CE1 1 
ATOM   936  N  NE2 . HIS A 1 117 ? 1.228   -11.620 14.166  1.00 39.80 ? 116 HIS A NE2 1 
ATOM   937  N  N   . SER A 1 118 ? -2.362  -9.393  11.259  1.00 22.66 ? 117 SER A N   1 
ATOM   938  C  CA  . SER A 1 118 ? -3.608  -9.470  12.050  1.00 22.82 ? 117 SER A CA  1 
ATOM   939  C  C   . SER A 1 118 ? -4.644  -10.429 11.475  1.00 23.45 ? 117 SER A C   1 
ATOM   940  O  O   . SER A 1 118 ? -5.326  -11.145 12.214  1.00 24.98 ? 117 SER A O   1 
ATOM   941  C  CB  . SER A 1 118 ? -4.219  -8.073  12.247  1.00 23.99 ? 117 SER A CB  1 
ATOM   942  O  OG  A SER A 1 118 ? -3.317  -7.244  12.963  0.50 25.05 ? 117 SER A OG  1 
ATOM   943  O  OG  B SER A 1 118 ? -5.445  -8.132  12.954  0.50 23.29 ? 117 SER A OG  1 
ATOM   944  N  N   . ARG A 1 119 ? -4.728  -10.474 10.155  1.00 21.88 ? 118 ARG A N   1 
ATOM   945  C  CA  . ARG A 1 119 ? -5.732  -11.291 9.507   1.00 22.20 ? 118 ARG A CA  1 
ATOM   946  C  C   . ARG A 1 119 ? -5.246  -12.700 9.215   1.00 22.04 ? 118 ARG A C   1 
ATOM   947  O  O   . ARG A 1 119 ? -6.068  -13.605 9.033   1.00 22.57 ? 118 ARG A O   1 
ATOM   948  C  CB  . ARG A 1 119 ? -6.227  -10.627 8.226   1.00 22.99 ? 118 ARG A CB  1 
ATOM   949  C  CG  . ARG A 1 119 ? -7.000  -9.347  8.507   1.00 25.74 ? 118 ARG A CG  1 
ATOM   950  C  CD  . ARG A 1 119 ? -7.475  -8.669  7.239   1.00 28.74 ? 118 ARG A CD  1 
ATOM   951  N  NE  . ARG A 1 119 ? -8.534  -9.450  6.624   1.00 34.13 ? 118 ARG A NE  1 
ATOM   952  C  CZ  . ARG A 1 119 ? -9.810  -9.079  6.514   1.00 32.41 ? 118 ARG A CZ  1 
ATOM   953  N  NH1 . ARG A 1 119 ? -10.243 -7.904  6.951   1.00 32.83 ? 118 ARG A NH1 1 
ATOM   954  N  NH2 . ARG A 1 119 ? -10.649 -9.904  5.942   1.00 32.84 ? 118 ARG A NH2 1 
ATOM   955  N  N   . HIS A 1 120 ? -3.925  -12.889 9.199   1.00 22.48 ? 119 HIS A N   1 
ATOM   956  C  CA  . HIS A 1 120 ? -3.314  -14.170 8.841   1.00 22.64 ? 119 HIS A CA  1 
ATOM   957  C  C   . HIS A 1 120 ? -2.183  -14.558 9.775   1.00 26.86 ? 119 HIS A C   1 
ATOM   958  O  O   . HIS A 1 120 ? -1.070  -14.780 9.301   1.00 30.30 ? 119 HIS A O   1 
ATOM   959  C  CB  . HIS A 1 120 ? -2.843  -14.141 7.386   1.00 21.21 ? 119 HIS A CB  1 
ATOM   960  C  CG  . HIS A 1 120 ? -3.886  -13.611 6.446   1.00 19.29 ? 119 HIS A CG  1 
ATOM   961  N  ND1 . HIS A 1 120 ? -4.896  -14.364 5.987   1.00 18.34 ? 119 HIS A ND1 1 
ATOM   962  C  CD2 . HIS A 1 120 ? -4.072  -12.342 5.915   1.00 20.16 ? 119 HIS A CD2 1 
ATOM   963  C  CE1 . HIS A 1 120 ? -5.689  -13.633 5.204   1.00 18.45 ? 119 HIS A CE1 1 
ATOM   964  N  NE2 . HIS A 1 120 ? -5.174  -12.385 5.155   1.00 18.29 ? 119 HIS A NE2 1 
ATOM   965  N  N   . PRO A 1 121 ? -2.467  -14.669 11.095  1.00 29.60 ? 120 PRO A N   1 
ATOM   966  C  CA  . PRO A 1 121 ? -1.406  -14.922 12.092  1.00 33.40 ? 120 PRO A CA  1 
ATOM   967  C  C   . PRO A 1 121 ? -0.691  -16.260 11.902  1.00 38.41 ? 120 PRO A C   1 
ATOM   968  O  O   . PRO A 1 121 ? 0.523   -16.339 12.112  1.00 44.73 ? 120 PRO A O   1 
ATOM   969  C  CB  . PRO A 1 121 ? -2.148  -14.895 13.431  1.00 33.54 ? 120 PRO A CB  1 
ATOM   970  C  CG  . PRO A 1 121 ? -3.588  -15.136 13.097  1.00 32.23 ? 120 PRO A CG  1 
ATOM   971  C  CD  . PRO A 1 121 ? -3.789  -14.537 11.734  1.00 30.41 ? 120 PRO A CD  1 
ATOM   972  N  N   . GLY A 1 122 ? -1.433  -17.292 11.503  1.00 41.67 ? 121 GLY A N   1 
ATOM   973  C  CA  . GLY A 1 122 ? -0.845  -18.591 11.173  1.00 43.04 ? 121 GLY A CA  1 
ATOM   974  C  C   . GLY A 1 122 ? 0.068   -18.570 9.964   1.00 43.98 ? 121 GLY A C   1 
ATOM   975  O  O   . GLY A 1 122 ? 1.218   -18.994 10.061  1.00 46.88 ? 121 GLY A O   1 
ATOM   976  N  N   . ASP A 1 123 ? -0.423  -18.055 8.835   1.00 44.06 ? 122 ASP A N   1 
ATOM   977  C  CA  . ASP A 1 123 ? 0.291   -18.161 7.557   1.00 45.67 ? 122 ASP A CA  1 
ATOM   978  C  C   . ASP A 1 123 ? 1.329   -17.071 7.265   1.00 43.32 ? 122 ASP A C   1 
ATOM   979  O  O   . ASP A 1 123 ? 2.251   -17.274 6.470   1.00 46.85 ? 122 ASP A O   1 
ATOM   980  C  CB  . ASP A 1 123 ? -0.695  -18.254 6.390   1.00 52.60 ? 122 ASP A CB  1 
ATOM   981  C  CG  . ASP A 1 123 ? -0.198  -19.170 5.276   1.00 55.78 ? 122 ASP A CG  1 
ATOM   982  O  OD1 . ASP A 1 123 ? 0.925   -18.959 4.769   1.00 58.20 ? 122 ASP A OD1 1 
ATOM   983  O  OD2 . ASP A 1 123 ? -0.939  -20.106 4.907   1.00 58.21 ? 122 ASP A OD2 1 
ATOM   984  N  N   . PHE A 1 124 ? 1.202   -15.920 7.902   1.00 34.49 ? 123 PHE A N   1 
ATOM   985  C  CA  . PHE A 1 124 ? 2.098   -14.830 7.584   1.00 32.11 ? 123 PHE A CA  1 
ATOM   986  C  C   . PHE A 1 124 ? 3.260   -14.793 8.579   1.00 29.73 ? 123 PHE A C   1 
ATOM   987  O  O   . PHE A 1 124 ? 3.307   -13.937 9.444   1.00 29.91 ? 123 PHE A O   1 
ATOM   988  C  CB  . PHE A 1 124 ? 1.304   -13.511 7.530   1.00 27.77 ? 123 PHE A CB  1 
ATOM   989  C  CG  . PHE A 1 124 ? 2.067   -12.352 6.962   1.00 24.71 ? 123 PHE A CG  1 
ATOM   990  C  CD1 . PHE A 1 124 ? 2.535   -12.375 5.653   1.00 24.53 ? 123 PHE A CD1 1 
ATOM   991  C  CD2 . PHE A 1 124 ? 2.274   -11.214 7.722   1.00 25.00 ? 123 PHE A CD2 1 
ATOM   992  C  CE1 . PHE A 1 124 ? 3.247   -11.301 5.127   1.00 22.95 ? 123 PHE A CE1 1 
ATOM   993  C  CE2 . PHE A 1 124 ? 2.985   -10.138 7.201   1.00 24.77 ? 123 PHE A CE2 1 
ATOM   994  C  CZ  . PHE A 1 124 ? 3.454   -10.170 5.891   1.00 23.92 ? 123 PHE A CZ  1 
ATOM   995  N  N   . GLY A 1 125 ? 4.191   -15.741 8.452   1.00 31.30 ? 124 GLY A N   1 
ATOM   996  C  CA  . GLY A 1 125 ? 5.342   -15.847 9.367   1.00 32.64 ? 124 GLY A CA  1 
ATOM   997  C  C   . GLY A 1 125 ? 6.448   -14.865 9.019   1.00 33.81 ? 124 GLY A C   1 
ATOM   998  O  O   . GLY A 1 125 ? 6.329   -14.125 8.058   1.00 30.94 ? 124 GLY A O   1 
ATOM   999  N  N   . ALA A 1 126 ? 7.533   -14.865 9.793   1.00 33.88 ? 125 ALA A N   1 
ATOM   1000 C  CA  . ALA A 1 126 ? 8.598   -13.868 9.628   1.00 33.97 ? 125 ALA A CA  1 
ATOM   1001 C  C   . ALA A 1 126 ? 9.273   -13.892 8.247   1.00 32.28 ? 125 ALA A C   1 
ATOM   1002 O  O   . ALA A 1 126 ? 9.720   -12.849 7.762   1.00 32.73 ? 125 ALA A O   1 
ATOM   1003 C  CB  . ALA A 1 126 ? 9.635   -14.015 10.735  1.00 37.15 ? 125 ALA A CB  1 
ATOM   1004 N  N   . ASP A 1 127 ? 9.337   -15.066 7.621   1.00 32.20 ? 126 ASP A N   1 
ATOM   1005 C  CA  . ASP A 1 127 ? 9.944   -15.177 6.287   1.00 33.02 ? 126 ASP A CA  1 
ATOM   1006 C  C   . ASP A 1 127 ? 9.095   -14.453 5.243   1.00 30.28 ? 126 ASP A C   1 
ATOM   1007 O  O   . ASP A 1 127 ? 9.614   -13.655 4.452   1.00 29.71 ? 126 ASP A O   1 
ATOM   1008 C  CB  . ASP A 1 127 ? 10.215  -16.640 5.898   1.00 36.78 ? 126 ASP A CB  1 
ATOM   1009 C  CG  . ASP A 1 127 ? 8.987   -17.520 6.003   1.00 39.77 ? 126 ASP A CG  1 
ATOM   1010 O  OD1 . ASP A 1 127 ? 8.052   -17.170 6.762   1.00 42.91 ? 126 ASP A OD1 1 
ATOM   1011 O  OD2 . ASP A 1 127 ? 8.966   -18.570 5.328   1.00 43.38 ? 126 ASP A OD2 1 
ATOM   1012 N  N   . ALA A 1 128 ? 7.783   -14.683 5.279   1.00 29.65 ? 127 ALA A N   1 
ATOM   1013 C  CA  . ALA A 1 128 ? 6.857   -13.947 4.395   1.00 26.77 ? 127 ALA A CA  1 
ATOM   1014 C  C   . ALA A 1 128 ? 6.811   -12.443 4.691   1.00 25.86 ? 127 ALA A C   1 
ATOM   1015 O  O   . ALA A 1 128 ? 6.712   -11.634 3.769   1.00 26.16 ? 127 ALA A O   1 
ATOM   1016 C  CB  . ALA A 1 128 ? 5.460   -14.554 4.451   1.00 27.46 ? 127 ALA A CB  1 
ATOM   1017 N  N   . GLN A 1 129 ? 6.889   -12.086 5.969   1.00 25.54 ? 128 GLN A N   1 
ATOM   1018 C  CA  . GLN A 1 129 ? 7.006   -10.700 6.394   1.00 25.65 ? 128 GLN A CA  1 
ATOM   1019 C  C   . GLN A 1 129 ? 8.261   -10.042 5.841   1.00 24.82 ? 128 GLN A C   1 
ATOM   1020 O  O   . GLN A 1 129 ? 8.190   -8.931  5.306   1.00 25.06 ? 128 GLN A O   1 
ATOM   1021 C  CB  . GLN A 1 129 ? 6.969   -10.606 7.919   1.00 29.54 ? 128 GLN A CB  1 
ATOM   1022 C  CG  . GLN A 1 129 ? 7.084   -9.192  8.465   1.00 34.18 ? 128 GLN A CG  1 
ATOM   1023 C  CD  . GLN A 1 129 ? 7.059   -9.143  9.989   1.00 38.57 ? 128 GLN A CD  1 
ATOM   1024 O  OE1 . GLN A 1 129 ? 6.636   -10.097 10.648  1.00 41.55 ? 128 GLN A OE1 1 
ATOM   1025 N  NE2 . GLN A 1 129 ? 7.501   -8.019  10.552  1.00 40.15 ? 128 GLN A NE2 1 
ATOM   1026 N  N   . GLY A 1 130 ? 9.406   -10.716 5.972   1.00 24.63 ? 129 GLY A N   1 
ATOM   1027 C  CA  . GLY A 1 130 ? 10.648  -10.203 5.393   1.00 24.00 ? 129 GLY A CA  1 
ATOM   1028 C  C   . GLY A 1 130 ? 10.515  -10.016 3.888   1.00 21.22 ? 129 GLY A C   1 
ATOM   1029 O  O   . GLY A 1 130 ? 10.938  -8.992  3.340   1.00 22.87 ? 129 GLY A O   1 
ATOM   1030 N  N   . ALA A 1 131 ? 9.887   -10.989 3.215   1.00 21.02 ? 130 ALA A N   1 
ATOM   1031 C  CA  . ALA A 1 131 ? 9.751   -10.923 1.769   1.00 19.79 ? 130 ALA A CA  1 
ATOM   1032 C  C   . ALA A 1 131 ? 8.785   -9.819  1.330   1.00 18.53 ? 130 ALA A C   1 
ATOM   1033 O  O   . ALA A 1 131 ? 9.061   -9.084  0.405   1.00 19.31 ? 130 ALA A O   1 
ATOM   1034 C  CB  . ALA A 1 131 ? 9.309   -12.263 1.198   1.00 20.50 ? 130 ALA A CB  1 
ATOM   1035 N  N   . MET A 1 132 ? 7.666   -9.687  2.039   1.00 19.44 ? 131 MET A N   1 
ATOM   1036 C  CA  . MET A 1 132 ? 6.746   -8.596  1.762   1.00 20.47 ? 131 MET A CA  1 
ATOM   1037 C  C   . MET A 1 132 ? 7.380   -7.221  2.002   1.00 19.39 ? 131 MET A C   1 
ATOM   1038 O  O   . MET A 1 132 ? 7.177   -6.299  1.210   1.00 19.97 ? 131 MET A O   1 
ATOM   1039 C  CB  . MET A 1 132 ? 5.440   -8.747  2.555   1.00 21.03 ? 131 MET A CB  1 
ATOM   1040 C  CG  . MET A 1 132 ? 4.371   -7.730  2.160   1.00 22.44 ? 131 MET A CG  1 
ATOM   1041 S  SD  . MET A 1 132 ? 3.722   -7.986  0.477   1.00 26.35 ? 131 MET A SD  1 
ATOM   1042 C  CE  . MET A 1 132 ? 2.748   -9.461  0.634   1.00 30.14 ? 131 MET A CE  1 
ATOM   1043 N  N   . ASN A 1 133 ? 8.166   -7.111  3.070   1.00 21.18 ? 132 ASN A N   1 
ATOM   1044 C  CA  . ASN A 1 133 ? 8.867   -5.861  3.325   1.00 21.58 ? 132 ASN A CA  1 
ATOM   1045 C  C   . ASN A 1 133 ? 9.779   -5.525  2.159   1.00 19.73 ? 132 ASN A C   1 
ATOM   1046 O  O   . ASN A 1 133 ? 9.814   -4.375  1.735   1.00 21.66 ? 132 ASN A O   1 
ATOM   1047 C  CB  . ASN A 1 133 ? 9.655   -5.912  4.631   1.00 24.16 ? 132 ASN A CB  1 
ATOM   1048 C  CG  . ASN A 1 133 ? 10.118  -4.533  5.080   1.00 30.57 ? 132 ASN A CG  1 
ATOM   1049 O  OD1 . ASN A 1 133 ? 9.313   -3.622  5.272   1.00 33.71 ? 132 ASN A OD1 1 
ATOM   1050 N  ND2 . ASN A 1 133 ? 11.428  -4.371  5.215   1.00 35.56 ? 132 ASN A ND2 1 
ATOM   1051 N  N   . LYS A 1 134 ? 10.488  -6.531  1.626   1.00 20.57 ? 133 LYS A N   1 
ATOM   1052 C  CA  . LYS A 1 134 ? 11.394  -6.291  0.482   1.00 21.37 ? 133 LYS A CA  1 
ATOM   1053 C  C   . LYS A 1 134 ? 10.642  -5.850  -0.761  1.00 19.87 ? 133 LYS A C   1 
ATOM   1054 O  O   . LYS A 1 134 ? 11.111  -5.004  -1.530  1.00 20.98 ? 133 LYS A O   1 
ATOM   1055 C  CB  . LYS A 1 134 ? 12.202  -7.556  0.162   1.00 25.60 ? 133 LYS A CB  1 
ATOM   1056 C  CG  . LYS A 1 134 ? 13.266  -7.894  1.197   1.00 29.48 ? 133 LYS A CG  1 
ATOM   1057 C  CD  . LYS A 1 134 ? 14.258  -8.900  0.632   1.00 31.71 ? 133 LYS A CD  1 
ATOM   1058 C  CE  . LYS A 1 134 ? 15.140  -9.495  1.710   1.00 35.23 ? 133 LYS A CE  1 
ATOM   1059 N  NZ  . LYS A 1 134 ? 16.092  -10.471 1.107   1.00 36.62 ? 133 LYS A NZ  1 
ATOM   1060 N  N   . ALA A 1 135 ? 9.481   -6.463  -1.001  1.00 18.14 ? 134 ALA A N   1 
ATOM   1061 C  CA  . ALA A 1 135 ? 8.679   -6.082  -2.163  1.00 17.94 ? 134 ALA A CA  1 
ATOM   1062 C  C   . ALA A 1 135 ? 8.157   -4.654  -2.083  1.00 17.77 ? 134 ALA A C   1 
ATOM   1063 O  O   . ALA A 1 135 ? 8.188   -3.908  -3.073  1.00 18.47 ? 134 ALA A O   1 
ATOM   1064 C  CB  . ALA A 1 135 ? 7.517   -7.062  -2.355  1.00 17.96 ? 134 ALA A CB  1 
ATOM   1065 N  N   . LEU A 1 136 ? 7.702   -4.271  -0.886  1.00 17.88 ? 135 LEU A N   1 
ATOM   1066 C  CA  . LEU A 1 136 ? 7.247   -2.904  -0.677  1.00 19.00 ? 135 LEU A CA  1 
ATOM   1067 C  C   . LEU A 1 136 ? 8.411   -1.903  -0.733  1.00 18.83 ? 135 LEU A C   1 
ATOM   1068 O  O   . LEU A 1 136 ? 8.215   -0.791  -1.177  1.00 20.31 ? 135 LEU A O   1 
ATOM   1069 C  CB  . LEU A 1 136 ? 6.457   -2.791  0.628   1.00 19.53 ? 135 LEU A CB  1 
ATOM   1070 C  CG  . LEU A 1 136 ? 5.194   -3.668  0.551   1.00 19.85 ? 135 LEU A CG  1 
ATOM   1071 C  CD1 . LEU A 1 136 ? 4.523   -3.679  1.911   1.00 19.83 ? 135 LEU A CD1 1 
ATOM   1072 C  CD2 . LEU A 1 136 ? 4.249   -3.195  -0.550  1.00 24.19 ? 135 LEU A CD2 1 
ATOM   1073 N  N   . GLU A 1 137 ? 9.592   -2.311  -0.299  1.00 18.22 ? 136 GLU A N   1 
ATOM   1074 C  CA  . GLU A 1 137 ? 10.783  -1.462  -0.450  1.00 20.19 ? 136 GLU A CA  1 
ATOM   1075 C  C   . GLU A 1 137 ? 11.086  -1.240  -1.932  1.00 19.59 ? 136 GLU A C   1 
ATOM   1076 O  O   . GLU A 1 137 ? 11.380  -0.117  -2.348  1.00 20.95 ? 136 GLU A O   1 
ATOM   1077 C  CB  . GLU A 1 137 ? 11.994  -2.050  0.271   1.00 22.83 ? 136 GLU A CB  1 
ATOM   1078 C  CG  . GLU A 1 137 ? 11.941  -1.912  1.793   1.00 27.21 ? 136 GLU A CG  1 
ATOM   1079 C  CD  . GLU A 1 137 ? 13.016  -2.723  2.518   1.00 31.42 ? 136 GLU A CD  1 
ATOM   1080 O  OE1 . GLU A 1 137 ? 13.668  -3.593  1.896   1.00 33.71 ? 136 GLU A OE1 1 
ATOM   1081 O  OE2 . GLU A 1 137 ? 13.195  -2.513  3.737   1.00 35.67 ? 136 GLU A OE2 1 
ATOM   1082 N  N   . LEU A 1 138 ? 11.012  -2.288  -2.752  1.00 19.20 ? 137 LEU A N   1 
ATOM   1083 C  CA  . LEU A 1 138 ? 11.302  -2.152  -4.164  1.00 21.82 ? 137 LEU A CA  1 
ATOM   1084 C  C   . LEU A 1 138 ? 10.307  -1.197  -4.809  1.00 22.30 ? 137 LEU A C   1 
ATOM   1085 O  O   . LEU A 1 138 ? 10.647  -0.350  -5.624  1.00 20.79 ? 137 LEU A O   1 
ATOM   1086 C  CB  . LEU A 1 138 ? 11.223  -3.527  -4.855  1.00 22.79 ? 137 LEU A CB  1 
ATOM   1087 C  CG  . LEU A 1 138 ? 11.471  -3.510  -6.372  1.00 27.34 ? 137 LEU A CG  1 
ATOM   1088 C  CD1 . LEU A 1 138 ? 12.907  -3.119  -6.712  1.00 27.21 ? 137 LEU A CD1 1 
ATOM   1089 C  CD2 . LEU A 1 138 ? 11.129  -4.862  -6.981  1.00 26.48 ? 137 LEU A CD2 1 
ATOM   1090 N  N   . PHE A 1 139 ? 9.044   -1.331  -4.423  1.00 20.87 ? 138 PHE A N   1 
ATOM   1091 C  CA  . PHE A 1 139 ? 7.999   -0.424  -4.893  1.00 22.01 ? 138 PHE A CA  1 
ATOM   1092 C  C   . PHE A 1 139 ? 8.370   1.046   -4.587  1.00 20.55 ? 138 PHE A C   1 
ATOM   1093 O  O   . PHE A 1 139 ? 8.331   1.887   -5.473  1.00 20.57 ? 138 PHE A O   1 
ATOM   1094 C  CB  . PHE A 1 139 ? 6.681   -0.874  -4.232  1.00 23.27 ? 138 PHE A CB  1 
ATOM   1095 C  CG  . PHE A 1 139 ? 5.505   0.051   -4.429  1.00 26.72 ? 138 PHE A CG  1 
ATOM   1096 C  CD1 . PHE A 1 139 ? 4.737   -0.001  -5.587  1.00 29.31 ? 138 PHE A CD1 1 
ATOM   1097 C  CD2 . PHE A 1 139 ? 5.132   0.943   -3.422  1.00 29.47 ? 138 PHE A CD2 1 
ATOM   1098 C  CE1 . PHE A 1 139 ? 3.623   0.824   -5.744  1.00 31.91 ? 138 PHE A CE1 1 
ATOM   1099 C  CE2 . PHE A 1 139 ? 4.026   1.775   -3.577  1.00 31.51 ? 138 PHE A CE2 1 
ATOM   1100 C  CZ  . PHE A 1 139 ? 3.279   1.718   -4.740  1.00 31.19 ? 138 PHE A CZ  1 
ATOM   1101 N  N   . ARG A 1 140 ? 8.731   1.322   -3.340  1.00 20.28 ? 139 ARG A N   1 
ATOM   1102 C  CA  . ARG A 1 140 ? 9.118   2.679   -2.914  1.00 20.27 ? 139 ARG A CA  1 
ATOM   1103 C  C   . ARG A 1 140 ? 10.354  3.194   -3.660  1.00 20.01 ? 139 ARG A C   1 
ATOM   1104 O  O   . ARG A 1 140 ? 10.404  4.373   -4.034  1.00 20.77 ? 139 ARG A O   1 
ATOM   1105 C  CB  . ARG A 1 140 ? 9.444   2.689   -1.426  1.00 22.15 ? 139 ARG A CB  1 
ATOM   1106 C  CG  . ARG A 1 140 ? 8.284   2.493   -0.492  1.00 23.55 ? 139 ARG A CG  1 
ATOM   1107 C  CD  . ARG A 1 140 ? 8.506   3.324   0.763   1.00 23.87 ? 139 ARG A CD  1 
ATOM   1108 N  NE  . ARG A 1 140 ? 9.548   2.764   1.632   1.00 23.87 ? 139 ARG A NE  1 
ATOM   1109 C  CZ  . ARG A 1 140 ? 9.465   1.599   2.262   1.00 24.84 ? 139 ARG A CZ  1 
ATOM   1110 N  NH1 . ARG A 1 140 ? 8.414   0.772   2.098   1.00 26.27 ? 139 ARG A NH1 1 
ATOM   1111 N  NH2 . ARG A 1 140 ? 10.451  1.213   3.036   1.00 25.74 ? 139 ARG A NH2 1 
ATOM   1112 N  N   . LYS A 1 141 ? 11.344  2.325   -3.836  1.00 21.06 ? 140 LYS A N   1 
ATOM   1113 C  CA  . LYS A 1 141 ? 12.597  2.686   -4.518  1.00 21.47 ? 140 LYS A CA  1 
ATOM   1114 C  C   . LYS A 1 141 ? 12.331  3.145   -5.948  1.00 21.56 ? 140 LYS A C   1 
ATOM   1115 O  O   . LYS A 1 141 ? 12.863  4.183   -6.408  1.00 21.35 ? 140 LYS A O   1 
ATOM   1116 C  CB  . LYS A 1 141 ? 13.548  1.478   -4.483  1.00 24.89 ? 140 LYS A CB  1 
ATOM   1117 C  CG  . LYS A 1 141 ? 14.804  1.571   -5.326  1.00 29.68 ? 140 LYS A CG  1 
ATOM   1118 C  CD  . LYS A 1 141 ? 15.706  0.394   -4.979  1.00 33.41 ? 140 LYS A CD  1 
ATOM   1119 C  CE  . LYS A 1 141 ? 16.413  -0.187  -6.196  1.00 39.60 ? 140 LYS A CE  1 
ATOM   1120 N  NZ  . LYS A 1 141 ? 17.120  0.816   -7.038  1.00 41.89 ? 140 LYS A NZ  1 
ATOM   1121 N  N   . ASP A 1 142 ? 11.482  2.409   -6.658  1.00 21.57 ? 141 ASP A N   1 
ATOM   1122 C  CA  . ASP A 1 142 ? 11.149  2.789   -8.030  1.00 22.07 ? 141 ASP A CA  1 
ATOM   1123 C  C   . ASP A 1 142 ? 10.282  4.039   -8.134  1.00 22.05 ? 141 ASP A C   1 
ATOM   1124 O  O   . ASP A 1 142 ? 10.446  4.831   -9.067  1.00 23.92 ? 141 ASP A O   1 
ATOM   1125 C  CB  . ASP A 1 142 ? 10.530  1.610   -8.807  1.00 22.59 ? 141 ASP A CB  1 
ATOM   1126 C  CG  . ASP A 1 142 ? 11.565  0.580   -9.249  1.00 27.78 ? 141 ASP A CG  1 
ATOM   1127 O  OD1 . ASP A 1 142 ? 12.772  0.768   -9.015  1.00 27.67 ? 141 ASP A OD1 1 
ATOM   1128 O  OD2 . ASP A 1 142 ? 11.169  -0.464  -9.812  1.00 28.30 ? 141 ASP A OD2 1 
ATOM   1129 N  N   . ILE A 1 143 ? 9.377   4.250   -7.170  1.00 21.38 ? 142 ILE A N   1 
ATOM   1130 C  CA  . ILE A 1 143 ? 8.583   5.474   -7.161  1.00 21.43 ? 142 ILE A CA  1 
ATOM   1131 C  C   . ILE A 1 143 ? 9.488   6.658   -6.835  1.00 20.55 ? 142 ILE A C   1 
ATOM   1132 O  O   . ILE A 1 143 ? 9.383   7.712   -7.457  1.00 19.87 ? 142 ILE A O   1 
ATOM   1133 C  CB  . ILE A 1 143 ? 7.416   5.351   -6.153  1.00 22.61 ? 142 ILE A CB  1 
ATOM   1134 C  CG1 . ILE A 1 143 ? 6.399   4.383   -6.738  1.00 24.43 ? 142 ILE A CG1 1 
ATOM   1135 C  CG2 . ILE A 1 143 ? 6.765   6.703   -5.849  1.00 23.85 ? 142 ILE A CG2 1 
ATOM   1136 C  CD1 . ILE A 1 143 ? 5.394   3.924   -5.710  1.00 26.56 ? 142 ILE A CD1 1 
ATOM   1137 N  N   . ALA A 1 144 ? 10.399  6.458   -5.883  1.00 19.63 ? 143 ALA A N   1 
ATOM   1138 C  CA  . ALA A 1 144 ? 11.304  7.544   -5.465  1.00 20.20 ? 143 ALA A CA  1 
ATOM   1139 C  C   . ALA A 1 144 ? 12.162  7.989   -6.652  1.00 21.83 ? 143 ALA A C   1 
ATOM   1140 O  O   . ALA A 1 144 ? 12.392  9.203   -6.821  1.00 20.76 ? 143 ALA A O   1 
ATOM   1141 C  CB  . ALA A 1 144 ? 12.162  7.121   -4.279  1.00 21.35 ? 143 ALA A CB  1 
ATOM   1142 N  N   . ALA A 1 145 ? 12.588  7.037   -7.482  1.00 21.61 ? 144 ALA A N   1 
ATOM   1143 C  CA  . ALA A 1 145 ? 13.415  7.363   -8.655  1.00 20.65 ? 144 ALA A CA  1 
ATOM   1144 C  C   . ALA A 1 145 ? 12.660  8.253   -9.608  1.00 23.36 ? 144 ALA A C   1 
ATOM   1145 O  O   . ALA A 1 145 ? 13.227  9.200   -10.177 1.00 22.41 ? 144 ALA A O   1 
ATOM   1146 C  CB  . ALA A 1 145 ? 13.887  6.101   -9.366  1.00 20.11 ? 144 ALA A CB  1 
ATOM   1147 N  N   . LYS A 1 146 ? 11.377  7.966   -9.778  1.00 21.62 ? 145 LYS A N   1 
ATOM   1148 C  CA  . LYS A 1 146 ? 10.543  8.737   -10.672 1.00 23.57 ? 145 LYS A CA  1 
ATOM   1149 C  C   . LYS A 1 146 ? 10.292  10.129  -10.089 1.00 22.66 ? 145 LYS A C   1 
ATOM   1150 O  O   . LYS A 1 146 ? 10.265  11.118  -10.827 1.00 23.47 ? 145 LYS A O   1 
ATOM   1151 C  CB  . LYS A 1 146 ? 9.221   8.004   -10.932 1.00 25.48 ? 145 LYS A CB  1 
ATOM   1152 C  CG  . LYS A 1 146 ? 9.355   6.729   -11.769 1.00 28.84 ? 145 LYS A CG  1 
ATOM   1153 C  CD  . LYS A 1 146 ? 10.050  6.969   -13.118 1.00 33.19 ? 145 LYS A CD  1 
ATOM   1154 C  CE  . LYS A 1 146 ? 9.373   8.037   -13.982 1.00 34.27 ? 145 LYS A CE  1 
ATOM   1155 N  NZ  . LYS A 1 146 ? 9.792   7.985   -15.420 1.00 37.79 ? 145 LYS A NZ  1 
ATOM   1156 N  N   . TYR A 1 147 ? 10.091  10.195  -8.770  1.00 21.12 ? 146 TYR A N   1 
ATOM   1157 C  CA  . TYR A 1 147 ? 9.922   11.466  -8.076  1.00 21.36 ? 146 TYR A CA  1 
ATOM   1158 C  C   . TYR A 1 147 ? 11.153  12.343  -8.300  1.00 22.10 ? 146 TYR A C   1 
ATOM   1159 O  O   . TYR A 1 147 ? 11.019  13.527  -8.601  1.00 22.72 ? 146 TYR A O   1 
ATOM   1160 C  CB  . TYR A 1 147 ? 9.763   11.243  -6.581  1.00 22.46 ? 146 TYR A CB  1 
ATOM   1161 C  CG  . TYR A 1 147 ? 8.354   11.032  -6.056  1.00 22.31 ? 146 TYR A CG  1 
ATOM   1162 C  CD1 . TYR A 1 147 ? 7.424   10.246  -6.732  1.00 22.62 ? 146 TYR A CD1 1 
ATOM   1163 C  CD2 . TYR A 1 147 ? 7.988   11.577  -4.845  1.00 23.97 ? 146 TYR A CD2 1 
ATOM   1164 C  CE1 . TYR A 1 147 ? 6.154   10.033  -6.212  1.00 22.81 ? 146 TYR A CE1 1 
ATOM   1165 C  CE2 . TYR A 1 147 ? 6.720   11.359  -4.311  1.00 24.64 ? 146 TYR A CE2 1 
ATOM   1166 C  CZ  . TYR A 1 147 ? 5.816   10.602  -5.006  1.00 23.24 ? 146 TYR A CZ  1 
ATOM   1167 O  OH  . TYR A 1 147 ? 4.558   10.418  -4.452  1.00 24.99 ? 146 TYR A OH  1 
ATOM   1168 N  N   . LYS A 1 148 ? 12.331  11.742  -8.135  1.00 22.07 ? 147 LYS A N   1 
ATOM   1169 C  CA  . LYS A 1 148 ? 13.610  12.470  -8.319  1.00 23.42 ? 147 LYS A CA  1 
ATOM   1170 C  C   . LYS A 1 148 ? 13.738  12.993  -9.758  1.00 25.09 ? 147 LYS A C   1 
ATOM   1171 O  O   . LYS A 1 148 ? 14.082  14.165  -9.966  1.00 25.72 ? 147 LYS A O   1 
ATOM   1172 C  CB  . LYS A 1 148 ? 14.789  11.585  -7.895  1.00 26.45 ? 147 LYS A CB  1 
ATOM   1173 C  CG  . LYS A 1 148 ? 16.155  12.264  -7.936  1.00 30.49 ? 147 LYS A CG  1 
ATOM   1174 C  CD  . LYS A 1 148 ? 16.321  13.290  -6.829  1.00 33.74 ? 147 LYS A CD  1 
ATOM   1175 C  CE  . LYS A 1 148 ? 17.737  13.840  -6.856  1.00 35.80 ? 147 LYS A CE  1 
ATOM   1176 N  NZ  . LYS A 1 148 ? 17.828  15.165  -6.195  1.00 37.51 ? 147 LYS A NZ  1 
ATOM   1177 N  N   . GLU A 1 149 ? 13.425  12.146  -10.735 1.00 24.75 ? 148 GLU A N   1 
ATOM   1178 C  CA  . GLU A 1 149 ? 13.385  12.551  -12.138 1.00 25.71 ? 148 GLU A CA  1 
ATOM   1179 C  C   . GLU A 1 149 ? 12.498  13.796  -12.354 1.00 27.47 ? 148 GLU A C   1 
ATOM   1180 O  O   . GLU A 1 149 ? 12.923  14.769  -12.987 1.00 27.78 ? 148 GLU A O   1 
ATOM   1181 C  CB  . GLU A 1 149 ? 12.915  11.379  -13.010 1.00 28.80 ? 148 GLU A CB  1 
ATOM   1182 C  CG  . GLU A 1 149 ? 12.895  11.683  -14.494 1.00 32.74 ? 148 GLU A CG  1 
ATOM   1183 C  CD  . GLU A 1 149 ? 12.248  10.588  -15.327 1.00 35.96 ? 148 GLU A CD  1 
ATOM   1184 O  OE1 . GLU A 1 149 ? 12.381  9.398   -14.968 1.00 38.21 ? 148 GLU A OE1 1 
ATOM   1185 O  OE2 . GLU A 1 149 ? 11.607  10.930  -16.349 1.00 38.89 ? 148 GLU A OE2 1 
ATOM   1186 N  N   . LEU A 1 150 ? 11.284  13.777  -11.802 1.00 25.98 ? 149 LEU A N   1 
ATOM   1187 C  CA  . LEU A 1 150 ? 10.340  14.887  -11.951 1.00 27.83 ? 149 LEU A CA  1 
ATOM   1188 C  C   . LEU A 1 150 ? 10.609  16.065  -11.007 1.00 28.26 ? 149 LEU A C   1 
ATOM   1189 O  O   . LEU A 1 150 ? 9.941   17.085  -11.110 1.00 33.62 ? 149 LEU A O   1 
ATOM   1190 C  CB  . LEU A 1 150 ? 8.892   14.400  -11.787 1.00 28.55 ? 149 LEU A CB  1 
ATOM   1191 C  CG  . LEU A 1 150 ? 8.409   13.385  -12.820 1.00 30.92 ? 149 LEU A CG  1 
ATOM   1192 C  CD1 . LEU A 1 150 ? 7.048   12.839  -12.408 1.00 30.56 ? 149 LEU A CD1 1 
ATOM   1193 C  CD2 . LEU A 1 150 ? 8.358   14.000  -14.218 1.00 31.87 ? 149 LEU A CD2 1 
ATOM   1194 N  N   . GLY A 1 151 ? 11.564  15.918  -10.094 1.00 27.90 ? 150 GLY A N   1 
ATOM   1195 C  CA  . GLY A 1 151 ? 12.015  17.022  -9.244  1.00 29.07 ? 150 GLY A CA  1 
ATOM   1196 C  C   . GLY A 1 151 ? 11.195  17.214  -7.982  1.00 30.22 ? 150 GLY A C   1 
ATOM   1197 O  O   . GLY A 1 151 ? 11.048  18.339  -7.474  1.00 30.96 ? 150 GLY A O   1 
ATOM   1198 N  N   . TYR A 1 152 ? 10.662  16.110  -7.463  1.00 29.68 ? 151 TYR A N   1 
ATOM   1199 C  CA  . TYR A 1 152 ? 9.849   16.147  -6.244  1.00 33.45 ? 151 TYR A CA  1 
ATOM   1200 C  C   . TYR A 1 152 ? 10.621  15.522  -5.079  1.00 39.50 ? 151 TYR A C   1 
ATOM   1201 O  O   . TYR A 1 152 ? 10.796  16.160  -4.032  1.00 46.52 ? 151 TYR A O   1 
ATOM   1202 C  CB  . TYR A 1 152 ? 8.467   15.476  -6.475  1.00 29.79 ? 151 TYR A CB  1 
ATOM   1203 C  CG  A TYR A 1 152 ? 7.576   16.252  -7.416  0.50 27.20 ? 151 TYR A CG  1 
ATOM   1204 C  CG  B TYR A 1 152 ? 7.532   15.517  -5.262  0.50 32.62 ? 151 TYR A CG  1 
ATOM   1205 C  CD1 A TYR A 1 152 ? 7.590   16.004  -8.774  0.50 26.15 ? 151 TYR A CD1 1 
ATOM   1206 C  CD1 B TYR A 1 152 ? 6.731   16.621  -4.989  0.50 33.17 ? 151 TYR A CD1 1 
ATOM   1207 C  CD2 A TYR A 1 152 ? 6.734   17.250  -6.939  0.50 25.50 ? 151 TYR A CD2 1 
ATOM   1208 C  CD2 B TYR A 1 152 ? 7.464   14.447  -4.389  0.50 32.70 ? 151 TYR A CD2 1 
ATOM   1209 C  CE1 A TYR A 1 152 ? 6.782   16.714  -9.635  0.50 25.25 ? 151 TYR A CE1 1 
ATOM   1210 C  CE1 B TYR A 1 152 ? 5.893   16.641  -3.884  0.50 34.27 ? 151 TYR A CE1 1 
ATOM   1211 C  CE2 A TYR A 1 152 ? 5.919   17.961  -7.790  0.50 24.80 ? 151 TYR A CE2 1 
ATOM   1212 C  CE2 B TYR A 1 152 ? 6.633   14.459  -3.287  0.50 32.82 ? 151 TYR A CE2 1 
ATOM   1213 C  CZ  A TYR A 1 152 ? 5.948   17.684  -9.137  0.50 24.94 ? 151 TYR A CZ  1 
ATOM   1214 C  CZ  B TYR A 1 152 ? 5.852   15.552  -3.036  0.50 33.11 ? 151 TYR A CZ  1 
ATOM   1215 O  OH  A TYR A 1 152 ? 5.154   18.384  -9.999  0.50 26.64 ? 151 TYR A OH  1 
ATOM   1216 O  OH  B TYR A 1 152 ? 5.041   15.542  -1.929  0.50 34.00 ? 151 TYR A OH  1 
ATOM   1217 N  N   . GLN A 1 153 ? 11.122  14.312  -5.311  1.00 45.59 ? 152 GLN A N   1 
ATOM   1218 C  CA  . GLN A 1 153 ? 11.758  13.427  -4.305  1.00 52.11 ? 152 GLN A CA  1 
ATOM   1219 C  C   . GLN A 1 153 ? 11.738  13.831  -2.815  1.00 54.75 ? 152 GLN A C   1 
ATOM   1220 O  O   . GLN A 1 153 ? 12.041  14.970  -2.444  1.00 55.03 ? 152 GLN A O   1 
ATOM   1221 C  CB  . GLN A 1 153 ? 13.175  13.032  -4.727  1.00 50.77 ? 152 GLN A CB  1 
ATOM   1222 C  CG  . GLN A 1 153 ? 13.519  11.593  -4.352  1.00 53.70 ? 152 GLN A CG  1 
ATOM   1223 C  CD  . GLN A 1 153 ? 14.899  11.460  -3.738  1.00 56.28 ? 152 GLN A CD  1 
ATOM   1224 O  OE1 . GLN A 1 153 ? 15.663  10.554  -4.081  1.00 56.31 ? 152 GLN A OE1 1 
ATOM   1225 N  NE2 . GLN A 1 153 ? 15.223  12.358  -2.812  1.00 58.12 ? 152 GLN A NE2 1 
ATOM   1226 N  N   . GLY A 1 154 ? 11.422  12.855  -1.968  1.00 59.56 ? 153 GLY A N   1 
ATOM   1227 C  CA  . GLY A 1 154 ? 11.101  13.115  -0.570  1.00 57.49 ? 153 GLY A CA  1 
ATOM   1228 C  C   . GLY A 1 154 ? 9.653   13.570  -0.501  1.00 58.60 ? 153 GLY A C   1 
ATOM   1229 O  O   . GLY A 1 154 ? 9.240   14.275  0.421   1.00 60.28 ? 153 GLY A O   1 
ATOM   1230 O  OXT . GLY A 1 154 ? 8.859   13.246  -1.390  1.00 52.18 ? 153 GLY A OXT 1 
HETATM 1231 C  CHA . HEM B 2 .   ? -5.555  8.194   -5.537  1.00 18.25 ? 201 HEM A CHA 1 
HETATM 1232 C  CHB . HEM B 2 .   ? -2.955  3.920   -5.467  1.00 16.58 ? 201 HEM A CHB 1 
HETATM 1233 C  CHC . HEM B 2 .   ? -0.611  5.337   -1.488  1.00 16.62 ? 201 HEM A CHC 1 
HETATM 1234 C  CHD . HEM B 2 .   ? -3.085  9.664   -1.651  1.00 17.40 ? 201 HEM A CHD 1 
HETATM 1235 C  C1A . HEM B 2 .   ? -5.012  6.893   -5.860  1.00 18.06 ? 201 HEM A C1A 1 
HETATM 1236 C  C2A . HEM B 2 .   ? -5.453  6.140   -7.066  1.00 18.49 ? 201 HEM A C2A 1 
HETATM 1237 C  C3A . HEM B 2 .   ? -4.695  4.890   -7.039  1.00 19.20 ? 201 HEM A C3A 1 
HETATM 1238 C  C4A . HEM B 2 .   ? -3.852  4.974   -5.834  1.00 16.99 ? 201 HEM A C4A 1 
HETATM 1239 C  CMA . HEM B 2 .   ? -4.743  3.751   -8.021  1.00 19.40 ? 201 HEM A CMA 1 
HETATM 1240 C  CAA . HEM B 2 .   ? -6.448  6.622   -8.102  1.00 20.74 ? 201 HEM A CAA 1 
HETATM 1241 C  CBA . HEM B 2 .   ? -5.687  7.025   -9.380  1.00 24.20 ? 201 HEM A CBA 1 
HETATM 1242 C  CGA . HEM B 2 .   ? -4.669  8.125   -9.134  1.00 25.46 ? 201 HEM A CGA 1 
HETATM 1243 O  O1A . HEM B 2 .   ? -3.453  7.864   -9.298  1.00 29.07 ? 201 HEM A O1A 1 
HETATM 1244 O  O2A . HEM B 2 .   ? -5.082  9.243   -8.762  1.00 27.76 ? 201 HEM A O2A 1 
HETATM 1245 C  C1B . HEM B 2 .   ? -2.064  3.951   -4.341  1.00 16.13 ? 201 HEM A C1B 1 
HETATM 1246 C  C2B . HEM B 2 .   ? -1.236  2.791   -4.034  1.00 16.47 ? 201 HEM A C2B 1 
HETATM 1247 C  C3B . HEM B 2 .   ? -0.582  3.211   -2.842  1.00 17.35 ? 201 HEM A C3B 1 
HETATM 1248 C  C4B . HEM B 2 .   ? -1.084  4.560   -2.616  1.00 16.11 ? 201 HEM A C4B 1 
HETATM 1249 C  CMB . HEM B 2 .   ? -1.145  1.500   -4.770  1.00 18.69 ? 201 HEM A CMB 1 
HETATM 1250 C  CAB . HEM B 2 .   ? 0.413   2.431   -2.068  1.00 17.30 ? 201 HEM A CAB 1 
HETATM 1251 C  CBB . HEM B 2 .   ? 0.186   1.177   -1.687  1.00 19.46 ? 201 HEM A CBB 1 
HETATM 1252 C  C1C . HEM B 2 .   ? -1.109  6.628   -1.099  1.00 16.48 ? 201 HEM A C1C 1 
HETATM 1253 C  C2C . HEM B 2 .   ? -0.757  7.295   0.185   1.00 17.36 ? 201 HEM A C2C 1 
HETATM 1254 C  C3C . HEM B 2 .   ? -1.505  8.555   0.110   1.00 17.53 ? 201 HEM A C3C 1 
HETATM 1255 C  C4C . HEM B 2 .   ? -2.260  8.588   -1.163  1.00 17.63 ? 201 HEM A C4C 1 
HETATM 1256 C  CMC . HEM B 2 .   ? 0.152   6.779   1.274   1.00 17.68 ? 201 HEM A CMC 1 
HETATM 1257 C  CAC . HEM B 2 .   ? -1.557  9.661   1.095   1.00 18.21 ? 201 HEM A CAC 1 
HETATM 1258 C  CBC . HEM B 2 .   ? -1.000  9.632   2.291   1.00 22.69 ? 201 HEM A CBC 1 
HETATM 1259 C  C1D . HEM B 2 .   ? -3.993  9.593   -2.765  1.00 17.61 ? 201 HEM A C1D 1 
HETATM 1260 C  C2D . HEM B 2 .   ? -4.914  10.726  -2.950  1.00 18.63 ? 201 HEM A C2D 1 
HETATM 1261 C  C3D . HEM B 2 .   ? -5.657  10.281  -4.095  1.00 18.49 ? 201 HEM A C3D 1 
HETATM 1262 C  C4D . HEM B 2 .   ? -5.088  8.974   -4.418  1.00 17.48 ? 201 HEM A C4D 1 
HETATM 1263 C  CMD . HEM B 2 .   ? -5.070  12.001  -2.171  1.00 19.93 ? 201 HEM A CMD 1 
HETATM 1264 C  CAD . HEM B 2 .   ? -6.804  10.977  -4.771  1.00 20.36 ? 201 HEM A CAD 1 
HETATM 1265 C  CBD . HEM B 2 .   ? -8.031  10.434  -4.027  1.00 22.13 ? 201 HEM A CBD 1 
HETATM 1266 C  CGD . HEM B 2 .   ? -9.297  11.090  -4.543  1.00 25.30 ? 201 HEM A CGD 1 
HETATM 1267 O  O1D . HEM B 2 .   ? -9.581  12.247  -4.175  1.00 27.65 ? 201 HEM A O1D 1 
HETATM 1268 O  O2D . HEM B 2 .   ? -10.020 10.445  -5.321  1.00 27.14 ? 201 HEM A O2D 1 
HETATM 1269 N  NA  . HEM B 2 .   ? -4.074  6.151   -5.048  1.00 17.75 ? 201 HEM A NA  1 
HETATM 1270 N  NB  . HEM B 2 .   ? -2.006  4.998   -3.499  1.00 16.77 ? 201 HEM A NB  1 
HETATM 1271 N  NC  . HEM B 2 .   ? -2.074  7.364   -1.887  1.00 16.71 ? 201 HEM A NC  1 
HETATM 1272 N  ND  . HEM B 2 .   ? -4.105  8.557   -3.612  1.00 17.46 ? 201 HEM A ND  1 
HETATM 1273 FE FE  . HEM B 2 .   ? -2.904  6.862   -3.627  1.00 17.48 ? 201 HEM A FE  1 
HETATM 1274 ZN ZN  . ZN  C 3 .   ? 2.745   10.095  11.937  0.90 21.31 ? 202 ZN  A ZN  1 
HETATM 1275 ZN ZN  . ZN  D 3 .   ? -20.702 -1.377  3.099   0.90 22.72 ? 203 ZN  A ZN  1 
HETATM 1276 S  S   . SO4 E 4 .   ? -19.660 8.032   3.048   0.70 19.94 ? 204 SO4 A S   1 
HETATM 1277 O  O1  . SO4 E 4 .   ? -20.553 9.193   2.823   0.70 22.63 ? 204 SO4 A O1  1 
HETATM 1278 O  O2  . SO4 E 4 .   ? -20.323 7.070   3.933   0.70 21.76 ? 204 SO4 A O2  1 
HETATM 1279 O  O3  . SO4 E 4 .   ? -18.392 8.472   3.642   0.70 21.38 ? 204 SO4 A O3  1 
HETATM 1280 O  O4  . SO4 E 4 .   ? -19.394 7.302   1.794   0.70 19.63 ? 204 SO4 A O4  1 
HETATM 1281 S  S   . SO4 F 4 .   ? -11.905 5.473   -6.313  0.80 31.68 ? 205 SO4 A S   1 
HETATM 1282 O  O1  . SO4 F 4 .   ? -12.693 6.684   -6.669  0.80 37.12 ? 205 SO4 A O1  1 
HETATM 1283 O  O2  . SO4 F 4 .   ? -11.730 4.414   -7.329  0.80 35.88 ? 205 SO4 A O2  1 
HETATM 1284 O  O3  . SO4 F 4 .   ? -11.139 5.339   -5.045  0.80 36.19 ? 205 SO4 A O3  1 
HETATM 1285 O  O4  . SO4 F 4 .   ? -10.723 6.193   -6.821  0.80 36.65 ? 205 SO4 A O4  1 
HETATM 1286 S  S   . SO4 G 4 .   ? -4.565  -18.186 9.824   0.40 33.55 ? 206 SO4 A S   1 
HETATM 1287 O  O1  . SO4 G 4 .   ? -5.626  -17.222 10.202  0.40 33.39 ? 206 SO4 A O1  1 
HETATM 1288 O  O2  . SO4 G 4 .   ? -5.180  -19.402 9.246   0.40 32.51 ? 206 SO4 A O2  1 
HETATM 1289 O  O3  . SO4 G 4 .   ? -3.826  -18.529 11.054  0.40 33.56 ? 206 SO4 A O3  1 
HETATM 1290 O  O4  . SO4 G 4 .   ? -3.654  -17.559 8.831   0.40 29.22 ? 206 SO4 A O4  1 
HETATM 1291 O  O3  . N2O H 5 .   ? 1.566   5.244   -4.970  0.75 34.86 ? 207 N2O A O3  1 
HETATM 1292 N  N2  . N2O H 5 .   ? 2.371   6.081   -5.300  0.75 36.40 ? 207 N2O A N2  1 
HETATM 1293 N  N1  . N2O H 5 .   ? 3.158   6.865   -5.612  0.75 37.83 ? 207 N2O A N1  1 
HETATM 1294 O  O3  . N2O I 5 .   ? 3.446   0.090   -0.223  0.40 26.61 ? 208 N2O A O3  1 
HETATM 1295 N  N2  . N2O I 5 .   ? 4.093   1.104   -0.399  0.40 26.81 ? 208 N2O A N2  1 
HETATM 1296 N  N1  . N2O I 5 .   ? 4.717   2.070   -0.539  0.40 25.88 ? 208 N2O A N1  1 
HETATM 1297 O  O3  . N2O J 5 .   ? 7.676   -4.409  -6.256  0.60 33.33 ? 209 N2O A O3  1 
HETATM 1298 N  N2  . N2O J 5 .   ? 6.630   -4.221  -5.676  0.60 32.53 ? 209 N2O A N2  1 
HETATM 1299 N  N1  . N2O J 5 .   ? 5.634   -4.045  -5.108  0.60 33.83 ? 209 N2O A N1  1 
HETATM 1300 O  O3  . N2O K 5 .   ? -3.721  -0.294  0.970   0.20 23.79 ? 210 N2O A O3  1 
HETATM 1301 N  N2  . N2O K 5 .   ? -4.905  -0.012  0.931   0.20 23.52 ? 210 N2O A N2  1 
HETATM 1302 N  N1  . N2O K 5 .   ? -6.014  0.315   0.868   0.20 23.59 ? 210 N2O A N1  1 
HETATM 1303 O  O   . HOH L 6 .   ? -17.393 11.221  2.557   1.00 23.98 ? 301 HOH A O   1 
HETATM 1304 O  O   . HOH L 6 .   ? -14.878 2.064   5.623   1.00 23.63 ? 302 HOH A O   1 
HETATM 1305 O  O   . HOH L 6 .   ? -8.562  -13.434 3.245   1.00 28.44 ? 303 HOH A O   1 
HETATM 1306 O  O   . HOH L 6 .   ? 15.346  5.361   -5.446  1.00 29.52 ? 304 HOH A O   1 
HETATM 1307 O  O   . HOH L 6 .   ? -13.839 16.177  3.249   1.00 33.63 ? 305 HOH A O   1 
HETATM 1308 O  O   . HOH L 6 .   ? -17.504 9.158   16.189  1.00 27.32 ? 306 HOH A O   1 
HETATM 1309 O  O   . HOH L 6 .   ? 12.609  5.432   8.184   1.00 31.07 ? 307 HOH A O   1 
HETATM 1310 O  O   . HOH L 6 .   ? -8.771  13.301  -1.872  1.00 27.74 ? 308 HOH A O   1 
HETATM 1311 O  O   . HOH L 6 .   ? 15.626  8.166   -5.940  1.00 33.62 ? 309 HOH A O   1 
HETATM 1312 O  O   . HOH L 6 .   ? -7.126  0.411   -9.098  1.00 33.93 ? 310 HOH A O   1 
HETATM 1313 O  O   . HOH L 6 .   ? -6.708  15.257  -1.983  1.00 35.86 ? 311 HOH A O   1 
HETATM 1314 O  O   . HOH L 6 .   ? -11.426 -1.318  1.206   1.00 26.34 ? 312 HOH A O   1 
HETATM 1315 O  O   . HOH L 6 .   ? -18.758 8.125   8.245   1.00 32.28 ? 313 HOH A O   1 
HETATM 1316 O  O   . HOH L 6 .   ? -12.327 -10.006 -2.860  1.00 36.97 ? 314 HOH A O   1 
HETATM 1317 O  O   . HOH L 6 .   ? -15.626 10.624  0.837   1.00 28.87 ? 315 HOH A O   1 
HETATM 1318 O  O   . HOH L 6 .   ? -4.530  6.135   -2.176  1.00 21.20 ? 316 HOH A O   1 
HETATM 1319 O  O   . HOH L 6 .   ? 6.548   -5.899  -8.922  1.00 29.65 ? 317 HOH A O   1 
HETATM 1320 O  O   . HOH L 6 .   ? 1.223   2.912   9.501   1.00 31.73 ? 318 HOH A O   1 
HETATM 1321 O  O   . HOH L 6 .   ? -8.945  -12.160 6.025   1.00 32.76 ? 319 HOH A O   1 
HETATM 1322 O  O   . HOH L 6 .   ? -20.937 6.739   -0.359  1.00 36.27 ? 320 HOH A O   1 
HETATM 1323 O  O   . HOH L 6 .   ? -9.040  8.373   -6.739  1.00 35.50 ? 321 HOH A O   1 
HETATM 1324 O  O   . HOH L 6 .   ? -7.562  -1.433  10.865  1.00 33.14 ? 322 HOH A O   1 
HETATM 1325 O  O   . HOH L 6 .   ? 9.491   -19.808 -0.996  1.00 35.95 ? 323 HOH A O   1 
HETATM 1326 O  O   . HOH L 6 .   ? 0.063   15.574  5.271   1.00 33.74 ? 324 HOH A O   1 
HETATM 1327 O  O   . HOH L 6 .   ? -1.012  -14.073 -6.642  1.00 37.59 ? 325 HOH A O   1 
HETATM 1328 O  O   . HOH L 6 .   ? 12.443  11.211  -18.880 1.00 32.78 ? 326 HOH A O   1 
HETATM 1329 O  O   . HOH L 6 .   ? -3.402  15.670  -2.020  1.00 35.48 ? 327 HOH A O   1 
HETATM 1330 O  O   . HOH L 6 .   ? -18.731 2.641   12.729  1.00 34.39 ? 328 HOH A O   1 
HETATM 1331 O  O   . HOH L 6 .   ? -9.152  -13.007 8.945   1.00 36.77 ? 329 HOH A O   1 
HETATM 1332 O  O   . HOH L 6 .   ? 15.128  2.805   -9.021  1.00 48.30 ? 330 HOH A O   1 
HETATM 1333 O  O   . HOH L 6 .   ? -18.577 9.875   6.182   1.00 35.36 ? 331 HOH A O   1 
HETATM 1334 O  O   . HOH L 6 .   ? 0.925   0.544   11.050  1.00 39.97 ? 332 HOH A O   1 
HETATM 1335 O  O   . HOH L 6 .   ? -6.983  -17.402 -0.786  1.00 37.80 ? 333 HOH A O   1 
HETATM 1336 O  O   . HOH L 6 .   ? -6.864  9.703   12.735  1.00 39.18 ? 334 HOH A O   1 
HETATM 1337 O  O   . HOH L 6 .   ? -18.007 0.856   -0.858  1.00 32.54 ? 335 HOH A O   1 
HETATM 1338 O  O   . HOH L 6 .   ? -0.419  0.922   -10.783 1.00 41.20 ? 336 HOH A O   1 
HETATM 1339 O  O   . HOH L 6 .   ? 12.150  -14.213 3.439   1.00 38.67 ? 337 HOH A O   1 
HETATM 1340 O  O   . HOH L 6 .   ? -5.421  15.123  -4.700  1.00 42.66 ? 338 HOH A O   1 
HETATM 1341 O  O   . HOH L 6 .   ? 4.217   -2.973  10.465  1.00 38.28 ? 339 HOH A O   1 
HETATM 1342 O  O   . HOH L 6 .   ? -4.798  15.779  9.272   1.00 52.89 ? 340 HOH A O   1 
HETATM 1343 O  O   . HOH L 6 .   ? -4.950  -6.638  -8.824  1.00 33.89 ? 341 HOH A O   1 
HETATM 1344 O  O   . HOH L 6 .   ? 15.473  -18.809 -3.128  1.00 49.29 ? 342 HOH A O   1 
HETATM 1345 O  O   . HOH L 6 .   ? -18.950 6.479   -2.601  1.00 39.88 ? 343 HOH A O   1 
HETATM 1346 O  O   . HOH L 6 .   ? -0.300  -7.147  -13.515 1.00 40.45 ? 344 HOH A O   1 
HETATM 1347 O  O   . HOH L 6 .   ? -19.880 7.997   15.046  1.00 41.47 ? 345 HOH A O   1 
HETATM 1348 O  O   . HOH L 6 .   ? -13.900 -7.470  -1.748  1.00 42.38 ? 346 HOH A O   1 
HETATM 1349 O  O   . HOH L 6 .   ? 1.901   6.207   15.185  1.00 38.55 ? 347 HOH A O   1 
HETATM 1350 O  O   . HOH L 6 .   ? -4.889  15.616  12.251  1.00 47.82 ? 348 HOH A O   1 
HETATM 1351 O  O   . HOH L 6 .   ? 13.295  -7.832  4.904   1.00 42.88 ? 349 HOH A O   1 
HETATM 1352 O  O   . HOH L 6 .   ? -1.924  -18.848 -1.175  1.00 38.26 ? 350 HOH A O   1 
HETATM 1353 O  O   . HOH L 6 .   ? 0.729   -20.180 13.775  1.00 46.49 ? 351 HOH A O   1 
HETATM 1354 O  O   . HOH L 6 .   ? -18.373 0.708   5.294   1.00 38.47 ? 352 HOH A O   1 
HETATM 1355 O  O   . HOH L 6 .   ? 19.351  12.500  -9.086  1.00 45.36 ? 353 HOH A O   1 
# 
loop_
_pdbx_poly_seq_scheme.asym_id 
_pdbx_poly_seq_scheme.entity_id 
_pdbx_poly_seq_scheme.seq_id 
_pdbx_poly_seq_scheme.mon_id 
_pdbx_poly_seq_scheme.ndb_seq_num 
_pdbx_poly_seq_scheme.pdb_seq_num 
_pdbx_poly_seq_scheme.auth_seq_num 
_pdbx_poly_seq_scheme.pdb_mon_id 
_pdbx_poly_seq_scheme.auth_mon_id 
_pdbx_poly_seq_scheme.pdb_strand_id 
_pdbx_poly_seq_scheme.pdb_ins_code 
_pdbx_poly_seq_scheme.hetero 
A 1 1   MET 1   0   ?   ?   ?   A . n 
A 1 2   VAL 2   1   1   VAL VAL A . n 
A 1 3   LEU 3   2   2   LEU LEU A . n 
A 1 4   SER 4   3   3   SER SER A . n 
A 1 5   GLU 5   4   4   GLU GLU A . n 
A 1 6   GLY 6   5   5   GLY GLY A . n 
A 1 7   GLU 7   6   6   GLU GLU A . n 
A 1 8   TRP 8   7   7   TRP TRP A . n 
A 1 9   GLN 9   8   8   GLN GLN A . n 
A 1 10  LEU 10  9   9   LEU LEU A . n 
A 1 11  VAL 11  10  10  VAL VAL A . n 
A 1 12  LEU 12  11  11  LEU LEU A . n 
A 1 13  HIS 13  12  12  HIS HIS A . n 
A 1 14  VAL 14  13  13  VAL VAL A . n 
A 1 15  TRP 15  14  14  TRP TRP A . n 
A 1 16  ALA 16  15  15  ALA ALA A . n 
A 1 17  LYS 17  16  16  LYS LYS A . n 
A 1 18  VAL 18  17  17  VAL VAL A . n 
A 1 19  GLU 19  18  18  GLU GLU A . n 
A 1 20  ALA 20  19  19  ALA ALA A . n 
A 1 21  ASP 21  20  20  ASP ASP A . n 
A 1 22  VAL 22  21  21  VAL VAL A . n 
A 1 23  ALA 23  22  22  ALA ALA A . n 
A 1 24  GLY 24  23  23  GLY GLY A . n 
A 1 25  HIS 25  24  24  HIS HIS A . n 
A 1 26  GLY 26  25  25  GLY GLY A . n 
A 1 27  GLN 27  26  26  GLN GLN A . n 
A 1 28  ASP 28  27  27  ASP ASP A . n 
A 1 29  ILE 29  28  28  ILE ILE A . n 
A 1 30  LEU 30  29  29  LEU LEU A . n 
A 1 31  ILE 31  30  30  ILE ILE A . n 
A 1 32  ARG 32  31  31  ARG ARG A . n 
A 1 33  LEU 33  32  32  LEU LEU A . n 
A 1 34  PHE 34  33  33  PHE PHE A . n 
A 1 35  LYS 35  34  34  LYS LYS A . n 
A 1 36  SER 36  35  35  SER SER A . n 
A 1 37  HIS 37  36  36  HIS HIS A . n 
A 1 38  PRO 38  37  37  PRO PRO A . n 
A 1 39  GLU 39  38  38  GLU GLU A . n 
A 1 40  THR 40  39  39  THR THR A . n 
A 1 41  LEU 41  40  40  LEU LEU A . n 
A 1 42  GLU 42  41  41  GLU GLU A . n 
A 1 43  LYS 43  42  42  LYS LYS A . n 
A 1 44  PHE 44  43  43  PHE PHE A . n 
A 1 45  ASP 45  44  44  ASP ASP A . n 
A 1 46  ARG 46  45  45  ARG ARG A . n 
A 1 47  PHE 47  46  46  PHE PHE A . n 
A 1 48  LYS 48  47  47  LYS LYS A . n 
A 1 49  HIS 49  48  48  HIS HIS A . n 
A 1 50  LEU 50  49  49  LEU LEU A . n 
A 1 51  LYS 51  50  50  LYS LYS A . n 
A 1 52  THR 52  51  51  THR THR A . n 
A 1 53  GLU 53  52  52  GLU GLU A . n 
A 1 54  ALA 54  53  53  ALA ALA A . n 
A 1 55  GLU 55  54  54  GLU GLU A . n 
A 1 56  MET 56  55  55  MET MET A . n 
A 1 57  LYS 57  56  56  LYS LYS A . n 
A 1 58  ALA 58  57  57  ALA ALA A . n 
A 1 59  SER 59  58  58  SER SER A . n 
A 1 60  GLU 60  59  59  GLU GLU A . n 
A 1 61  ASP 61  60  60  ASP ASP A . n 
A 1 62  LEU 62  61  61  LEU LEU A . n 
A 1 63  LYS 63  62  62  LYS LYS A . n 
A 1 64  LYS 64  63  63  LYS LYS A . n 
A 1 65  HIS 65  64  64  HIS HIS A . n 
A 1 66  GLY 66  65  65  GLY GLY A . n 
A 1 67  VAL 67  66  66  VAL VAL A . n 
A 1 68  THR 68  67  67  THR THR A . n 
A 1 69  VAL 69  68  68  VAL VAL A . n 
A 1 70  LEU 70  69  69  LEU LEU A . n 
A 1 71  THR 71  70  70  THR THR A . n 
A 1 72  ALA 72  71  71  ALA ALA A . n 
A 1 73  LEU 73  72  72  LEU LEU A . n 
A 1 74  GLY 74  73  73  GLY GLY A . n 
A 1 75  ALA 75  74  74  ALA ALA A . n 
A 1 76  ILE 76  75  75  ILE ILE A . n 
A 1 77  LEU 77  76  76  LEU LEU A . n 
A 1 78  LYS 78  77  77  LYS LYS A . n 
A 1 79  LYS 79  78  78  LYS LYS A . n 
A 1 80  LYS 80  79  79  LYS LYS A . n 
A 1 81  GLY 81  80  80  GLY GLY A . n 
A 1 82  HIS 82  81  81  HIS HIS A . n 
A 1 83  HIS 83  82  82  HIS HIS A . n 
A 1 84  GLU 84  83  83  GLU GLU A . n 
A 1 85  ALA 85  84  84  ALA ALA A . n 
A 1 86  GLU 86  85  85  GLU GLU A . n 
A 1 87  LEU 87  86  86  LEU LEU A . n 
A 1 88  LYS 88  87  87  LYS LYS A . n 
A 1 89  PRO 89  88  88  PRO PRO A . n 
A 1 90  LEU 90  89  89  LEU LEU A . n 
A 1 91  ALA 91  90  90  ALA ALA A . n 
A 1 92  GLN 92  91  91  GLN GLN A . n 
A 1 93  SER 93  92  92  SER SER A . n 
A 1 94  HIS 94  93  93  HIS HIS A . n 
A 1 95  ALA 95  94  94  ALA ALA A . n 
A 1 96  THR 96  95  95  THR THR A . n 
A 1 97  LYS 97  96  96  LYS LYS A . n 
A 1 98  HIS 98  97  97  HIS HIS A . n 
A 1 99  LYS 99  98  98  LYS LYS A . n 
A 1 100 ILE 100 99  99  ILE ILE A . n 
A 1 101 PRO 101 100 100 PRO PRO A . n 
A 1 102 ILE 102 101 101 ILE ILE A . n 
A 1 103 LYS 103 102 102 LYS LYS A . n 
A 1 104 TYR 104 103 103 TYR TYR A . n 
A 1 105 LEU 105 104 104 LEU LEU A . n 
A 1 106 GLU 106 105 105 GLU GLU A . n 
A 1 107 PHE 107 106 106 PHE PHE A . n 
A 1 108 ILE 108 107 107 ILE ILE A . n 
A 1 109 SER 109 108 108 SER SER A . n 
A 1 110 GLU 110 109 109 GLU GLU A . n 
A 1 111 ALA 111 110 110 ALA ALA A . n 
A 1 112 ILE 112 111 111 ILE ILE A . n 
A 1 113 ILE 113 112 112 ILE ILE A . n 
A 1 114 HIS 114 113 113 HIS HIS A . n 
A 1 115 VAL 115 114 114 VAL VAL A . n 
A 1 116 LEU 116 115 115 LEU LEU A . n 
A 1 117 HIS 117 116 116 HIS HIS A . n 
A 1 118 SER 118 117 117 SER SER A . n 
A 1 119 ARG 119 118 118 ARG ARG A . n 
A 1 120 HIS 120 119 119 HIS HIS A . n 
A 1 121 PRO 121 120 120 PRO PRO A . n 
A 1 122 GLY 122 121 121 GLY GLY A . n 
A 1 123 ASP 123 122 122 ASP ASP A . n 
A 1 124 PHE 124 123 123 PHE PHE A . n 
A 1 125 GLY 125 124 124 GLY GLY A . n 
A 1 126 ALA 126 125 125 ALA ALA A . n 
A 1 127 ASP 127 126 126 ASP ASP A . n 
A 1 128 ALA 128 127 127 ALA ALA A . n 
A 1 129 GLN 129 128 128 GLN GLN A . n 
A 1 130 GLY 130 129 129 GLY GLY A . n 
A 1 131 ALA 131 130 130 ALA ALA A . n 
A 1 132 MET 132 131 131 MET MET A . n 
A 1 133 ASN 133 132 132 ASN ASN A . n 
A 1 134 LYS 134 133 133 LYS LYS A . n 
A 1 135 ALA 135 134 134 ALA ALA A . n 
A 1 136 LEU 136 135 135 LEU LEU A . n 
A 1 137 GLU 137 136 136 GLU GLU A . n 
A 1 138 LEU 138 137 137 LEU LEU A . n 
A 1 139 PHE 139 138 138 PHE PHE A . n 
A 1 140 ARG 140 139 139 ARG ARG A . n 
A 1 141 LYS 141 140 140 LYS LYS A . n 
A 1 142 ASP 142 141 141 ASP ASP A . n 
A 1 143 ILE 143 142 142 ILE ILE A . n 
A 1 144 ALA 144 143 143 ALA ALA A . n 
A 1 145 ALA 145 144 144 ALA ALA A . n 
A 1 146 LYS 146 145 145 LYS LYS A . n 
A 1 147 TYR 147 146 146 TYR TYR A . n 
A 1 148 LYS 148 147 147 LYS LYS A . n 
A 1 149 GLU 149 148 148 GLU GLU A . n 
A 1 150 LEU 150 149 149 LEU LEU A . n 
A 1 151 GLY 151 150 150 GLY GLY A . n 
A 1 152 TYR 152 151 151 TYR TYR A . n 
A 1 153 GLN 153 152 152 GLN GLN A . n 
A 1 154 GLY 154 153 153 GLY GLY A . n 
# 
loop_
_pdbx_nonpoly_scheme.asym_id 
_pdbx_nonpoly_scheme.entity_id 
_pdbx_nonpoly_scheme.mon_id 
_pdbx_nonpoly_scheme.ndb_seq_num 
_pdbx_nonpoly_scheme.pdb_seq_num 
_pdbx_nonpoly_scheme.auth_seq_num 
_pdbx_nonpoly_scheme.pdb_mon_id 
_pdbx_nonpoly_scheme.auth_mon_id 
_pdbx_nonpoly_scheme.pdb_strand_id 
_pdbx_nonpoly_scheme.pdb_ins_code 
B 2 HEM 1  201 160 HEM HEM A . 
C 3 ZN  1  202 170 ZN  ZN  A . 
D 3 ZN  1  203 171 ZN  ZN  A . 
E 4 SO4 1  204 172 SO4 SO4 A . 
F 4 SO4 1  205 173 SO4 SO4 A . 
G 4 SO4 1  206 174 SO4 SO4 A . 
H 5 N2O 1  207 181 N2O N2O A . 
I 5 N2O 1  208 182 N2O N2O A . 
J 5 N2O 1  209 183 N2O N2O A . 
K 5 N2O 1  210 184 N2O N2O A . 
L 6 HOH 1  301 201 HOH HOH A . 
L 6 HOH 2  302 202 HOH HOH A . 
L 6 HOH 3  303 203 HOH HOH A . 
L 6 HOH 4  304 204 HOH HOH A . 
L 6 HOH 5  305 205 HOH HOH A . 
L 6 HOH 6  306 206 HOH HOH A . 
L 6 HOH 7  307 207 HOH HOH A . 
L 6 HOH 8  308 208 HOH HOH A . 
L 6 HOH 9  309 209 HOH HOH A . 
L 6 HOH 10 310 210 HOH HOH A . 
L 6 HOH 11 311 211 HOH HOH A . 
L 6 HOH 12 312 212 HOH HOH A . 
L 6 HOH 13 313 214 HOH HOH A . 
L 6 HOH 14 314 215 HOH HOH A . 
L 6 HOH 15 315 216 HOH HOH A . 
L 6 HOH 16 316 217 HOH HOH A . 
L 6 HOH 17 317 218 HOH HOH A . 
L 6 HOH 18 318 219 HOH HOH A . 
L 6 HOH 19 319 220 HOH HOH A . 
L 6 HOH 20 320 221 HOH HOH A . 
L 6 HOH 21 321 222 HOH HOH A . 
L 6 HOH 22 322 223 HOH HOH A . 
L 6 HOH 23 323 224 HOH HOH A . 
L 6 HOH 24 324 225 HOH HOH A . 
L 6 HOH 25 325 226 HOH HOH A . 
L 6 HOH 26 326 228 HOH HOH A . 
L 6 HOH 27 327 229 HOH HOH A . 
L 6 HOH 28 328 230 HOH HOH A . 
L 6 HOH 29 329 232 HOH HOH A . 
L 6 HOH 30 330 233 HOH HOH A . 
L 6 HOH 31 331 234 HOH HOH A . 
L 6 HOH 32 332 236 HOH HOH A . 
L 6 HOH 33 333 242 HOH HOH A . 
L 6 HOH 34 334 243 HOH HOH A . 
L 6 HOH 35 335 244 HOH HOH A . 
L 6 HOH 36 336 245 HOH HOH A . 
L 6 HOH 37 337 247 HOH HOH A . 
L 6 HOH 38 338 248 HOH HOH A . 
L 6 HOH 39 339 253 HOH HOH A . 
L 6 HOH 40 340 254 HOH HOH A . 
L 6 HOH 41 341 255 HOH HOH A . 
L 6 HOH 42 342 256 HOH HOH A . 
L 6 HOH 43 343 257 HOH HOH A . 
L 6 HOH 44 344 261 HOH HOH A . 
L 6 HOH 45 345 265 HOH HOH A . 
L 6 HOH 46 346 266 HOH HOH A . 
L 6 HOH 47 347 267 HOH HOH A . 
L 6 HOH 48 348 281 HOH HOH A . 
L 6 HOH 49 349 288 HOH HOH A . 
L 6 HOH 50 350 289 HOH HOH A . 
L 6 HOH 51 351 301 HOH HOH A . 
L 6 HOH 52 352 303 HOH HOH A . 
L 6 HOH 53 353 304 HOH HOH A . 
# 
_pdbx_struct_assembly.id                   1 
_pdbx_struct_assembly.details              author_and_software_defined_assembly 
_pdbx_struct_assembly.method_details       PISA 
_pdbx_struct_assembly.oligomeric_details   monomeric 
_pdbx_struct_assembly.oligomeric_count     1 
# 
_pdbx_struct_assembly_gen.assembly_id       1 
_pdbx_struct_assembly_gen.oper_expression   1 
_pdbx_struct_assembly_gen.asym_id_list      A,B,C,D,E,F,G,H,I,J,K,L 
# 
_pdbx_struct_oper_list.id                   1 
_pdbx_struct_oper_list.type                 'identity operation' 
_pdbx_struct_oper_list.name                 1_555 
_pdbx_struct_oper_list.symmetry_operation   x,y,z 
_pdbx_struct_oper_list.matrix[1][1]         1.0000000000 
_pdbx_struct_oper_list.matrix[1][2]         0.0000000000 
_pdbx_struct_oper_list.matrix[1][3]         0.0000000000 
_pdbx_struct_oper_list.vector[1]            0.0000000000 
_pdbx_struct_oper_list.matrix[2][1]         0.0000000000 
_pdbx_struct_oper_list.matrix[2][2]         1.0000000000 
_pdbx_struct_oper_list.matrix[2][3]         0.0000000000 
_pdbx_struct_oper_list.vector[2]            0.0000000000 
_pdbx_struct_oper_list.matrix[3][1]         0.0000000000 
_pdbx_struct_oper_list.matrix[3][2]         0.0000000000 
_pdbx_struct_oper_list.matrix[3][3]         1.0000000000 
_pdbx_struct_oper_list.vector[3]            0.0000000000 
# 
loop_
_pdbx_struct_conn_angle.id 
_pdbx_struct_conn_angle.ptnr1_label_atom_id 
_pdbx_struct_conn_angle.ptnr1_label_alt_id 
_pdbx_struct_conn_angle.ptnr1_label_asym_id 
_pdbx_struct_conn_angle.ptnr1_label_comp_id 
_pdbx_struct_conn_angle.ptnr1_label_seq_id 
_pdbx_struct_conn_angle.ptnr1_auth_atom_id 
_pdbx_struct_conn_angle.ptnr1_auth_asym_id 
_pdbx_struct_conn_angle.ptnr1_auth_comp_id 
_pdbx_struct_conn_angle.ptnr1_auth_seq_id 
_pdbx_struct_conn_angle.ptnr1_PDB_ins_code 
_pdbx_struct_conn_angle.ptnr1_symmetry 
_pdbx_struct_conn_angle.ptnr2_label_atom_id 
_pdbx_struct_conn_angle.ptnr2_label_alt_id 
_pdbx_struct_conn_angle.ptnr2_label_asym_id 
_pdbx_struct_conn_angle.ptnr2_label_comp_id 
_pdbx_struct_conn_angle.ptnr2_label_seq_id 
_pdbx_struct_conn_angle.ptnr2_auth_atom_id 
_pdbx_struct_conn_angle.ptnr2_auth_asym_id 
_pdbx_struct_conn_angle.ptnr2_auth_comp_id 
_pdbx_struct_conn_angle.ptnr2_auth_seq_id 
_pdbx_struct_conn_angle.ptnr2_PDB_ins_code 
_pdbx_struct_conn_angle.ptnr2_symmetry 
_pdbx_struct_conn_angle.ptnr3_label_atom_id 
_pdbx_struct_conn_angle.ptnr3_label_alt_id 
_pdbx_struct_conn_angle.ptnr3_label_asym_id 
_pdbx_struct_conn_angle.ptnr3_label_comp_id 
_pdbx_struct_conn_angle.ptnr3_label_seq_id 
_pdbx_struct_conn_angle.ptnr3_auth_atom_id 
_pdbx_struct_conn_angle.ptnr3_auth_asym_id 
_pdbx_struct_conn_angle.ptnr3_auth_comp_id 
_pdbx_struct_conn_angle.ptnr3_auth_seq_id 
_pdbx_struct_conn_angle.ptnr3_PDB_ins_code 
_pdbx_struct_conn_angle.ptnr3_symmetry 
_pdbx_struct_conn_angle.value 
_pdbx_struct_conn_angle.value_esd 
1  ND1 ? A HIS 37 ? A HIS 36  ? 1_555 ZN ? C ZN  . ? A ZN  202 ? 1_555 OE2 ? A GLU 39 ? A GLU 38  ? 1_555 110.2 ? 
2  OE2 ? A GLU 60 ? A GLU 59  ? 1_555 ZN ? D ZN  . ? A ZN  203 ? 1_555 NZ  ? A LYS 63 ? A LYS 62  ? 1_555 117.8 ? 
3  NE2 ? A HIS 94 ? A HIS 93  ? 1_555 FE ? B HEM . ? A HEM 201 ? 1_555 NA  ? B HEM .  ? A HEM 201 ? 1_555 96.2  ? 
4  NE2 ? A HIS 94 ? A HIS 93  ? 1_555 FE ? B HEM . ? A HEM 201 ? 1_555 NB  ? B HEM .  ? A HEM 201 ? 1_555 94.4  ? 
5  NA  ? B HEM .  ? A HEM 201 ? 1_555 FE ? B HEM . ? A HEM 201 ? 1_555 NB  ? B HEM .  ? A HEM 201 ? 1_555 88.7  ? 
6  NE2 ? A HIS 94 ? A HIS 93  ? 1_555 FE ? B HEM . ? A HEM 201 ? 1_555 NC  ? B HEM .  ? A HEM 201 ? 1_555 98.6  ? 
7  NA  ? B HEM .  ? A HEM 201 ? 1_555 FE ? B HEM . ? A HEM 201 ? 1_555 NC  ? B HEM .  ? A HEM 201 ? 1_555 165.2 ? 
8  NB  ? B HEM .  ? A HEM 201 ? 1_555 FE ? B HEM . ? A HEM 201 ? 1_555 NC  ? B HEM .  ? A HEM 201 ? 1_555 89.5  ? 
9  NE2 ? A HIS 94 ? A HIS 93  ? 1_555 FE ? B HEM . ? A HEM 201 ? 1_555 ND  ? B HEM .  ? A HEM 201 ? 1_555 95.6  ? 
10 NA  ? B HEM .  ? A HEM 201 ? 1_555 FE ? B HEM . ? A HEM 201 ? 1_555 ND  ? B HEM .  ? A HEM 201 ? 1_555 87.5  ? 
11 NB  ? B HEM .  ? A HEM 201 ? 1_555 FE ? B HEM . ? A HEM 201 ? 1_555 ND  ? B HEM .  ? A HEM 201 ? 1_555 169.6 ? 
12 NC  ? B HEM .  ? A HEM 201 ? 1_555 FE ? B HEM . ? A HEM 201 ? 1_555 ND  ? B HEM .  ? A HEM 201 ? 1_555 91.6  ? 
13 NE2 ? A HIS 94 ? A HIS 93  ? 1_555 FE ? B HEM . ? A HEM 201 ? 1_555 O   ? L HOH .  ? A HOH 316 ? 1_555 176.2 ? 
14 NA  ? B HEM .  ? A HEM 201 ? 1_555 FE ? B HEM . ? A HEM 201 ? 1_555 O   ? L HOH .  ? A HOH 316 ? 1_555 85.5  ? 
15 NB  ? B HEM .  ? A HEM 201 ? 1_555 FE ? B HEM . ? A HEM 201 ? 1_555 O   ? L HOH .  ? A HOH 316 ? 1_555 89.0  ? 
16 NC  ? B HEM .  ? A HEM 201 ? 1_555 FE ? B HEM . ? A HEM 201 ? 1_555 O   ? L HOH .  ? A HOH 316 ? 1_555 79.8  ? 
17 ND  ? B HEM .  ? A HEM 201 ? 1_555 FE ? B HEM . ? A HEM 201 ? 1_555 O   ? L HOH .  ? A HOH 316 ? 1_555 81.1  ? 
# 
loop_
_pdbx_audit_revision_history.ordinal 
_pdbx_audit_revision_history.data_content_type 
_pdbx_audit_revision_history.major_revision 
_pdbx_audit_revision_history.minor_revision 
_pdbx_audit_revision_history.revision_date 
1 'Structure model' 1 0 2014-09-24 
2 'Structure model' 1 1 2014-12-17 
3 'Structure model' 1 2 2023-11-08 
# 
_pdbx_audit_revision_details.ordinal             1 
_pdbx_audit_revision_details.revision_ordinal    1 
_pdbx_audit_revision_details.data_content_type   'Structure model' 
_pdbx_audit_revision_details.provider            repository 
_pdbx_audit_revision_details.type                'Initial release' 
_pdbx_audit_revision_details.description         ? 
_pdbx_audit_revision_details.details             ? 
# 
loop_
_pdbx_audit_revision_group.ordinal 
_pdbx_audit_revision_group.revision_ordinal 
_pdbx_audit_revision_group.data_content_type 
_pdbx_audit_revision_group.group 
1 2 'Structure model' 'Database references'    
2 3 'Structure model' 'Data collection'        
3 3 'Structure model' 'Database references'    
4 3 'Structure model' 'Derived calculations'   
5 3 'Structure model' 'Refinement description' 
# 
loop_
_pdbx_audit_revision_category.ordinal 
_pdbx_audit_revision_category.revision_ordinal 
_pdbx_audit_revision_category.data_content_type 
_pdbx_audit_revision_category.category 
1 3 'Structure model' chem_comp_atom                
2 3 'Structure model' chem_comp_bond                
3 3 'Structure model' database_2                    
4 3 'Structure model' pdbx_initial_refinement_model 
5 3 'Structure model' pdbx_struct_conn_angle        
6 3 'Structure model' struct_conn                   
7 3 'Structure model' struct_site                   
# 
loop_
_pdbx_audit_revision_item.ordinal 
_pdbx_audit_revision_item.revision_ordinal 
_pdbx_audit_revision_item.data_content_type 
_pdbx_audit_revision_item.item 
1  3 'Structure model' '_database_2.pdbx_DOI'                        
2  3 'Structure model' '_database_2.pdbx_database_accession'         
3  3 'Structure model' '_pdbx_struct_conn_angle.ptnr1_auth_comp_id'  
4  3 'Structure model' '_pdbx_struct_conn_angle.ptnr1_auth_seq_id'   
5  3 'Structure model' '_pdbx_struct_conn_angle.ptnr1_label_atom_id' 
6  3 'Structure model' '_pdbx_struct_conn_angle.ptnr1_label_comp_id' 
7  3 'Structure model' '_pdbx_struct_conn_angle.ptnr1_label_seq_id'  
8  3 'Structure model' '_pdbx_struct_conn_angle.ptnr3_auth_comp_id'  
9  3 'Structure model' '_pdbx_struct_conn_angle.ptnr3_auth_seq_id'   
10 3 'Structure model' '_pdbx_struct_conn_angle.ptnr3_label_atom_id' 
11 3 'Structure model' '_pdbx_struct_conn_angle.ptnr3_label_comp_id' 
12 3 'Structure model' '_pdbx_struct_conn_angle.ptnr3_label_seq_id'  
13 3 'Structure model' '_struct_conn.pdbx_dist_value'                
14 3 'Structure model' '_struct_conn.ptnr1_auth_comp_id'             
15 3 'Structure model' '_struct_conn.ptnr1_auth_seq_id'              
16 3 'Structure model' '_struct_conn.ptnr1_label_atom_id'            
17 3 'Structure model' '_struct_conn.ptnr1_label_comp_id'            
18 3 'Structure model' '_struct_conn.ptnr1_label_seq_id'             
19 3 'Structure model' '_struct_conn.ptnr2_auth_comp_id'             
20 3 'Structure model' '_struct_conn.ptnr2_auth_seq_id'              
21 3 'Structure model' '_struct_conn.ptnr2_label_asym_id'            
22 3 'Structure model' '_struct_conn.ptnr2_label_atom_id'            
23 3 'Structure model' '_struct_conn.ptnr2_label_comp_id'            
24 3 'Structure model' '_struct_site.pdbx_auth_asym_id'              
25 3 'Structure model' '_struct_site.pdbx_auth_comp_id'              
26 3 'Structure model' '_struct_site.pdbx_auth_seq_id'               
# 
loop_
_software.name 
_software.classification 
_software.version 
_software.citation_id 
_software.pdbx_ordinal 
ADSC   'data collection' Quantum ? 1 
REFMAC refinement        .       ? 2 
XDS    'data reduction'  .       ? 3 
SCALA  'data scaling'    .       ? 4 
REFMAC phasing           .       ? 5 
# 
loop_
_pdbx_validate_torsion.id 
_pdbx_validate_torsion.PDB_model_num 
_pdbx_validate_torsion.auth_comp_id 
_pdbx_validate_torsion.auth_asym_id 
_pdbx_validate_torsion.auth_seq_id 
_pdbx_validate_torsion.PDB_ins_code 
_pdbx_validate_torsion.label_alt_id 
_pdbx_validate_torsion.phi 
_pdbx_validate_torsion.psi 
1 1 ASP A 20  ? ? -153.90 70.79  
2 1 GLN A 152 ? ? 6.73    135.10 
# 
_pdbx_unobs_or_zero_occ_residues.id               1 
_pdbx_unobs_or_zero_occ_residues.PDB_model_num    1 
_pdbx_unobs_or_zero_occ_residues.polymer_flag     Y 
_pdbx_unobs_or_zero_occ_residues.occupancy_flag   1 
_pdbx_unobs_or_zero_occ_residues.auth_asym_id     A 
_pdbx_unobs_or_zero_occ_residues.auth_comp_id     MET 
_pdbx_unobs_or_zero_occ_residues.auth_seq_id      0 
_pdbx_unobs_or_zero_occ_residues.PDB_ins_code     ? 
_pdbx_unobs_or_zero_occ_residues.label_asym_id    A 
_pdbx_unobs_or_zero_occ_residues.label_comp_id    MET 
_pdbx_unobs_or_zero_occ_residues.label_seq_id     1 
# 
loop_
_chem_comp_atom.comp_id 
_chem_comp_atom.atom_id 
_chem_comp_atom.type_symbol 
_chem_comp_atom.pdbx_aromatic_flag 
_chem_comp_atom.pdbx_stereo_config 
_chem_comp_atom.pdbx_ordinal 
ALA N    N  N N 1   
ALA CA   C  N S 2   
ALA C    C  N N 3   
ALA O    O  N N 4   
ALA CB   C  N N 5   
ALA OXT  O  N N 6   
ALA H    H  N N 7   
ALA H2   H  N N 8   
ALA HA   H  N N 9   
ALA HB1  H  N N 10  
ALA HB2  H  N N 11  
ALA HB3  H  N N 12  
ALA HXT  H  N N 13  
ARG N    N  N N 14  
ARG CA   C  N S 15  
ARG C    C  N N 16  
ARG O    O  N N 17  
ARG CB   C  N N 18  
ARG CG   C  N N 19  
ARG CD   C  N N 20  
ARG NE   N  N N 21  
ARG CZ   C  N N 22  
ARG NH1  N  N N 23  
ARG NH2  N  N N 24  
ARG OXT  O  N N 25  
ARG H    H  N N 26  
ARG H2   H  N N 27  
ARG HA   H  N N 28  
ARG HB2  H  N N 29  
ARG HB3  H  N N 30  
ARG HG2  H  N N 31  
ARG HG3  H  N N 32  
ARG HD2  H  N N 33  
ARG HD3  H  N N 34  
ARG HE   H  N N 35  
ARG HH11 H  N N 36  
ARG HH12 H  N N 37  
ARG HH21 H  N N 38  
ARG HH22 H  N N 39  
ARG HXT  H  N N 40  
ASN N    N  N N 41  
ASN CA   C  N S 42  
ASN C    C  N N 43  
ASN O    O  N N 44  
ASN CB   C  N N 45  
ASN CG   C  N N 46  
ASN OD1  O  N N 47  
ASN ND2  N  N N 48  
ASN OXT  O  N N 49  
ASN H    H  N N 50  
ASN H2   H  N N 51  
ASN HA   H  N N 52  
ASN HB2  H  N N 53  
ASN HB3  H  N N 54  
ASN HD21 H  N N 55  
ASN HD22 H  N N 56  
ASN HXT  H  N N 57  
ASP N    N  N N 58  
ASP CA   C  N S 59  
ASP C    C  N N 60  
ASP O    O  N N 61  
ASP CB   C  N N 62  
ASP CG   C  N N 63  
ASP OD1  O  N N 64  
ASP OD2  O  N N 65  
ASP OXT  O  N N 66  
ASP H    H  N N 67  
ASP H2   H  N N 68  
ASP HA   H  N N 69  
ASP HB2  H  N N 70  
ASP HB3  H  N N 71  
ASP HD2  H  N N 72  
ASP HXT  H  N N 73  
GLN N    N  N N 74  
GLN CA   C  N S 75  
GLN C    C  N N 76  
GLN O    O  N N 77  
GLN CB   C  N N 78  
GLN CG   C  N N 79  
GLN CD   C  N N 80  
GLN OE1  O  N N 81  
GLN NE2  N  N N 82  
GLN OXT  O  N N 83  
GLN H    H  N N 84  
GLN H2   H  N N 85  
GLN HA   H  N N 86  
GLN HB2  H  N N 87  
GLN HB3  H  N N 88  
GLN HG2  H  N N 89  
GLN HG3  H  N N 90  
GLN HE21 H  N N 91  
GLN HE22 H  N N 92  
GLN HXT  H  N N 93  
GLU N    N  N N 94  
GLU CA   C  N S 95  
GLU C    C  N N 96  
GLU O    O  N N 97  
GLU CB   C  N N 98  
GLU CG   C  N N 99  
GLU CD   C  N N 100 
GLU OE1  O  N N 101 
GLU OE2  O  N N 102 
GLU OXT  O  N N 103 
GLU H    H  N N 104 
GLU H2   H  N N 105 
GLU HA   H  N N 106 
GLU HB2  H  N N 107 
GLU HB3  H  N N 108 
GLU HG2  H  N N 109 
GLU HG3  H  N N 110 
GLU HE2  H  N N 111 
GLU HXT  H  N N 112 
GLY N    N  N N 113 
GLY CA   C  N N 114 
GLY C    C  N N 115 
GLY O    O  N N 116 
GLY OXT  O  N N 117 
GLY H    H  N N 118 
GLY H2   H  N N 119 
GLY HA2  H  N N 120 
GLY HA3  H  N N 121 
GLY HXT  H  N N 122 
HEM CHA  C  N N 123 
HEM CHB  C  N N 124 
HEM CHC  C  N N 125 
HEM CHD  C  N N 126 
HEM C1A  C  Y N 127 
HEM C2A  C  Y N 128 
HEM C3A  C  Y N 129 
HEM C4A  C  Y N 130 
HEM CMA  C  N N 131 
HEM CAA  C  N N 132 
HEM CBA  C  N N 133 
HEM CGA  C  N N 134 
HEM O1A  O  N N 135 
HEM O2A  O  N N 136 
HEM C1B  C  N N 137 
HEM C2B  C  N N 138 
HEM C3B  C  N N 139 
HEM C4B  C  N N 140 
HEM CMB  C  N N 141 
HEM CAB  C  N N 142 
HEM CBB  C  N N 143 
HEM C1C  C  Y N 144 
HEM C2C  C  Y N 145 
HEM C3C  C  Y N 146 
HEM C4C  C  Y N 147 
HEM CMC  C  N N 148 
HEM CAC  C  N N 149 
HEM CBC  C  N N 150 
HEM C1D  C  N N 151 
HEM C2D  C  N N 152 
HEM C3D  C  N N 153 
HEM C4D  C  N N 154 
HEM CMD  C  N N 155 
HEM CAD  C  N N 156 
HEM CBD  C  N N 157 
HEM CGD  C  N N 158 
HEM O1D  O  N N 159 
HEM O2D  O  N N 160 
HEM NA   N  Y N 161 
HEM NB   N  N N 162 
HEM NC   N  Y N 163 
HEM ND   N  N N 164 
HEM FE   FE N N 165 
HEM HHB  H  N N 166 
HEM HHC  H  N N 167 
HEM HHD  H  N N 168 
HEM HMA  H  N N 169 
HEM HMAA H  N N 170 
HEM HMAB H  N N 171 
HEM HAA  H  N N 172 
HEM HAAA H  N N 173 
HEM HBA  H  N N 174 
HEM HBAA H  N N 175 
HEM HMB  H  N N 176 
HEM HMBA H  N N 177 
HEM HMBB H  N N 178 
HEM HAB  H  N N 179 
HEM HBB  H  N N 180 
HEM HBBA H  N N 181 
HEM HMC  H  N N 182 
HEM HMCA H  N N 183 
HEM HMCB H  N N 184 
HEM HAC  H  N N 185 
HEM HBC  H  N N 186 
HEM HBCA H  N N 187 
HEM HMD  H  N N 188 
HEM HMDA H  N N 189 
HEM HMDB H  N N 190 
HEM HAD  H  N N 191 
HEM HADA H  N N 192 
HEM HBD  H  N N 193 
HEM HBDA H  N N 194 
HEM H2A  H  N N 195 
HEM H2D  H  N N 196 
HEM HHA  H  N N 197 
HIS N    N  N N 198 
HIS CA   C  N S 199 
HIS C    C  N N 200 
HIS O    O  N N 201 
HIS CB   C  N N 202 
HIS CG   C  Y N 203 
HIS ND1  N  Y N 204 
HIS CD2  C  Y N 205 
HIS CE1  C  Y N 206 
HIS NE2  N  Y N 207 
HIS OXT  O  N N 208 
HIS H    H  N N 209 
HIS H2   H  N N 210 
HIS HA   H  N N 211 
HIS HB2  H  N N 212 
HIS HB3  H  N N 213 
HIS HD1  H  N N 214 
HIS HD2  H  N N 215 
HIS HE1  H  N N 216 
HIS HE2  H  N N 217 
HIS HXT  H  N N 218 
HOH O    O  N N 219 
HOH H1   H  N N 220 
HOH H2   H  N N 221 
ILE N    N  N N 222 
ILE CA   C  N S 223 
ILE C    C  N N 224 
ILE O    O  N N 225 
ILE CB   C  N S 226 
ILE CG1  C  N N 227 
ILE CG2  C  N N 228 
ILE CD1  C  N N 229 
ILE OXT  O  N N 230 
ILE H    H  N N 231 
ILE H2   H  N N 232 
ILE HA   H  N N 233 
ILE HB   H  N N 234 
ILE HG12 H  N N 235 
ILE HG13 H  N N 236 
ILE HG21 H  N N 237 
ILE HG22 H  N N 238 
ILE HG23 H  N N 239 
ILE HD11 H  N N 240 
ILE HD12 H  N N 241 
ILE HD13 H  N N 242 
ILE HXT  H  N N 243 
LEU N    N  N N 244 
LEU CA   C  N S 245 
LEU C    C  N N 246 
LEU O    O  N N 247 
LEU CB   C  N N 248 
LEU CG   C  N N 249 
LEU CD1  C  N N 250 
LEU CD2  C  N N 251 
LEU OXT  O  N N 252 
LEU H    H  N N 253 
LEU H2   H  N N 254 
LEU HA   H  N N 255 
LEU HB2  H  N N 256 
LEU HB3  H  N N 257 
LEU HG   H  N N 258 
LEU HD11 H  N N 259 
LEU HD12 H  N N 260 
LEU HD13 H  N N 261 
LEU HD21 H  N N 262 
LEU HD22 H  N N 263 
LEU HD23 H  N N 264 
LEU HXT  H  N N 265 
LYS N    N  N N 266 
LYS CA   C  N S 267 
LYS C    C  N N 268 
LYS O    O  N N 269 
LYS CB   C  N N 270 
LYS CG   C  N N 271 
LYS CD   C  N N 272 
LYS CE   C  N N 273 
LYS NZ   N  N N 274 
LYS OXT  O  N N 275 
LYS H    H  N N 276 
LYS H2   H  N N 277 
LYS HA   H  N N 278 
LYS HB2  H  N N 279 
LYS HB3  H  N N 280 
LYS HG2  H  N N 281 
LYS HG3  H  N N 282 
LYS HD2  H  N N 283 
LYS HD3  H  N N 284 
LYS HE2  H  N N 285 
LYS HE3  H  N N 286 
LYS HZ1  H  N N 287 
LYS HZ2  H  N N 288 
LYS HZ3  H  N N 289 
LYS HXT  H  N N 290 
MET N    N  N N 291 
MET CA   C  N S 292 
MET C    C  N N 293 
MET O    O  N N 294 
MET CB   C  N N 295 
MET CG   C  N N 296 
MET SD   S  N N 297 
MET CE   C  N N 298 
MET OXT  O  N N 299 
MET H    H  N N 300 
MET H2   H  N N 301 
MET HA   H  N N 302 
MET HB2  H  N N 303 
MET HB3  H  N N 304 
MET HG2  H  N N 305 
MET HG3  H  N N 306 
MET HE1  H  N N 307 
MET HE2  H  N N 308 
MET HE3  H  N N 309 
MET HXT  H  N N 310 
N2O O3   O  N N 311 
N2O N2   N  N N 312 
N2O N1   N  N N 313 
PHE N    N  N N 314 
PHE CA   C  N S 315 
PHE C    C  N N 316 
PHE O    O  N N 317 
PHE CB   C  N N 318 
PHE CG   C  Y N 319 
PHE CD1  C  Y N 320 
PHE CD2  C  Y N 321 
PHE CE1  C  Y N 322 
PHE CE2  C  Y N 323 
PHE CZ   C  Y N 324 
PHE OXT  O  N N 325 
PHE H    H  N N 326 
PHE H2   H  N N 327 
PHE HA   H  N N 328 
PHE HB2  H  N N 329 
PHE HB3  H  N N 330 
PHE HD1  H  N N 331 
PHE HD2  H  N N 332 
PHE HE1  H  N N 333 
PHE HE2  H  N N 334 
PHE HZ   H  N N 335 
PHE HXT  H  N N 336 
PRO N    N  N N 337 
PRO CA   C  N S 338 
PRO C    C  N N 339 
PRO O    O  N N 340 
PRO CB   C  N N 341 
PRO CG   C  N N 342 
PRO CD   C  N N 343 
PRO OXT  O  N N 344 
PRO H    H  N N 345 
PRO HA   H  N N 346 
PRO HB2  H  N N 347 
PRO HB3  H  N N 348 
PRO HG2  H  N N 349 
PRO HG3  H  N N 350 
PRO HD2  H  N N 351 
PRO HD3  H  N N 352 
PRO HXT  H  N N 353 
SER N    N  N N 354 
SER CA   C  N S 355 
SER C    C  N N 356 
SER O    O  N N 357 
SER CB   C  N N 358 
SER OG   O  N N 359 
SER OXT  O  N N 360 
SER H    H  N N 361 
SER H2   H  N N 362 
SER HA   H  N N 363 
SER HB2  H  N N 364 
SER HB3  H  N N 365 
SER HG   H  N N 366 
SER HXT  H  N N 367 
SO4 S    S  N N 368 
SO4 O1   O  N N 369 
SO4 O2   O  N N 370 
SO4 O3   O  N N 371 
SO4 O4   O  N N 372 
THR N    N  N N 373 
THR CA   C  N S 374 
THR C    C  N N 375 
THR O    O  N N 376 
THR CB   C  N R 377 
THR OG1  O  N N 378 
THR CG2  C  N N 379 
THR OXT  O  N N 380 
THR H    H  N N 381 
THR H2   H  N N 382 
THR HA   H  N N 383 
THR HB   H  N N 384 
THR HG1  H  N N 385 
THR HG21 H  N N 386 
THR HG22 H  N N 387 
THR HG23 H  N N 388 
THR HXT  H  N N 389 
TRP N    N  N N 390 
TRP CA   C  N S 391 
TRP C    C  N N 392 
TRP O    O  N N 393 
TRP CB   C  N N 394 
TRP CG   C  Y N 395 
TRP CD1  C  Y N 396 
TRP CD2  C  Y N 397 
TRP NE1  N  Y N 398 
TRP CE2  C  Y N 399 
TRP CE3  C  Y N 400 
TRP CZ2  C  Y N 401 
TRP CZ3  C  Y N 402 
TRP CH2  C  Y N 403 
TRP OXT  O  N N 404 
TRP H    H  N N 405 
TRP H2   H  N N 406 
TRP HA   H  N N 407 
TRP HB2  H  N N 408 
TRP HB3  H  N N 409 
TRP HD1  H  N N 410 
TRP HE1  H  N N 411 
TRP HE3  H  N N 412 
TRP HZ2  H  N N 413 
TRP HZ3  H  N N 414 
TRP HH2  H  N N 415 
TRP HXT  H  N N 416 
TYR N    N  N N 417 
TYR CA   C  N S 418 
TYR C    C  N N 419 
TYR O    O  N N 420 
TYR CB   C  N N 421 
TYR CG   C  Y N 422 
TYR CD1  C  Y N 423 
TYR CD2  C  Y N 424 
TYR CE1  C  Y N 425 
TYR CE2  C  Y N 426 
TYR CZ   C  Y N 427 
TYR OH   O  N N 428 
TYR OXT  O  N N 429 
TYR H    H  N N 430 
TYR H2   H  N N 431 
TYR HA   H  N N 432 
TYR HB2  H  N N 433 
TYR HB3  H  N N 434 
TYR HD1  H  N N 435 
TYR HD2  H  N N 436 
TYR HE1  H  N N 437 
TYR HE2  H  N N 438 
TYR HH   H  N N 439 
TYR HXT  H  N N 440 
VAL N    N  N N 441 
VAL CA   C  N S 442 
VAL C    C  N N 443 
VAL O    O  N N 444 
VAL CB   C  N N 445 
VAL CG1  C  N N 446 
VAL CG2  C  N N 447 
VAL OXT  O  N N 448 
VAL H    H  N N 449 
VAL H2   H  N N 450 
VAL HA   H  N N 451 
VAL HB   H  N N 452 
VAL HG11 H  N N 453 
VAL HG12 H  N N 454 
VAL HG13 H  N N 455 
VAL HG21 H  N N 456 
VAL HG22 H  N N 457 
VAL HG23 H  N N 458 
VAL HXT  H  N N 459 
ZN  ZN   ZN N N 460 
# 
loop_
_chem_comp_bond.comp_id 
_chem_comp_bond.atom_id_1 
_chem_comp_bond.atom_id_2 
_chem_comp_bond.value_order 
_chem_comp_bond.pdbx_aromatic_flag 
_chem_comp_bond.pdbx_stereo_config 
_chem_comp_bond.pdbx_ordinal 
ALA N   CA   sing N N 1   
ALA N   H    sing N N 2   
ALA N   H2   sing N N 3   
ALA CA  C    sing N N 4   
ALA CA  CB   sing N N 5   
ALA CA  HA   sing N N 6   
ALA C   O    doub N N 7   
ALA C   OXT  sing N N 8   
ALA CB  HB1  sing N N 9   
ALA CB  HB2  sing N N 10  
ALA CB  HB3  sing N N 11  
ALA OXT HXT  sing N N 12  
ARG N   CA   sing N N 13  
ARG N   H    sing N N 14  
ARG N   H2   sing N N 15  
ARG CA  C    sing N N 16  
ARG CA  CB   sing N N 17  
ARG CA  HA   sing N N 18  
ARG C   O    doub N N 19  
ARG C   OXT  sing N N 20  
ARG CB  CG   sing N N 21  
ARG CB  HB2  sing N N 22  
ARG CB  HB3  sing N N 23  
ARG CG  CD   sing N N 24  
ARG CG  HG2  sing N N 25  
ARG CG  HG3  sing N N 26  
ARG CD  NE   sing N N 27  
ARG CD  HD2  sing N N 28  
ARG CD  HD3  sing N N 29  
ARG NE  CZ   sing N N 30  
ARG NE  HE   sing N N 31  
ARG CZ  NH1  sing N N 32  
ARG CZ  NH2  doub N N 33  
ARG NH1 HH11 sing N N 34  
ARG NH1 HH12 sing N N 35  
ARG NH2 HH21 sing N N 36  
ARG NH2 HH22 sing N N 37  
ARG OXT HXT  sing N N 38  
ASN N   CA   sing N N 39  
ASN N   H    sing N N 40  
ASN N   H2   sing N N 41  
ASN CA  C    sing N N 42  
ASN CA  CB   sing N N 43  
ASN CA  HA   sing N N 44  
ASN C   O    doub N N 45  
ASN C   OXT  sing N N 46  
ASN CB  CG   sing N N 47  
ASN CB  HB2  sing N N 48  
ASN CB  HB3  sing N N 49  
ASN CG  OD1  doub N N 50  
ASN CG  ND2  sing N N 51  
ASN ND2 HD21 sing N N 52  
ASN ND2 HD22 sing N N 53  
ASN OXT HXT  sing N N 54  
ASP N   CA   sing N N 55  
ASP N   H    sing N N 56  
ASP N   H2   sing N N 57  
ASP CA  C    sing N N 58  
ASP CA  CB   sing N N 59  
ASP CA  HA   sing N N 60  
ASP C   O    doub N N 61  
ASP C   OXT  sing N N 62  
ASP CB  CG   sing N N 63  
ASP CB  HB2  sing N N 64  
ASP CB  HB3  sing N N 65  
ASP CG  OD1  doub N N 66  
ASP CG  OD2  sing N N 67  
ASP OD2 HD2  sing N N 68  
ASP OXT HXT  sing N N 69  
GLN N   CA   sing N N 70  
GLN N   H    sing N N 71  
GLN N   H2   sing N N 72  
GLN CA  C    sing N N 73  
GLN CA  CB   sing N N 74  
GLN CA  HA   sing N N 75  
GLN C   O    doub N N 76  
GLN C   OXT  sing N N 77  
GLN CB  CG   sing N N 78  
GLN CB  HB2  sing N N 79  
GLN CB  HB3  sing N N 80  
GLN CG  CD   sing N N 81  
GLN CG  HG2  sing N N 82  
GLN CG  HG3  sing N N 83  
GLN CD  OE1  doub N N 84  
GLN CD  NE2  sing N N 85  
GLN NE2 HE21 sing N N 86  
GLN NE2 HE22 sing N N 87  
GLN OXT HXT  sing N N 88  
GLU N   CA   sing N N 89  
GLU N   H    sing N N 90  
GLU N   H2   sing N N 91  
GLU CA  C    sing N N 92  
GLU CA  CB   sing N N 93  
GLU CA  HA   sing N N 94  
GLU C   O    doub N N 95  
GLU C   OXT  sing N N 96  
GLU CB  CG   sing N N 97  
GLU CB  HB2  sing N N 98  
GLU CB  HB3  sing N N 99  
GLU CG  CD   sing N N 100 
GLU CG  HG2  sing N N 101 
GLU CG  HG3  sing N N 102 
GLU CD  OE1  doub N N 103 
GLU CD  OE2  sing N N 104 
GLU OE2 HE2  sing N N 105 
GLU OXT HXT  sing N N 106 
GLY N   CA   sing N N 107 
GLY N   H    sing N N 108 
GLY N   H2   sing N N 109 
GLY CA  C    sing N N 110 
GLY CA  HA2  sing N N 111 
GLY CA  HA3  sing N N 112 
GLY C   O    doub N N 113 
GLY C   OXT  sing N N 114 
GLY OXT HXT  sing N N 115 
HEM CHA C1A  sing N N 116 
HEM CHA C4D  doub N N 117 
HEM CHA HHA  sing N N 118 
HEM CHB C4A  sing N N 119 
HEM CHB C1B  doub N N 120 
HEM CHB HHB  sing N N 121 
HEM CHC C4B  sing N N 122 
HEM CHC C1C  doub N N 123 
HEM CHC HHC  sing N N 124 
HEM CHD C4C  doub N N 125 
HEM CHD C1D  sing N N 126 
HEM CHD HHD  sing N N 127 
HEM C1A C2A  doub Y N 128 
HEM C1A NA   sing Y N 129 
HEM C2A C3A  sing Y N 130 
HEM C2A CAA  sing N N 131 
HEM C3A C4A  doub Y N 132 
HEM C3A CMA  sing N N 133 
HEM C4A NA   sing Y N 134 
HEM CMA HMA  sing N N 135 
HEM CMA HMAA sing N N 136 
HEM CMA HMAB sing N N 137 
HEM CAA CBA  sing N N 138 
HEM CAA HAA  sing N N 139 
HEM CAA HAAA sing N N 140 
HEM CBA CGA  sing N N 141 
HEM CBA HBA  sing N N 142 
HEM CBA HBAA sing N N 143 
HEM CGA O1A  doub N N 144 
HEM CGA O2A  sing N N 145 
HEM C1B C2B  sing N N 146 
HEM C1B NB   sing N N 147 
HEM C2B C3B  doub N N 148 
HEM C2B CMB  sing N N 149 
HEM C3B C4B  sing N N 150 
HEM C3B CAB  sing N N 151 
HEM C4B NB   doub N N 152 
HEM CMB HMB  sing N N 153 
HEM CMB HMBA sing N N 154 
HEM CMB HMBB sing N N 155 
HEM CAB CBB  doub N N 156 
HEM CAB HAB  sing N N 157 
HEM CBB HBB  sing N N 158 
HEM CBB HBBA sing N N 159 
HEM C1C C2C  sing Y N 160 
HEM C1C NC   sing Y N 161 
HEM C2C C3C  doub Y N 162 
HEM C2C CMC  sing N N 163 
HEM C3C C4C  sing Y N 164 
HEM C3C CAC  sing N N 165 
HEM C4C NC   sing Y N 166 
HEM CMC HMC  sing N N 167 
HEM CMC HMCA sing N N 168 
HEM CMC HMCB sing N N 169 
HEM CAC CBC  doub N N 170 
HEM CAC HAC  sing N N 171 
HEM CBC HBC  sing N N 172 
HEM CBC HBCA sing N N 173 
HEM C1D C2D  sing N N 174 
HEM C1D ND   doub N N 175 
HEM C2D C3D  doub N N 176 
HEM C2D CMD  sing N N 177 
HEM C3D C4D  sing N N 178 
HEM C3D CAD  sing N N 179 
HEM C4D ND   sing N N 180 
HEM CMD HMD  sing N N 181 
HEM CMD HMDA sing N N 182 
HEM CMD HMDB sing N N 183 
HEM CAD CBD  sing N N 184 
HEM CAD HAD  sing N N 185 
HEM CAD HADA sing N N 186 
HEM CBD CGD  sing N N 187 
HEM CBD HBD  sing N N 188 
HEM CBD HBDA sing N N 189 
HEM CGD O1D  doub N N 190 
HEM CGD O2D  sing N N 191 
HEM O2A H2A  sing N N 192 
HEM O2D H2D  sing N N 193 
HEM FE  NA   sing N N 194 
HEM FE  NB   sing N N 195 
HEM FE  NC   sing N N 196 
HEM FE  ND   sing N N 197 
HIS N   CA   sing N N 198 
HIS N   H    sing N N 199 
HIS N   H2   sing N N 200 
HIS CA  C    sing N N 201 
HIS CA  CB   sing N N 202 
HIS CA  HA   sing N N 203 
HIS C   O    doub N N 204 
HIS C   OXT  sing N N 205 
HIS CB  CG   sing N N 206 
HIS CB  HB2  sing N N 207 
HIS CB  HB3  sing N N 208 
HIS CG  ND1  sing Y N 209 
HIS CG  CD2  doub Y N 210 
HIS ND1 CE1  doub Y N 211 
HIS ND1 HD1  sing N N 212 
HIS CD2 NE2  sing Y N 213 
HIS CD2 HD2  sing N N 214 
HIS CE1 NE2  sing Y N 215 
HIS CE1 HE1  sing N N 216 
HIS NE2 HE2  sing N N 217 
HIS OXT HXT  sing N N 218 
HOH O   H1   sing N N 219 
HOH O   H2   sing N N 220 
ILE N   CA   sing N N 221 
ILE N   H    sing N N 222 
ILE N   H2   sing N N 223 
ILE CA  C    sing N N 224 
ILE CA  CB   sing N N 225 
ILE CA  HA   sing N N 226 
ILE C   O    doub N N 227 
ILE C   OXT  sing N N 228 
ILE CB  CG1  sing N N 229 
ILE CB  CG2  sing N N 230 
ILE CB  HB   sing N N 231 
ILE CG1 CD1  sing N N 232 
ILE CG1 HG12 sing N N 233 
ILE CG1 HG13 sing N N 234 
ILE CG2 HG21 sing N N 235 
ILE CG2 HG22 sing N N 236 
ILE CG2 HG23 sing N N 237 
ILE CD1 HD11 sing N N 238 
ILE CD1 HD12 sing N N 239 
ILE CD1 HD13 sing N N 240 
ILE OXT HXT  sing N N 241 
LEU N   CA   sing N N 242 
LEU N   H    sing N N 243 
LEU N   H2   sing N N 244 
LEU CA  C    sing N N 245 
LEU CA  CB   sing N N 246 
LEU CA  HA   sing N N 247 
LEU C   O    doub N N 248 
LEU C   OXT  sing N N 249 
LEU CB  CG   sing N N 250 
LEU CB  HB2  sing N N 251 
LEU CB  HB3  sing N N 252 
LEU CG  CD1  sing N N 253 
LEU CG  CD2  sing N N 254 
LEU CG  HG   sing N N 255 
LEU CD1 HD11 sing N N 256 
LEU CD1 HD12 sing N N 257 
LEU CD1 HD13 sing N N 258 
LEU CD2 HD21 sing N N 259 
LEU CD2 HD22 sing N N 260 
LEU CD2 HD23 sing N N 261 
LEU OXT HXT  sing N N 262 
LYS N   CA   sing N N 263 
LYS N   H    sing N N 264 
LYS N   H2   sing N N 265 
LYS CA  C    sing N N 266 
LYS CA  CB   sing N N 267 
LYS CA  HA   sing N N 268 
LYS C   O    doub N N 269 
LYS C   OXT  sing N N 270 
LYS CB  CG   sing N N 271 
LYS CB  HB2  sing N N 272 
LYS CB  HB3  sing N N 273 
LYS CG  CD   sing N N 274 
LYS CG  HG2  sing N N 275 
LYS CG  HG3  sing N N 276 
LYS CD  CE   sing N N 277 
LYS CD  HD2  sing N N 278 
LYS CD  HD3  sing N N 279 
LYS CE  NZ   sing N N 280 
LYS CE  HE2  sing N N 281 
LYS CE  HE3  sing N N 282 
LYS NZ  HZ1  sing N N 283 
LYS NZ  HZ2  sing N N 284 
LYS NZ  HZ3  sing N N 285 
LYS OXT HXT  sing N N 286 
MET N   CA   sing N N 287 
MET N   H    sing N N 288 
MET N   H2   sing N N 289 
MET CA  C    sing N N 290 
MET CA  CB   sing N N 291 
MET CA  HA   sing N N 292 
MET C   O    doub N N 293 
MET C   OXT  sing N N 294 
MET CB  CG   sing N N 295 
MET CB  HB2  sing N N 296 
MET CB  HB3  sing N N 297 
MET CG  SD   sing N N 298 
MET CG  HG2  sing N N 299 
MET CG  HG3  sing N N 300 
MET SD  CE   sing N N 301 
MET CE  HE1  sing N N 302 
MET CE  HE2  sing N N 303 
MET CE  HE3  sing N N 304 
MET OXT HXT  sing N N 305 
N2O O3  N2   sing N N 306 
N2O N2  N1   trip N N 307 
PHE N   CA   sing N N 308 
PHE N   H    sing N N 309 
PHE N   H2   sing N N 310 
PHE CA  C    sing N N 311 
PHE CA  CB   sing N N 312 
PHE CA  HA   sing N N 313 
PHE C   O    doub N N 314 
PHE C   OXT  sing N N 315 
PHE CB  CG   sing N N 316 
PHE CB  HB2  sing N N 317 
PHE CB  HB3  sing N N 318 
PHE CG  CD1  doub Y N 319 
PHE CG  CD2  sing Y N 320 
PHE CD1 CE1  sing Y N 321 
PHE CD1 HD1  sing N N 322 
PHE CD2 CE2  doub Y N 323 
PHE CD2 HD2  sing N N 324 
PHE CE1 CZ   doub Y N 325 
PHE CE1 HE1  sing N N 326 
PHE CE2 CZ   sing Y N 327 
PHE CE2 HE2  sing N N 328 
PHE CZ  HZ   sing N N 329 
PHE OXT HXT  sing N N 330 
PRO N   CA   sing N N 331 
PRO N   CD   sing N N 332 
PRO N   H    sing N N 333 
PRO CA  C    sing N N 334 
PRO CA  CB   sing N N 335 
PRO CA  HA   sing N N 336 
PRO C   O    doub N N 337 
PRO C   OXT  sing N N 338 
PRO CB  CG   sing N N 339 
PRO CB  HB2  sing N N 340 
PRO CB  HB3  sing N N 341 
PRO CG  CD   sing N N 342 
PRO CG  HG2  sing N N 343 
PRO CG  HG3  sing N N 344 
PRO CD  HD2  sing N N 345 
PRO CD  HD3  sing N N 346 
PRO OXT HXT  sing N N 347 
SER N   CA   sing N N 348 
SER N   H    sing N N 349 
SER N   H2   sing N N 350 
SER CA  C    sing N N 351 
SER CA  CB   sing N N 352 
SER CA  HA   sing N N 353 
SER C   O    doub N N 354 
SER C   OXT  sing N N 355 
SER CB  OG   sing N N 356 
SER CB  HB2  sing N N 357 
SER CB  HB3  sing N N 358 
SER OG  HG   sing N N 359 
SER OXT HXT  sing N N 360 
SO4 S   O1   doub N N 361 
SO4 S   O2   doub N N 362 
SO4 S   O3   sing N N 363 
SO4 S   O4   sing N N 364 
THR N   CA   sing N N 365 
THR N   H    sing N N 366 
THR N   H2   sing N N 367 
THR CA  C    sing N N 368 
THR CA  CB   sing N N 369 
THR CA  HA   sing N N 370 
THR C   O    doub N N 371 
THR C   OXT  sing N N 372 
THR CB  OG1  sing N N 373 
THR CB  CG2  sing N N 374 
THR CB  HB   sing N N 375 
THR OG1 HG1  sing N N 376 
THR CG2 HG21 sing N N 377 
THR CG2 HG22 sing N N 378 
THR CG2 HG23 sing N N 379 
THR OXT HXT  sing N N 380 
TRP N   CA   sing N N 381 
TRP N   H    sing N N 382 
TRP N   H2   sing N N 383 
TRP CA  C    sing N N 384 
TRP CA  CB   sing N N 385 
TRP CA  HA   sing N N 386 
TRP C   O    doub N N 387 
TRP C   OXT  sing N N 388 
TRP CB  CG   sing N N 389 
TRP CB  HB2  sing N N 390 
TRP CB  HB3  sing N N 391 
TRP CG  CD1  doub Y N 392 
TRP CG  CD2  sing Y N 393 
TRP CD1 NE1  sing Y N 394 
TRP CD1 HD1  sing N N 395 
TRP CD2 CE2  doub Y N 396 
TRP CD2 CE3  sing Y N 397 
TRP NE1 CE2  sing Y N 398 
TRP NE1 HE1  sing N N 399 
TRP CE2 CZ2  sing Y N 400 
TRP CE3 CZ3  doub Y N 401 
TRP CE3 HE3  sing N N 402 
TRP CZ2 CH2  doub Y N 403 
TRP CZ2 HZ2  sing N N 404 
TRP CZ3 CH2  sing Y N 405 
TRP CZ3 HZ3  sing N N 406 
TRP CH2 HH2  sing N N 407 
TRP OXT HXT  sing N N 408 
TYR N   CA   sing N N 409 
TYR N   H    sing N N 410 
TYR N   H2   sing N N 411 
TYR CA  C    sing N N 412 
TYR CA  CB   sing N N 413 
TYR CA  HA   sing N N 414 
TYR C   O    doub N N 415 
TYR C   OXT  sing N N 416 
TYR CB  CG   sing N N 417 
TYR CB  HB2  sing N N 418 
TYR CB  HB3  sing N N 419 
TYR CG  CD1  doub Y N 420 
TYR CG  CD2  sing Y N 421 
TYR CD1 CE1  sing Y N 422 
TYR CD1 HD1  sing N N 423 
TYR CD2 CE2  doub Y N 424 
TYR CD2 HD2  sing N N 425 
TYR CE1 CZ   doub Y N 426 
TYR CE1 HE1  sing N N 427 
TYR CE2 CZ   sing Y N 428 
TYR CE2 HE2  sing N N 429 
TYR CZ  OH   sing N N 430 
TYR OH  HH   sing N N 431 
TYR OXT HXT  sing N N 432 
VAL N   CA   sing N N 433 
VAL N   H    sing N N 434 
VAL N   H2   sing N N 435 
VAL CA  C    sing N N 436 
VAL CA  CB   sing N N 437 
VAL CA  HA   sing N N 438 
VAL C   O    doub N N 439 
VAL C   OXT  sing N N 440 
VAL CB  CG1  sing N N 441 
VAL CB  CG2  sing N N 442 
VAL CB  HB   sing N N 443 
VAL CG1 HG11 sing N N 444 
VAL CG1 HG12 sing N N 445 
VAL CG1 HG13 sing N N 446 
VAL CG2 HG21 sing N N 447 
VAL CG2 HG22 sing N N 448 
VAL CG2 HG23 sing N N 449 
VAL OXT HXT  sing N N 450 
# 
loop_
_pdbx_entity_nonpoly.entity_id 
_pdbx_entity_nonpoly.name 
_pdbx_entity_nonpoly.comp_id 
2 'PROTOPORPHYRIN IX CONTAINING FE' HEM 
3 'ZINC ION'                        ZN  
4 'SULFATE ION'                     SO4 
5 'NITROUS OXIDE'                   N2O 
6 water                             HOH 
# 
_pdbx_initial_refinement_model.id               1 
_pdbx_initial_refinement_model.entity_id_list   ? 
_pdbx_initial_refinement_model.type             'experimental model' 
_pdbx_initial_refinement_model.source_name      PDB 
_pdbx_initial_refinement_model.accession_code   2JHO 
_pdbx_initial_refinement_model.details          ? 
# 
